data_4KOS
# 
_entry.id   4KOS 
# 
_audit_conform.dict_name       mmcif_pdbx.dic 
_audit_conform.dict_version    5.379 
_audit_conform.dict_location   http://mmcif.pdb.org/dictionaries/ascii/mmcif_pdbx.dic 
# 
loop_
_database_2.database_id 
_database_2.database_code 
_database_2.pdbx_database_accession 
_database_2.pdbx_DOI 
PDB   4KOS         pdb_00004kos 10.2210/pdb4kos/pdb 
RCSB  RCSB079605   ?            ?                   
WWPDB D_1000079605 ?            ?                   
# 
loop_
_pdbx_database_related.db_name 
_pdbx_database_related.db_id 
_pdbx_database_related.details 
_pdbx_database_related.content_type 
PDB         3PGP           'in complex with AcCoA'                          unspecified 
PDB         4KLV           'in complex with 4-methylumbelliferyl phosphate' unspecified 
PDB         4KLW           'in complex with 2-(aminocarbonyl)benzoate'      unspecified 
PDB         4KOR           'in complex with 7-aminocephalosporanic acid'    unspecified 
PDB         4KOT           'in complex with Cefotaxime'                     unspecified 
PDB         4KOU           'in complex with Cefixime'                       unspecified 
PDB         4KOV           'in complex with Cefuroxime'                     unspecified 
PDB         4KOW           'in complex with Cefoxitin'                      unspecified 
PDB         4KOX           'in complex with Cefalotin'                      unspecified 
PDB         4KOY           'in complex with Cephalosporin C'                unspecified 
PDB         4KUA           'APO FORM'                                       unspecified 
PDB         4KUB           'IN COMPLEX WITH COA'                            unspecified 
TargetTrack MCSG-APC102304 .                                                unspecified 
# 
_pdbx_database_status.status_code                     REL 
_pdbx_database_status.entry_id                        4KOS 
_pdbx_database_status.recvd_initial_deposition_date   2013-05-12 
_pdbx_database_status.deposit_site                    RCSB 
_pdbx_database_status.process_site                    RCSB 
_pdbx_database_status.status_code_sf                  REL 
_pdbx_database_status.status_code_mr                  ? 
_pdbx_database_status.SG_entry                        Y 
_pdbx_database_status.status_code_cs                  ? 
_pdbx_database_status.methods_development_category    ? 
_pdbx_database_status.pdb_format_compatible           Y 
_pdbx_database_status.status_code_nmr_data            ? 
# 
loop_
_audit_author.name 
_audit_author.pdbx_ordinal 
_audit_author.identifier_ORCID 
'Majorek, K.A.'                                 1 ?                   
'Chruszcz, M.'                                  2 ?                   
'Joachimiak, A.'                                3 ?                   
'Minor, W.'                                     4 0000-0001-7075-7090 
'Midwest Center for Structural Genomics (MCSG)' 5 ?                   
# 
_citation.id                        primary 
_citation.title                     
;Structural, Functional, and Inhibition Studies of a Gcn5-related N-Acetyltransferase (GNAT) Superfamily Protein PA4794: A NEW C-TERMINAL LYSINE PROTEIN ACETYLTRANSFERASE FROM PSEUDOMONAS AERUGINOSA.
;
_citation.journal_abbrev            J.Biol.Chem. 
_citation.journal_volume            288 
_citation.page_first                30223 
_citation.page_last                 30235 
_citation.year                      2013 
_citation.journal_id_ASTM           JBCHA3 
_citation.country                   US 
_citation.journal_id_ISSN           0021-9258 
_citation.journal_id_CSD            0071 
_citation.book_publisher            ? 
_citation.pdbx_database_id_PubMed   24003232 
_citation.pdbx_database_id_DOI      10.1074/jbc.M113.501353 
# 
loop_
_citation_author.citation_id 
_citation_author.name 
_citation_author.ordinal 
_citation_author.identifier_ORCID 
primary 'Majorek, K.A.'  1 ?                   
primary 'Kuhn, M.L.'     2 ?                   
primary 'Chruszcz, M.'   3 ?                   
primary 'Anderson, W.F.' 4 ?                   
primary 'Minor, W.'      5 0000-0001-7075-7090 
# 
_cell.entry_id           4KOS 
_cell.length_a           57.812 
_cell.length_b           76.533 
_cell.length_c           39.432 
_cell.angle_alpha        90.00 
_cell.angle_beta         90.00 
_cell.angle_gamma        90.00 
_cell.Z_PDB              4 
_cell.pdbx_unique_axis   ? 
_cell.length_a_esd       ? 
_cell.length_b_esd       ? 
_cell.length_c_esd       ? 
_cell.angle_alpha_esd    ? 
_cell.angle_beta_esd     ? 
_cell.angle_gamma_esd    ? 
# 
_symmetry.entry_id                         4KOS 
_symmetry.space_group_name_H-M             'P 21 21 2' 
_symmetry.pdbx_full_space_group_name_H-M   ? 
_symmetry.cell_setting                     ? 
_symmetry.Int_Tables_number                18 
_symmetry.space_group_name_Hall            ? 
# 
loop_
_entity.id 
_entity.type 
_entity.src_method 
_entity.pdbx_description 
_entity.formula_weight 
_entity.pdbx_number_of_molecules 
_entity.pdbx_ec 
_entity.pdbx_mutation 
_entity.pdbx_fragment 
_entity.details 
1 polymer     man 'Uncharacterized protein' 18000.600 1   ? ? ? ? 
2 non-polymer syn 
;(6R,7S)-7-({[(cyanomethyl)sulfanyl]acetyl}amino)-7-methoxy-3-{[(1-methyl-1H-tetrazol-5-yl)sulfanyl]methyl}-8-oxo-5-thia -1-azabicyclo[4.2.0]oct-2-ene-2-carboxylic acid
;
471.534   1   ? ? ? ? 
3 non-polymer syn 'SULFATE ION' 96.063    4   ? ? ? ? 
4 non-polymer syn 1,2-ETHANEDIOL 62.068    12  ? ? ? ? 
5 water       nat water 18.015    207 ? ? ? ? 
# 
_entity_poly.entity_id                      1 
_entity_poly.type                           'polypeptide(L)' 
_entity_poly.nstd_linkage                   no 
_entity_poly.nstd_monomer                   no 
_entity_poly.pdbx_seq_one_letter_code       
;GHMQLSHRPAETGDLETVAGFPQDRDELFYCYPKAIWPFSVAQLAAAIAERRGSTVAVHDGQVLGFANFYQWQHGDFCAL
GNMMVAPAARGLGVARYLIGVMENLAREQYKARLMKISCFNANAAGLLLYTQLGYQPRAIAERHDPDGRRVALIQMDKPL
EP
;
_entity_poly.pdbx_seq_one_letter_code_can   
;GHMQLSHRPAETGDLETVAGFPQDRDELFYCYPKAIWPFSVAQLAAAIAERRGSTVAVHDGQVLGFANFYQWQHGDFCAL
GNMMVAPAARGLGVARYLIGVMENLAREQYKARLMKISCFNANAAGLLLYTQLGYQPRAIAERHDPDGRRVALIQMDKPL
EP
;
_entity_poly.pdbx_strand_id                 A 
_entity_poly.pdbx_target_identifier         MCSG-APC102304 
# 
loop_
_entity_poly_seq.entity_id 
_entity_poly_seq.num 
_entity_poly_seq.mon_id 
_entity_poly_seq.hetero 
1 1   GLY n 
1 2   HIS n 
1 3   MET n 
1 4   GLN n 
1 5   LEU n 
1 6   SER n 
1 7   HIS n 
1 8   ARG n 
1 9   PRO n 
1 10  ALA n 
1 11  GLU n 
1 12  THR n 
1 13  GLY n 
1 14  ASP n 
1 15  LEU n 
1 16  GLU n 
1 17  THR n 
1 18  VAL n 
1 19  ALA n 
1 20  GLY n 
1 21  PHE n 
1 22  PRO n 
1 23  GLN n 
1 24  ASP n 
1 25  ARG n 
1 26  ASP n 
1 27  GLU n 
1 28  LEU n 
1 29  PHE n 
1 30  TYR n 
1 31  CYS n 
1 32  TYR n 
1 33  PRO n 
1 34  LYS n 
1 35  ALA n 
1 36  ILE n 
1 37  TRP n 
1 38  PRO n 
1 39  PHE n 
1 40  SER n 
1 41  VAL n 
1 42  ALA n 
1 43  GLN n 
1 44  LEU n 
1 45  ALA n 
1 46  ALA n 
1 47  ALA n 
1 48  ILE n 
1 49  ALA n 
1 50  GLU n 
1 51  ARG n 
1 52  ARG n 
1 53  GLY n 
1 54  SER n 
1 55  THR n 
1 56  VAL n 
1 57  ALA n 
1 58  VAL n 
1 59  HIS n 
1 60  ASP n 
1 61  GLY n 
1 62  GLN n 
1 63  VAL n 
1 64  LEU n 
1 65  GLY n 
1 66  PHE n 
1 67  ALA n 
1 68  ASN n 
1 69  PHE n 
1 70  TYR n 
1 71  GLN n 
1 72  TRP n 
1 73  GLN n 
1 74  HIS n 
1 75  GLY n 
1 76  ASP n 
1 77  PHE n 
1 78  CYS n 
1 79  ALA n 
1 80  LEU n 
1 81  GLY n 
1 82  ASN n 
1 83  MET n 
1 84  MET n 
1 85  VAL n 
1 86  ALA n 
1 87  PRO n 
1 88  ALA n 
1 89  ALA n 
1 90  ARG n 
1 91  GLY n 
1 92  LEU n 
1 93  GLY n 
1 94  VAL n 
1 95  ALA n 
1 96  ARG n 
1 97  TYR n 
1 98  LEU n 
1 99  ILE n 
1 100 GLY n 
1 101 VAL n 
1 102 MET n 
1 103 GLU n 
1 104 ASN n 
1 105 LEU n 
1 106 ALA n 
1 107 ARG n 
1 108 GLU n 
1 109 GLN n 
1 110 TYR n 
1 111 LYS n 
1 112 ALA n 
1 113 ARG n 
1 114 LEU n 
1 115 MET n 
1 116 LYS n 
1 117 ILE n 
1 118 SER n 
1 119 CYS n 
1 120 PHE n 
1 121 ASN n 
1 122 ALA n 
1 123 ASN n 
1 124 ALA n 
1 125 ALA n 
1 126 GLY n 
1 127 LEU n 
1 128 LEU n 
1 129 LEU n 
1 130 TYR n 
1 131 THR n 
1 132 GLN n 
1 133 LEU n 
1 134 GLY n 
1 135 TYR n 
1 136 GLN n 
1 137 PRO n 
1 138 ARG n 
1 139 ALA n 
1 140 ILE n 
1 141 ALA n 
1 142 GLU n 
1 143 ARG n 
1 144 HIS n 
1 145 ASP n 
1 146 PRO n 
1 147 ASP n 
1 148 GLY n 
1 149 ARG n 
1 150 ARG n 
1 151 VAL n 
1 152 ALA n 
1 153 LEU n 
1 154 ILE n 
1 155 GLN n 
1 156 MET n 
1 157 ASP n 
1 158 LYS n 
1 159 PRO n 
1 160 LEU n 
1 161 GLU n 
1 162 PRO n 
# 
_entity_src_gen.entity_id                          1 
_entity_src_gen.pdbx_src_id                        1 
_entity_src_gen.pdbx_alt_source_flag               sample 
_entity_src_gen.pdbx_seq_type                      ? 
_entity_src_gen.pdbx_beg_seq_num                   ? 
_entity_src_gen.pdbx_end_seq_num                   ? 
_entity_src_gen.gene_src_common_name               ? 
_entity_src_gen.gene_src_genus                     ? 
_entity_src_gen.pdbx_gene_src_gene                 PA4794 
_entity_src_gen.gene_src_species                   ? 
_entity_src_gen.gene_src_strain                    PAO1 
_entity_src_gen.gene_src_tissue                    ? 
_entity_src_gen.gene_src_tissue_fraction           ? 
_entity_src_gen.gene_src_details                   ? 
_entity_src_gen.pdbx_gene_src_fragment             ? 
_entity_src_gen.pdbx_gene_src_scientific_name      'Pseudomonas aeruginosa' 
_entity_src_gen.pdbx_gene_src_ncbi_taxonomy_id     208964 
_entity_src_gen.pdbx_gene_src_variant              ? 
_entity_src_gen.pdbx_gene_src_cell_line            ? 
_entity_src_gen.pdbx_gene_src_atcc                 ? 
_entity_src_gen.pdbx_gene_src_organ                ? 
_entity_src_gen.pdbx_gene_src_organelle            ? 
_entity_src_gen.pdbx_gene_src_cell                 ? 
_entity_src_gen.pdbx_gene_src_cellular_location    ? 
_entity_src_gen.host_org_common_name               ? 
_entity_src_gen.pdbx_host_org_scientific_name      'Escherichia coli' 
_entity_src_gen.pdbx_host_org_ncbi_taxonomy_id     469008 
_entity_src_gen.host_org_genus                     ? 
_entity_src_gen.pdbx_host_org_gene                 ? 
_entity_src_gen.pdbx_host_org_organ                ? 
_entity_src_gen.host_org_species                   ? 
_entity_src_gen.pdbx_host_org_tissue               ? 
_entity_src_gen.pdbx_host_org_tissue_fraction      ? 
_entity_src_gen.pdbx_host_org_strain               'BL21 (DE3) RIL' 
_entity_src_gen.pdbx_host_org_variant              ? 
_entity_src_gen.pdbx_host_org_cell_line            ? 
_entity_src_gen.pdbx_host_org_atcc                 ? 
_entity_src_gen.pdbx_host_org_culture_collection   ? 
_entity_src_gen.pdbx_host_org_cell                 ? 
_entity_src_gen.pdbx_host_org_organelle            ? 
_entity_src_gen.pdbx_host_org_cellular_location    ? 
_entity_src_gen.pdbx_host_org_vector_type          plasmid 
_entity_src_gen.pdbx_host_org_vector               ? 
_entity_src_gen.host_org_details                   ? 
_entity_src_gen.expression_system_id               ? 
_entity_src_gen.plasmid_name                       p11 
_entity_src_gen.plasmid_details                    ? 
_entity_src_gen.pdbx_description                   ? 
# 
_struct_ref.id                         1 
_struct_ref.db_name                    UNP 
_struct_ref.db_code                    Q9HV14_PSEAE 
_struct_ref.pdbx_db_accession          Q9HV14 
_struct_ref.entity_id                  1 
_struct_ref.pdbx_seq_one_letter_code   
;MQLSHRPAETGDLETVAGFPQDRDELFYCYPKAIWPFSVAQLAAAIAERRGSTVAVHDGQVLGFANFYQWQHGDFCALGN
MMVAPAARGLGVARYLIGVMENLAREQYKARLMKISCFNANAAGLLLYTQLGYQPRAIAERHDPDGRRVALIQMDKPLEP

;
_struct_ref.pdbx_align_begin           1 
_struct_ref.pdbx_db_isoform            ? 
# 
_struct_ref_seq.align_id                      1 
_struct_ref_seq.ref_id                        1 
_struct_ref_seq.pdbx_PDB_id_code              4KOS 
_struct_ref_seq.pdbx_strand_id                A 
_struct_ref_seq.seq_align_beg                 3 
_struct_ref_seq.pdbx_seq_align_beg_ins_code   ? 
_struct_ref_seq.seq_align_end                 162 
_struct_ref_seq.pdbx_seq_align_end_ins_code   ? 
_struct_ref_seq.pdbx_db_accession             Q9HV14 
_struct_ref_seq.db_align_beg                  1 
_struct_ref_seq.pdbx_db_align_beg_ins_code    ? 
_struct_ref_seq.db_align_end                  160 
_struct_ref_seq.pdbx_db_align_end_ins_code    ? 
_struct_ref_seq.pdbx_auth_seq_align_beg       1 
_struct_ref_seq.pdbx_auth_seq_align_end       160 
# 
loop_
_struct_ref_seq_dif.align_id 
_struct_ref_seq_dif.pdbx_pdb_id_code 
_struct_ref_seq_dif.mon_id 
_struct_ref_seq_dif.pdbx_pdb_strand_id 
_struct_ref_seq_dif.seq_num 
_struct_ref_seq_dif.pdbx_pdb_ins_code 
_struct_ref_seq_dif.pdbx_seq_db_name 
_struct_ref_seq_dif.pdbx_seq_db_accession_code 
_struct_ref_seq_dif.db_mon_id 
_struct_ref_seq_dif.pdbx_seq_db_seq_num 
_struct_ref_seq_dif.details 
_struct_ref_seq_dif.pdbx_auth_seq_num 
_struct_ref_seq_dif.pdbx_ordinal 
1 4KOS GLY A 1 ? UNP Q9HV14 ? ? 'expression tag' -1 1 
1 4KOS HIS A 2 ? UNP Q9HV14 ? ? 'expression tag' 0  2 
# 
loop_
_chem_comp.id 
_chem_comp.type 
_chem_comp.mon_nstd_flag 
_chem_comp.name 
_chem_comp.pdbx_synonyms 
_chem_comp.formula 
_chem_comp.formula_weight 
4KO non-polymer         . 
;(6R,7S)-7-({[(cyanomethyl)sulfanyl]acetyl}amino)-7-methoxy-3-{[(1-methyl-1H-tetrazol-5-yl)sulfanyl]methyl}-8-oxo-5-thia -1-azabicyclo[4.2.0]oct-2-ene-2-carboxylic acid
;
Cefmetazole       'C15 H17 N7 O5 S3' 471.534 
ALA 'L-peptide linking' y ALANINE ?                 'C3 H7 N O2'       89.093  
ARG 'L-peptide linking' y ARGININE ?                 'C6 H15 N4 O2 1'   175.209 
ASN 'L-peptide linking' y ASPARAGINE ?                 'C4 H8 N2 O3'      132.118 
ASP 'L-peptide linking' y 'ASPARTIC ACID' ?                 'C4 H7 N O4'       133.103 
CYS 'L-peptide linking' y CYSTEINE ?                 'C3 H7 N O2 S'     121.158 
EDO non-polymer         . 1,2-ETHANEDIOL 'ETHYLENE GLYCOL' 'C2 H6 O2'         62.068  
GLN 'L-peptide linking' y GLUTAMINE ?                 'C5 H10 N2 O3'     146.144 
GLU 'L-peptide linking' y 'GLUTAMIC ACID' ?                 'C5 H9 N O4'       147.129 
GLY 'peptide linking'   y GLYCINE ?                 'C2 H5 N O2'       75.067  
HIS 'L-peptide linking' y HISTIDINE ?                 'C6 H10 N3 O2 1'   156.162 
HOH non-polymer         . WATER ?                 'H2 O'             18.015  
ILE 'L-peptide linking' y ISOLEUCINE ?                 'C6 H13 N O2'      131.173 
LEU 'L-peptide linking' y LEUCINE ?                 'C6 H13 N O2'      131.173 
LYS 'L-peptide linking' y LYSINE ?                 'C6 H15 N2 O2 1'   147.195 
MET 'L-peptide linking' y METHIONINE ?                 'C5 H11 N O2 S'    149.211 
PHE 'L-peptide linking' y PHENYLALANINE ?                 'C9 H11 N O2'      165.189 
PRO 'L-peptide linking' y PROLINE ?                 'C5 H9 N O2'       115.130 
SER 'L-peptide linking' y SERINE ?                 'C3 H7 N O3'       105.093 
SO4 non-polymer         . 'SULFATE ION' ?                 'O4 S -2'          96.063  
THR 'L-peptide linking' y THREONINE ?                 'C4 H9 N O3'       119.119 
TRP 'L-peptide linking' y TRYPTOPHAN ?                 'C11 H12 N2 O2'    204.225 
TYR 'L-peptide linking' y TYROSINE ?                 'C9 H11 N O3'      181.189 
VAL 'L-peptide linking' y VALINE ?                 'C5 H11 N O2'      117.146 
# 
_exptl.entry_id          4KOS 
_exptl.method            'X-RAY DIFFRACTION' 
_exptl.crystals_number   1 
# 
_exptl_crystal.id                    1 
_exptl_crystal.density_meas          ? 
_exptl_crystal.density_Matthews      2.42 
_exptl_crystal.density_percent_sol   49.24 
_exptl_crystal.description           ? 
_exptl_crystal.F_000                 ? 
_exptl_crystal.preparation           ? 
# 
_exptl_crystal_grow.crystal_id      1 
_exptl_crystal_grow.method          'VAPOR DIFFUSION, HANGING DROP' 
_exptl_crystal_grow.temp            289 
_exptl_crystal_grow.temp_details    ? 
_exptl_crystal_grow.pH              6.5 
_exptl_crystal_grow.pdbx_details    '2M ammonium sulfate, 0.1M Bis-Tris pH 6.5, VAPOR DIFFUSION, HANGING DROP, temperature 289K' 
_exptl_crystal_grow.pdbx_pH_range   ? 
# 
_diffrn.id                     1 
_diffrn.ambient_temp           100 
_diffrn.ambient_temp_details   ? 
_diffrn.crystal_id             1 
# 
_diffrn_detector.diffrn_id              1 
_diffrn_detector.detector               CCD 
_diffrn_detector.type                   'ADSC QUANTUM 210r' 
_diffrn_detector.pdbx_collection_date   2009-10-15 
_diffrn_detector.details                mirrors 
# 
_diffrn_radiation.diffrn_id                        1 
_diffrn_radiation.wavelength_id                    1 
_diffrn_radiation.pdbx_monochromatic_or_laue_m_l   M 
_diffrn_radiation.monochromator                    'Si 111 CHANNEL' 
_diffrn_radiation.pdbx_diffrn_protocol             'SINGLE WAVELENGTH' 
_diffrn_radiation.pdbx_scattering_type             x-ray 
# 
_diffrn_radiation_wavelength.id           1 
_diffrn_radiation_wavelength.wavelength   0.9792 
_diffrn_radiation_wavelength.wt           1.0 
# 
_diffrn_source.diffrn_id                   1 
_diffrn_source.source                      SYNCHROTRON 
_diffrn_source.type                        'APS BEAMLINE 19-BM' 
_diffrn_source.pdbx_synchrotron_site       APS 
_diffrn_source.pdbx_synchrotron_beamline   19-BM 
_diffrn_source.pdbx_wavelength             ? 
_diffrn_source.pdbx_wavelength_list        0.9792 
# 
_reflns.entry_id                     4KOS 
_reflns.observed_criterion_sigma_I   -3 
_reflns.observed_criterion_sigma_F   0 
_reflns.d_resolution_low             50.00 
_reflns.d_resolution_high            1.55 
_reflns.number_obs                   25876 
_reflns.number_all                   25876 
_reflns.percent_possible_obs         99.2 
_reflns.pdbx_Rmerge_I_obs            0.041 
_reflns.pdbx_Rsym_value              0.041 
_reflns.pdbx_netI_over_sigmaI        31.4 
_reflns.B_iso_Wilson_estimate        20.8 
_reflns.pdbx_redundancy              4.0 
_reflns.R_free_details               ? 
_reflns.limit_h_max                  ? 
_reflns.limit_h_min                  ? 
_reflns.limit_k_max                  ? 
_reflns.limit_k_min                  ? 
_reflns.limit_l_max                  ? 
_reflns.limit_l_min                  ? 
_reflns.observed_criterion_F_max     ? 
_reflns.observed_criterion_F_min     ? 
_reflns.pdbx_chi_squared             ? 
_reflns.pdbx_scaling_rejects         ? 
_reflns.pdbx_ordinal                 1 
_reflns.pdbx_diffrn_id               1 
# 
_reflns_shell.d_res_high             1.55 
_reflns_shell.d_res_low              1.58 
_reflns_shell.percent_possible_all   98.9 
_reflns_shell.Rmerge_I_obs           0.661 
_reflns_shell.pdbx_Rsym_value        0.661 
_reflns_shell.meanI_over_sigI_obs    2.1 
_reflns_shell.pdbx_redundancy        4.0 
_reflns_shell.percent_possible_obs   ? 
_reflns_shell.number_unique_all      1266 
_reflns_shell.number_measured_all    ? 
_reflns_shell.number_measured_obs    ? 
_reflns_shell.number_unique_obs      ? 
_reflns_shell.pdbx_chi_squared       ? 
_reflns_shell.pdbx_ordinal           1 
_reflns_shell.pdbx_diffrn_id         1 
# 
_refine.entry_id                                 4KOS 
_refine.ls_number_reflns_obs                     24535 
_refine.ls_number_reflns_all                     24535 
_refine.pdbx_ls_sigma_I                          ? 
_refine.pdbx_ls_sigma_F                          0 
_refine.pdbx_data_cutoff_high_absF               ? 
_refine.pdbx_data_cutoff_low_absF                ? 
_refine.pdbx_data_cutoff_high_rms_absF           ? 
_refine.ls_d_res_low                             23.32 
_refine.ls_d_res_high                            1.55 
_refine.ls_percent_reflns_obs                    99.19 
_refine.ls_R_factor_obs                          0.15648 
_refine.ls_R_factor_all                          0.15648 
_refine.ls_R_factor_R_work                       0.15515 
_refine.ls_R_factor_R_free                       0.18184 
_refine.ls_R_factor_R_free_error                 ? 
_refine.ls_R_factor_R_free_error_details         ? 
_refine.ls_percent_reflns_R_free                 5.1 
_refine.ls_number_reflns_R_free                  1317 
_refine.ls_number_parameters                     ? 
_refine.ls_number_restraints                     ? 
_refine.occupancy_min                            ? 
_refine.occupancy_max                            ? 
_refine.correlation_coeff_Fo_to_Fc               0.974 
_refine.correlation_coeff_Fo_to_Fc_free          0.963 
_refine.B_iso_mean                               22.502 
_refine.aniso_B[1][1]                            0.38 
_refine.aniso_B[2][2]                            -0.85 
_refine.aniso_B[3][3]                            0.48 
_refine.aniso_B[1][2]                            0.00 
_refine.aniso_B[1][3]                            -0.00 
_refine.aniso_B[2][3]                            0.00 
_refine.solvent_model_details                    MASK 
_refine.solvent_model_param_ksol                 ? 
_refine.solvent_model_param_bsol                 ? 
_refine.pdbx_solvent_vdw_probe_radii             1.20 
_refine.pdbx_solvent_ion_probe_radii             0.80 
_refine.pdbx_solvent_shrinkage_radii             0.80 
_refine.pdbx_ls_cross_valid_method               THROUGHOUT 
_refine.details                                  'HYDROGENS HAVE BEEN ADDED IN THE RIDING POSITIONS' 
_refine.pdbx_starting_model                      2i6c 
_refine.pdbx_method_to_determine_struct          'MOLECULAR REPLACEMENT' 
_refine.pdbx_isotropic_thermal_model             ? 
_refine.pdbx_stereochemistry_target_values       'MAXIMUM LIKELIHOOD' 
_refine.pdbx_stereochem_target_val_spec_case     ? 
_refine.pdbx_R_Free_selection_details            RANDOM 
_refine.pdbx_overall_ESU_R                       0.074 
_refine.pdbx_overall_ESU_R_Free                  0.074 
_refine.overall_SU_ML                            0.049 
_refine.pdbx_overall_phase_error                 ? 
_refine.overall_SU_B                             1.345 
_refine.overall_SU_R_Cruickshank_DPI             ? 
_refine.ls_redundancy_reflns_obs                 ? 
_refine.B_iso_min                                ? 
_refine.B_iso_max                                ? 
_refine.overall_SU_R_free                        ? 
_refine.ls_wR_factor_R_free                      ? 
_refine.ls_wR_factor_R_work                      ? 
_refine.overall_FOM_free_R_set                   ? 
_refine.overall_FOM_work_R_set                   ? 
_refine.pdbx_diffrn_id                           1 
_refine.pdbx_refine_id                           'X-RAY DIFFRACTION' 
_refine.pdbx_TLS_residual_ADP_flag               ? 
_refine.pdbx_overall_SU_R_free_Cruickshank_DPI   ? 
_refine.pdbx_overall_SU_R_Blow_DPI               ? 
_refine.pdbx_overall_SU_R_free_Blow_DPI          ? 
# 
_refine_hist.pdbx_refine_id                   'X-RAY DIFFRACTION' 
_refine_hist.cycle_id                         LAST 
_refine_hist.pdbx_number_atoms_protein        1236 
_refine_hist.pdbx_number_atoms_nucleic_acid   0 
_refine_hist.pdbx_number_atoms_ligand         98 
_refine_hist.number_atoms_solvent             207 
_refine_hist.number_atoms_total               1541 
_refine_hist.d_res_high                       1.55 
_refine_hist.d_res_low                        23.32 
# 
loop_
_refine_ls_restr.type 
_refine_ls_restr.dev_ideal 
_refine_ls_restr.dev_ideal_target 
_refine_ls_restr.weight 
_refine_ls_restr.number 
_refine_ls_restr.pdbx_restraint_function 
_refine_ls_restr.pdbx_refine_id 
r_bond_refined_d             0.018  0.019  ? 1440 ? 'X-RAY DIFFRACTION' 
r_bond_other_d               0.005  0.020  ? 1387 ? 'X-RAY DIFFRACTION' 
r_angle_refined_deg          1.942  1.993  ? 1930 ? 'X-RAY DIFFRACTION' 
r_angle_other_deg            0.882  3.000  ? 3166 ? 'X-RAY DIFFRACTION' 
r_dihedral_angle_1_deg       5.865  5.000  ? 175  ? 'X-RAY DIFFRACTION' 
r_dihedral_angle_2_deg       34.359 22.923 ? 65   ? 'X-RAY DIFFRACTION' 
r_dihedral_angle_3_deg       12.440 15.000 ? 219  ? 'X-RAY DIFFRACTION' 
r_dihedral_angle_4_deg       18.017 15.000 ? 13   ? 'X-RAY DIFFRACTION' 
r_chiral_restr               0.122  0.200  ? 200  ? 'X-RAY DIFFRACTION' 
r_gen_planes_refined         0.010  0.021  ? 1611 ? 'X-RAY DIFFRACTION' 
r_gen_planes_other           0.001  0.020  ? 338  ? 'X-RAY DIFFRACTION' 
r_nbd_refined                ?      ?      ? ?    ? 'X-RAY DIFFRACTION' 
r_nbd_other                  ?      ?      ? ?    ? 'X-RAY DIFFRACTION' 
r_nbtor_refined              ?      ?      ? ?    ? 'X-RAY DIFFRACTION' 
r_nbtor_other                ?      ?      ? ?    ? 'X-RAY DIFFRACTION' 
r_xyhbond_nbd_refined        ?      ?      ? ?    ? 'X-RAY DIFFRACTION' 
r_xyhbond_nbd_other          ?      ?      ? ?    ? 'X-RAY DIFFRACTION' 
r_metal_ion_refined          ?      ?      ? ?    ? 'X-RAY DIFFRACTION' 
r_metal_ion_other            ?      ?      ? ?    ? 'X-RAY DIFFRACTION' 
r_symmetry_vdw_refined       ?      ?      ? ?    ? 'X-RAY DIFFRACTION' 
r_symmetry_vdw_other         ?      ?      ? ?    ? 'X-RAY DIFFRACTION' 
r_symmetry_hbond_refined     ?      ?      ? ?    ? 'X-RAY DIFFRACTION' 
r_symmetry_hbond_other       ?      ?      ? ?    ? 'X-RAY DIFFRACTION' 
r_symmetry_metal_ion_refined ?      ?      ? ?    ? 'X-RAY DIFFRACTION' 
r_symmetry_metal_ion_other   ?      ?      ? ?    ? 'X-RAY DIFFRACTION' 
r_mcbond_it                  ?      ?      ? ?    ? 'X-RAY DIFFRACTION' 
r_mcbond_other               ?      ?      ? ?    ? 'X-RAY DIFFRACTION' 
r_mcangle_it                 ?      ?      ? ?    ? 'X-RAY DIFFRACTION' 
r_scbond_it                  ?      ?      ? ?    ? 'X-RAY DIFFRACTION' 
r_scangle_it                 ?      ?      ? ?    ? 'X-RAY DIFFRACTION' 
r_rigid_bond_restr           ?      ?      ? ?    ? 'X-RAY DIFFRACTION' 
r_sphericity_free            ?      ?      ? ?    ? 'X-RAY DIFFRACTION' 
r_sphericity_bonded          ?      ?      ? ?    ? 'X-RAY DIFFRACTION' 
# 
_refine_ls_shell.pdbx_total_number_of_bins_used   20 
_refine_ls_shell.d_res_high                       1.551 
_refine_ls_shell.d_res_low                        1.591 
_refine_ls_shell.number_reflns_R_work             1787 
_refine_ls_shell.R_factor_R_work                  0.245 
_refine_ls_shell.percent_reflns_obs               97.95 
_refine_ls_shell.R_factor_R_free                  0.287 
_refine_ls_shell.R_factor_R_free_error            ? 
_refine_ls_shell.percent_reflns_R_free            ? 
_refine_ls_shell.number_reflns_R_free             77 
_refine_ls_shell.number_reflns_all                ? 
_refine_ls_shell.R_factor_all                     ? 
_refine_ls_shell.number_reflns_obs                1787 
_refine_ls_shell.redundancy_reflns_obs            ? 
_refine_ls_shell.pdbx_refine_id                   'X-RAY DIFFRACTION' 
# 
_struct.entry_id                  4KOS 
_struct.title                     'Crystal structure of a GNAT superfamily acetyltransferase PA4794 in complex with Cefmetazole' 
_struct.pdbx_model_details        ? 
_struct.pdbx_CASP_flag            ? 
_struct.pdbx_model_type_details   ? 
# 
_struct_keywords.entry_id        4KOS 
_struct_keywords.pdbx_keywords   TRANSFERASE 
_struct_keywords.text            'Structural Genomics, PSI-Biology, Midwest Center for Structural Genomics, MCSG, TRANSFERASE' 
# 
loop_
_struct_asym.id 
_struct_asym.pdbx_blank_PDB_chainid_flag 
_struct_asym.pdbx_modified 
_struct_asym.entity_id 
_struct_asym.details 
A N N 1 ? 
B N N 2 ? 
C N N 3 ? 
D N N 3 ? 
E N N 3 ? 
F N N 4 ? 
G N N 4 ? 
H N N 4 ? 
I N N 4 ? 
J N N 4 ? 
K N N 4 ? 
L N N 4 ? 
M N N 4 ? 
N N N 4 ? 
O N N 4 ? 
P N N 4 ? 
Q N N 3 ? 
R N N 4 ? 
S N N 5 ? 
# 
_struct_biol.id        1 
_struct_biol.details   ? 
# 
loop_
_struct_conf.conf_type_id 
_struct_conf.id 
_struct_conf.pdbx_PDB_helix_id 
_struct_conf.beg_label_comp_id 
_struct_conf.beg_label_asym_id 
_struct_conf.beg_label_seq_id 
_struct_conf.pdbx_beg_PDB_ins_code 
_struct_conf.end_label_comp_id 
_struct_conf.end_label_asym_id 
_struct_conf.end_label_seq_id 
_struct_conf.pdbx_end_PDB_ins_code 
_struct_conf.beg_auth_comp_id 
_struct_conf.beg_auth_asym_id 
_struct_conf.beg_auth_seq_id 
_struct_conf.end_auth_comp_id 
_struct_conf.end_auth_asym_id 
_struct_conf.end_auth_seq_id 
_struct_conf.pdbx_PDB_helix_class 
_struct_conf.details 
_struct_conf.pdbx_PDB_helix_length 
HELX_P HELX_P1 1 GLU A 11  ? GLY A 13  ? GLU A 9   GLY A 11  5 ? 3  
HELX_P HELX_P2 2 ASP A 14  ? GLY A 20  ? ASP A 12  GLY A 18  1 ? 7  
HELX_P HELX_P3 3 ASP A 24  ? TYR A 32  ? ASP A 22  TYR A 30  1 ? 9  
HELX_P HELX_P4 4 SER A 40  ? ARG A 51  ? SER A 38  ARG A 49  1 ? 12 
HELX_P HELX_P5 5 PRO A 87  ? ARG A 90  ? PRO A 85  ARG A 88  5 ? 4  
HELX_P HELX_P6 6 GLY A 93  ? LYS A 111 ? GLY A 91  LYS A 109 1 ? 19 
HELX_P HELX_P7 7 ASN A 123 ? LEU A 133 ? ASN A 121 LEU A 131 1 ? 11 
# 
_struct_conf_type.id          HELX_P 
_struct_conf_type.criteria    ? 
_struct_conf_type.reference   ? 
# 
_struct_mon_prot_cis.pdbx_id                1 
_struct_mon_prot_cis.label_comp_id          TRP 
_struct_mon_prot_cis.label_seq_id           37 
_struct_mon_prot_cis.label_asym_id          A 
_struct_mon_prot_cis.label_alt_id           . 
_struct_mon_prot_cis.pdbx_PDB_ins_code      ? 
_struct_mon_prot_cis.auth_comp_id           TRP 
_struct_mon_prot_cis.auth_seq_id            35 
_struct_mon_prot_cis.auth_asym_id           A 
_struct_mon_prot_cis.pdbx_label_comp_id_2   PRO 
_struct_mon_prot_cis.pdbx_label_seq_id_2    38 
_struct_mon_prot_cis.pdbx_label_asym_id_2   A 
_struct_mon_prot_cis.pdbx_PDB_ins_code_2    ? 
_struct_mon_prot_cis.pdbx_auth_comp_id_2    PRO 
_struct_mon_prot_cis.pdbx_auth_seq_id_2     36 
_struct_mon_prot_cis.pdbx_auth_asym_id_2    A 
_struct_mon_prot_cis.pdbx_PDB_model_num     1 
_struct_mon_prot_cis.pdbx_omega_angle       -0.13 
# 
_struct_sheet.id               A 
_struct_sheet.type             ? 
_struct_sheet.number_strands   7 
_struct_sheet.details          ? 
# 
loop_
_struct_sheet_order.sheet_id 
_struct_sheet_order.range_id_1 
_struct_sheet_order.range_id_2 
_struct_sheet_order.offset 
_struct_sheet_order.sense 
A 1 2 ? anti-parallel 
A 2 3 ? anti-parallel 
A 3 4 ? anti-parallel 
A 4 5 ? parallel      
A 5 6 ? anti-parallel 
A 6 7 ? anti-parallel 
# 
loop_
_struct_sheet_range.sheet_id 
_struct_sheet_range.id 
_struct_sheet_range.beg_label_comp_id 
_struct_sheet_range.beg_label_asym_id 
_struct_sheet_range.beg_label_seq_id 
_struct_sheet_range.pdbx_beg_PDB_ins_code 
_struct_sheet_range.end_label_comp_id 
_struct_sheet_range.end_label_asym_id 
_struct_sheet_range.end_label_seq_id 
_struct_sheet_range.pdbx_end_PDB_ins_code 
_struct_sheet_range.beg_auth_comp_id 
_struct_sheet_range.beg_auth_asym_id 
_struct_sheet_range.beg_auth_seq_id 
_struct_sheet_range.end_auth_comp_id 
_struct_sheet_range.end_auth_asym_id 
_struct_sheet_range.end_auth_seq_id 
A 1 SER A 6   ? PRO A 9   ? SER A 4   PRO A 7   
A 2 ARG A 52  ? HIS A 59  ? ARG A 50  HIS A 57  
A 3 GLN A 62  ? GLN A 73  ? GLN A 60  GLN A 71  
A 4 PHE A 77  ? VAL A 85  ? PHE A 75  VAL A 83  
A 5 LEU A 114 ? PHE A 120 ? LEU A 112 PHE A 118 
A 6 ARG A 150 ? PRO A 159 ? ARG A 148 PRO A 157 
A 7 GLN A 136 ? HIS A 144 ? GLN A 134 HIS A 142 
# 
loop_
_pdbx_struct_sheet_hbond.sheet_id 
_pdbx_struct_sheet_hbond.range_id_1 
_pdbx_struct_sheet_hbond.range_id_2 
_pdbx_struct_sheet_hbond.range_1_label_atom_id 
_pdbx_struct_sheet_hbond.range_1_label_comp_id 
_pdbx_struct_sheet_hbond.range_1_label_asym_id 
_pdbx_struct_sheet_hbond.range_1_label_seq_id 
_pdbx_struct_sheet_hbond.range_1_PDB_ins_code 
_pdbx_struct_sheet_hbond.range_1_auth_atom_id 
_pdbx_struct_sheet_hbond.range_1_auth_comp_id 
_pdbx_struct_sheet_hbond.range_1_auth_asym_id 
_pdbx_struct_sheet_hbond.range_1_auth_seq_id 
_pdbx_struct_sheet_hbond.range_2_label_atom_id 
_pdbx_struct_sheet_hbond.range_2_label_comp_id 
_pdbx_struct_sheet_hbond.range_2_label_asym_id 
_pdbx_struct_sheet_hbond.range_2_label_seq_id 
_pdbx_struct_sheet_hbond.range_2_PDB_ins_code 
_pdbx_struct_sheet_hbond.range_2_auth_atom_id 
_pdbx_struct_sheet_hbond.range_2_auth_comp_id 
_pdbx_struct_sheet_hbond.range_2_auth_asym_id 
_pdbx_struct_sheet_hbond.range_2_auth_seq_id 
A 1 2 N ARG A 8   ? N ARG A 6   O VAL A 56  ? O VAL A 54  
A 2 3 N ARG A 52  ? N ARG A 50  O PHE A 69  ? O PHE A 67  
A 3 4 N ASN A 68  ? N ASN A 66  O GLY A 81  ? O GLY A 79  
A 4 5 N CYS A 78  ? N CYS A 76  O LYS A 116 ? O LYS A 114 
A 5 6 N CYS A 119 ? N CYS A 117 O ILE A 154 ? O ILE A 152 
A 6 7 O LEU A 153 ? O LEU A 151 N ALA A 141 ? N ALA A 139 
# 
loop_
_struct_site.id 
_struct_site.pdbx_evidence_code 
_struct_site.pdbx_auth_asym_id 
_struct_site.pdbx_auth_comp_id 
_struct_site.pdbx_auth_seq_id 
_struct_site.pdbx_auth_ins_code 
_struct_site.pdbx_num_residues 
_struct_site.details 
AC1 Software A 4KO 201 ? 19 'BINDING SITE FOR RESIDUE 4KO A 201' 
AC2 Software A SO4 202 ? 7  'BINDING SITE FOR RESIDUE SO4 A 202' 
AC3 Software A SO4 203 ? 4  'BINDING SITE FOR RESIDUE SO4 A 203' 
AC4 Software A SO4 204 ? 4  'BINDING SITE FOR RESIDUE SO4 A 204' 
AC5 Software A EDO 205 ? 7  'BINDING SITE FOR RESIDUE EDO A 205' 
AC6 Software A EDO 206 ? 10 'BINDING SITE FOR RESIDUE EDO A 206' 
AC7 Software A EDO 207 ? 7  'BINDING SITE FOR RESIDUE EDO A 207' 
AC8 Software A EDO 208 ? 6  'BINDING SITE FOR RESIDUE EDO A 208' 
AC9 Software A EDO 209 ? 5  'BINDING SITE FOR RESIDUE EDO A 209' 
BC1 Software A EDO 210 ? 3  'BINDING SITE FOR RESIDUE EDO A 210' 
BC2 Software A EDO 211 ? 3  'BINDING SITE FOR RESIDUE EDO A 211' 
BC3 Software A EDO 212 ? 4  'BINDING SITE FOR RESIDUE EDO A 212' 
BC4 Software A EDO 213 ? 5  'BINDING SITE FOR RESIDUE EDO A 213' 
BC5 Software A EDO 214 ? 7  'BINDING SITE FOR RESIDUE EDO A 214' 
BC6 Software A EDO 215 ? 6  'BINDING SITE FOR RESIDUE EDO A 215' 
BC7 Software A SO4 216 ? 12 'BINDING SITE FOR RESIDUE SO4 A 216' 
BC8 Software A EDO 217 ? 8  'BINDING SITE FOR RESIDUE EDO A 217' 
# 
loop_
_struct_site_gen.id 
_struct_site_gen.site_id 
_struct_site_gen.pdbx_num_res 
_struct_site_gen.label_comp_id 
_struct_site_gen.label_asym_id 
_struct_site_gen.label_seq_id 
_struct_site_gen.pdbx_auth_ins_code 
_struct_site_gen.auth_comp_id 
_struct_site_gen.auth_asym_id 
_struct_site_gen.auth_seq_id 
_struct_site_gen.label_atom_id 
_struct_site_gen.label_alt_id 
_struct_site_gen.symmetry 
_struct_site_gen.details 
1   AC1 19 TYR A 30  ? TYR A 28  . ? 1_555 ? 
2   AC1 19 CYS A 31  ? CYS A 29  . ? 1_555 ? 
3   AC1 19 PRO A 33  ? PRO A 31  . ? 1_555 ? 
4   AC1 19 LYS A 34  ? LYS A 32  . ? 1_555 ? 
5   AC1 19 ARG A 51  ? ARG A 49  . ? 1_555 ? 
6   AC1 19 TYR A 70  ? TYR A 68  . ? 1_555 ? 
7   AC1 19 LEU A 80  ? LEU A 78  . ? 1_555 ? 
8   AC1 19 GLY A 81  ? GLY A 79  . ? 1_555 ? 
9   AC1 19 ASN A 82  ? ASN A 80  . ? 1_555 ? 
10  AC1 19 MET A 83  ? MET A 81  . ? 1_555 ? 
11  AC1 19 ILE A 117 ? ILE A 115 . ? 1_555 ? 
12  AC1 19 SER A 118 ? SER A 116 . ? 1_555 ? 
13  AC1 19 ARG A 143 ? ARG A 141 . ? 1_555 ? 
14  AC1 19 SO4 C .   ? SO4 A 202 . ? 1_555 ? 
15  AC1 19 HOH S .   ? HOH A 305 . ? 1_555 ? 
16  AC1 19 HOH S .   ? HOH A 317 . ? 1_555 ? 
17  AC1 19 HOH S .   ? HOH A 346 . ? 1_555 ? 
18  AC1 19 HOH S .   ? HOH A 403 . ? 1_555 ? 
19  AC1 19 HOH S .   ? HOH A 446 . ? 1_555 ? 
20  AC2 7  GLN A 62  ? GLN A 60  . ? 3_445 ? 
21  AC2 7  ARG A 143 ? ARG A 141 . ? 1_555 ? 
22  AC2 7  HIS A 144 ? HIS A 142 . ? 1_555 ? 
23  AC2 7  4KO B .   ? 4KO A 201 . ? 1_555 ? 
24  AC2 7  HOH S .   ? HOH A 434 . ? 1_555 ? 
25  AC2 7  HOH S .   ? HOH A 442 . ? 1_555 ? 
26  AC2 7  HOH S .   ? HOH A 443 . ? 1_555 ? 
27  AC3 4  ARG A 52  ? ARG A 50  . ? 1_555 ? 
28  AC3 4  GLY A 53  ? GLY A 51  . ? 1_555 ? 
29  AC3 4  HOH S .   ? HOH A 440 . ? 1_555 ? 
30  AC3 4  HOH S .   ? HOH A 453 . ? 1_555 ? 
31  AC4 4  ARG A 143 ? ARG A 141 . ? 1_555 ? 
32  AC4 4  GLN A 155 ? GLN A 153 . ? 1_555 ? 
33  AC4 4  HOH S .   ? HOH A 420 . ? 1_555 ? 
34  AC4 4  HOH S .   ? HOH A 469 . ? 1_555 ? 
35  AC5 7  GLU A 27  ? GLU A 25  . ? 1_555 ? 
36  AC5 7  CYS A 31  ? CYS A 29  . ? 1_555 ? 
37  AC5 7  MET A 84  ? MET A 82  . ? 1_555 ? 
38  AC5 7  VAL A 85  ? VAL A 83  . ? 1_555 ? 
39  AC5 7  ARG A 90  ? ARG A 88  . ? 1_555 ? 
40  AC5 7  HOH S .   ? HOH A 429 . ? 1_555 ? 
41  AC5 7  HOH S .   ? HOH A 470 . ? 1_555 ? 
42  AC6 10 GLU A 16  ? GLU A 14  . ? 1_556 ? 
43  AC6 10 ALA A 19  ? ALA A 17  . ? 1_556 ? 
44  AC6 10 GLY A 20  ? GLY A 18  . ? 1_556 ? 
45  AC6 10 PHE A 39  ? PHE A 37  . ? 1_556 ? 
46  AC6 10 SER A 40  ? SER A 38  . ? 1_556 ? 
47  AC6 10 HIS A 74  ? HIS A 72  . ? 1_555 ? 
48  AC6 10 ARG A 113 ? ARG A 111 . ? 1_555 ? 
49  AC6 10 HOH S .   ? HOH A 325 . ? 1_556 ? 
50  AC6 10 HOH S .   ? HOH A 328 . ? 1_556 ? 
51  AC6 10 HOH S .   ? HOH A 375 . ? 1_556 ? 
52  AC7 7  SER A 6   ? SER A 4   . ? 3_445 ? 
53  AC7 7  HIS A 7   ? HIS A 5   . ? 3_445 ? 
54  AC7 7  PRO A 146 ? PRO A 144 . ? 1_555 ? 
55  AC7 7  ASP A 147 ? ASP A 145 . ? 1_555 ? 
56  AC7 7  HOH S .   ? HOH A 406 . ? 1_555 ? 
57  AC7 7  HOH S .   ? HOH A 504 . ? 1_555 ? 
58  AC7 7  HOH S .   ? HOH A 505 . ? 1_555 ? 
59  AC8 6  ALA A 95  ? ALA A 93  . ? 1_555 ? 
60  AC8 6  ASN A 123 ? ASN A 121 . ? 1_555 ? 
61  AC8 6  GLY A 126 ? GLY A 124 . ? 1_555 ? 
62  AC8 6  SO4 Q .   ? SO4 A 216 . ? 1_555 ? 
63  AC8 6  HOH S .   ? HOH A 424 . ? 1_555 ? 
64  AC8 6  HOH S .   ? HOH A 491 . ? 1_555 ? 
65  AC9 5  TYR A 70  ? TYR A 68  . ? 1_555 ? 
66  AC9 5  GLN A 71  ? GLN A 69  . ? 1_555 ? 
67  AC9 5  TRP A 72  ? TRP A 70  . ? 1_555 ? 
68  AC9 5  GLN A 73  ? GLN A 71  . ? 1_555 ? 
69  AC9 5  HOH S .   ? HOH A 421 . ? 1_555 ? 
70  BC1 3  ARG A 52  ? ARG A 50  . ? 1_555 ? 
71  BC1 3  TRP A 72  ? TRP A 70  . ? 1_555 ? 
72  BC1 3  HOH S .   ? HOH A 386 . ? 1_555 ? 
73  BC2 3  ASP A 26  ? ASP A 24  . ? 1_555 ? 
74  BC2 3  ASP A 145 ? ASP A 143 . ? 1_555 ? 
75  BC2 3  HOH S .   ? HOH A 335 . ? 1_555 ? 
76  BC3 4  GLU A 11  ? GLU A 9   . ? 1_555 ? 
77  BC3 4  THR A 12  ? THR A 10  . ? 1_555 ? 
78  BC3 4  EDO N .   ? EDO A 213 . ? 1_555 ? 
79  BC3 4  HOH S .   ? HOH A 310 . ? 1_555 ? 
80  BC4 5  ALA A 10  ? ALA A 8   . ? 1_555 ? 
81  BC4 5  THR A 12  ? THR A 10  . ? 1_555 ? 
82  BC4 5  LEU A 15  ? LEU A 13  . ? 1_555 ? 
83  BC4 5  EDO M .   ? EDO A 212 . ? 1_555 ? 
84  BC4 5  HOH S .   ? HOH A 498 . ? 1_555 ? 
85  BC5 7  GLN A 23  ? GLN A 21  . ? 1_555 ? 
86  BC5 7  ARG A 113 ? ARG A 111 . ? 1_554 ? 
87  BC5 7  HOH S .   ? HOH A 330 . ? 1_555 ? 
88  BC5 7  HOH S .   ? HOH A 362 . ? 1_555 ? 
89  BC5 7  HOH S .   ? HOH A 379 . ? 1_554 ? 
90  BC5 7  HOH S .   ? HOH A 395 . ? 1_554 ? 
91  BC5 7  HOH S .   ? HOH A 413 . ? 1_554 ? 
92  BC6 6  GLY A 20  ? GLY A 18  . ? 1_555 ? 
93  BC6 6  GLN A 23  ? GLN A 21  . ? 1_555 ? 
94  BC6 6  LYS A 111 ? LYS A 109 . ? 1_554 ? 
95  BC6 6  ALA A 112 ? ALA A 110 . ? 1_554 ? 
96  BC6 6  ARG A 113 ? ARG A 111 . ? 1_554 ? 
97  BC6 6  HOH S .   ? HOH A 441 . ? 1_554 ? 
98  BC7 12 GLY A 91  ? GLY A 89  . ? 1_555 ? 
99  BC7 12 LEU A 92  ? LEU A 90  . ? 1_555 ? 
100 BC7 12 GLY A 93  ? GLY A 91  . ? 1_555 ? 
101 BC7 12 VAL A 94  ? VAL A 92  . ? 1_555 ? 
102 BC7 12 ALA A 95  ? ALA A 93  . ? 1_555 ? 
103 BC7 12 ARG A 96  ? ARG A 94  . ? 1_555 ? 
104 BC7 12 LEU A 129 ? LEU A 127 . ? 1_555 ? 
105 BC7 12 EDO I .   ? EDO A 208 . ? 1_555 ? 
106 BC7 12 HOH S .   ? HOH A 309 . ? 1_555 ? 
107 BC7 12 HOH S .   ? HOH A 340 . ? 1_555 ? 
108 BC7 12 HOH S .   ? HOH A 392 . ? 1_555 ? 
109 BC7 12 HOH S .   ? HOH A 492 . ? 1_555 ? 
110 BC8 8  TYR A 32  ? TYR A 30  . ? 1_555 ? 
111 BC8 8  LYS A 34  ? LYS A 32  . ? 1_555 ? 
112 BC8 8  ALA A 47  ? ALA A 45  . ? 1_555 ? 
113 BC8 8  GLU A 50  ? GLU A 48  . ? 1_555 ? 
114 BC8 8  ARG A 51  ? ARG A 49  . ? 1_555 ? 
115 BC8 8  HOH S .   ? HOH A 305 . ? 1_555 ? 
116 BC8 8  HOH S .   ? HOH A 439 . ? 1_555 ? 
117 BC8 8  HOH S .   ? HOH A 474 . ? 1_555 ? 
# 
_atom_sites.entry_id                    4KOS 
_atom_sites.fract_transf_matrix[1][1]   0.01228976 
_atom_sites.fract_transf_matrix[1][2]   0.01124102 
_atom_sites.fract_transf_matrix[1][3]   0.00466770 
_atom_sites.fract_transf_matrix[2][1]   -0.00919253 
_atom_sites.fract_transf_matrix[2][2]   0.00847316 
_atom_sites.fract_transf_matrix[2][3]   0.00379782 
_atom_sites.fract_transf_matrix[3][1]   0.00035248 
_atom_sites.fract_transf_matrix[3][2]   -0.01005212 
_atom_sites.fract_transf_matrix[3][3]   0.02328004 
_atom_sites.fract_transf_vector[1]      -0.205207 
_atom_sites.fract_transf_vector[2]      0.160187 
_atom_sites.fract_transf_vector[3]      0.218156 
# 
loop_
_atom_type.symbol 
C 
N 
O 
S 
# 
loop_
_atom_site.group_PDB 
_atom_site.id 
_atom_site.type_symbol 
_atom_site.label_atom_id 
_atom_site.label_alt_id 
_atom_site.label_comp_id 
_atom_site.label_asym_id 
_atom_site.label_entity_id 
_atom_site.label_seq_id 
_atom_site.pdbx_PDB_ins_code 
_atom_site.Cartn_x 
_atom_site.Cartn_y 
_atom_site.Cartn_z 
_atom_site.occupancy 
_atom_site.B_iso_or_equiv 
_atom_site.pdbx_formal_charge 
_atom_site.auth_seq_id 
_atom_site.auth_comp_id 
_atom_site.auth_asym_id 
_atom_site.auth_atom_id 
_atom_site.pdbx_PDB_model_num 
ATOM   1    N N   . MET A 1 3   ? -4.161  19.433  5.425   1.00 60.96 ? 1   MET A N   1 
ATOM   2    C CA  . MET A 1 3   ? -4.963  18.370  4.736   1.00 54.58 ? 1   MET A CA  1 
ATOM   3    C C   . MET A 1 3   ? -5.996  17.771  5.660   1.00 49.11 ? 1   MET A C   1 
ATOM   4    O O   . MET A 1 3   ? -5.643  16.979  6.531   1.00 58.04 ? 1   MET A O   1 
ATOM   5    C CB  . MET A 1 3   ? -4.069  17.219  4.275   1.00 53.04 ? 1   MET A CB  1 
ATOM   6    C CG  . MET A 1 3   ? -3.152  17.584  3.146   1.00 52.75 ? 1   MET A CG  1 
ATOM   7    S SD  . MET A 1 3   ? -4.107  18.023  1.699   1.00 54.37 ? 1   MET A SD  1 
ATOM   8    C CE  . MET A 1 3   ? -4.376  16.409  0.954   1.00 50.27 ? 1   MET A CE  1 
ATOM   9    N N   . GLN A 1 4   ? -7.260  18.112  5.475   0.50 39.25 ? 2   GLN A N   1 
ATOM   10   C CA  . GLN A 1 4   ? -8.300  17.364  6.152   0.50 37.44 ? 2   GLN A CA  1 
ATOM   11   C C   . GLN A 1 4   ? -8.459  16.074  5.349   0.50 31.34 ? 2   GLN A C   1 
ATOM   12   O O   . GLN A 1 4   ? -8.615  16.133  4.126   0.50 32.35 ? 2   GLN A O   1 
ATOM   13   C CB  . GLN A 1 4   ? -9.601  18.151  6.201   1.00 41.57 ? 2   GLN A CB  1 
ATOM   14   C CG  . GLN A 1 4   ? -10.342 18.021  7.530   1.00 48.80 ? 2   GLN A CG  1 
ATOM   15   N N   . LEU A 1 5   ? -8.326  14.936  6.017   1.00 27.23 ? 3   LEU A N   1 
ATOM   16   C CA  . LEU A 1 5   ? -8.541  13.596  5.404   1.00 22.64 ? 3   LEU A CA  1 
ATOM   17   C C   . LEU A 1 5   ? -9.540  12.719  6.155   1.00 22.28 ? 3   LEU A C   1 
ATOM   18   O O   . LEU A 1 5   ? -9.585  12.728  7.394   1.00 25.46 ? 3   LEU A O   1 
ATOM   19   C CB  . LEU A 1 5   ? -7.207  12.802  5.246   1.00 24.12 ? 3   LEU A CB  1 
ATOM   20   C CG  . LEU A 1 5   ? -6.195  13.329  4.241   1.00 24.40 ? 3   LEU A CG  1 
ATOM   21   C CD1 . LEU A 1 5   ? -4.746  12.995  4.570   1.00 26.42 ? 3   LEU A CD1 1 
ATOM   22   C CD2 . LEU A 1 5   ? -6.468  12.828  2.862   1.00 23.76 ? 3   LEU A CD2 1 
ATOM   23   N N   . SER A 1 6   ? -10.306 11.920  5.416   1.00 20.02 ? 4   SER A N   1 
ATOM   24   C CA  . SER A 1 6   ? -11.190 10.922  5.969   1.00 19.57 ? 4   SER A CA  1 
ATOM   25   C C   . SER A 1 6   ? -10.936 9.607   5.246   1.00 19.95 ? 4   SER A C   1 
ATOM   26   O O   . SER A 1 6   ? -10.213 9.582   4.244   1.00 19.82 ? 4   SER A O   1 
ATOM   27   C CB  . SER A 1 6   ? -12.691 11.339  5.801   1.00 21.54 ? 4   SER A CB  1 
ATOM   28   O OG  . SER A 1 6   ? -13.001 11.493  4.421   1.00 22.66 ? 4   SER A OG  1 
ATOM   29   N N   . HIS A 1 7   ? -11.550 8.548   5.726   1.00 18.06 ? 5   HIS A N   1 
ATOM   30   C CA  . HIS A 1 7   ? -11.406 7.247   5.119   1.00 17.64 ? 5   HIS A CA  1 
ATOM   31   C C   . HIS A 1 7   ? -12.665 6.445   5.138   1.00 18.18 ? 5   HIS A C   1 
ATOM   32   O O   . HIS A 1 7   ? -13.557 6.691   5.992   1.00 19.48 ? 5   HIS A O   1 
ATOM   33   C CB  . HIS A 1 7   ? -10.262 6.471   5.738   1.00 17.27 ? 5   HIS A CB  1 
ATOM   34   C CG  . HIS A 1 7   ? -10.505 6.078   7.141   1.00 18.58 ? 5   HIS A CG  1 
ATOM   35   N ND1 . HIS A 1 7   ? -11.093 4.905   7.474   1.00 20.30 ? 5   HIS A ND1 1 
ATOM   36   C CD2 . HIS A 1 7   ? -10.265 6.729   8.306   1.00 19.59 ? 5   HIS A CD2 1 
ATOM   37   C CE1 . HIS A 1 7   ? -11.232 4.832   8.787   1.00 22.58 ? 5   HIS A CE1 1 
ATOM   38   N NE2 . HIS A 1 7   ? -10.734 5.926   9.312   1.00 22.98 ? 5   HIS A NE2 1 
ATOM   39   N N   . ARG A 1 8   ? -12.747 5.504   4.231   1.00 16.68 ? 6   ARG A N   1 
ATOM   40   C CA  . ARG A 1 8   ? -13.832 4.537   4.113   1.00 15.66 ? 6   ARG A CA  1 
ATOM   41   C C   . ARG A 1 8   ? -13.423 3.362   3.304   1.00 16.39 ? 6   ARG A C   1 
ATOM   42   O O   . ARG A 1 8   ? -12.414 3.426   2.584   1.00 14.95 ? 6   ARG A O   1 
ATOM   43   C CB  . ARG A 1 8   ? -15.099 5.168   3.471   1.00 16.93 ? 6   ARG A CB  1 
ATOM   44   C CG  . ARG A 1 8   ? -14.848 5.789   2.112   1.00 16.92 ? 6   ARG A CG  1 
ATOM   45   C CD  . ARG A 1 8   ? -16.216 6.034   1.467   1.00 16.49 ? 6   ARG A CD  1 
ATOM   46   N NE  . ARG A 1 8   ? -16.024 6.803   0.215   1.00 15.56 ? 6   ARG A NE  1 
ATOM   47   C CZ  . ARG A 1 8   ? -15.642 6.259   -0.914  1.00 16.51 ? 6   ARG A CZ  1 
ATOM   48   N NH1 . ARG A 1 8   ? -15.398 4.953   -1.003  1.00 16.11 ? 6   ARG A NH1 1 
ATOM   49   N NH2 . ARG A 1 8   ? -15.415 7.055   -1.967  1.00 16.82 ? 6   ARG A NH2 1 
ATOM   50   N N   . PRO A 1 9   ? -14.118 2.223   3.420   1.00 16.94 ? 7   PRO A N   1 
ATOM   51   C CA  . PRO A 1 9   ? -13.824 1.100   2.553   1.00 16.27 ? 7   PRO A CA  1 
ATOM   52   C C   . PRO A 1 9   ? -13.930 1.473   1.071   1.00 15.43 ? 7   PRO A C   1 
ATOM   53   O O   . PRO A 1 9   ? -14.771 2.294   0.667   1.00 17.64 ? 7   PRO A O   1 
ATOM   54   C CB  . PRO A 1 9   ? -14.839 0.043   2.940   1.00 19.55 ? 7   PRO A CB  1 
ATOM   55   C CG  . PRO A 1 9   ? -15.214 0.408   4.331   1.00 18.38 ? 7   PRO A CG  1 
ATOM   56   C CD  . PRO A 1 9   ? -15.193 1.901   4.399   1.00 17.27 ? 7   PRO A CD  1 
ATOM   57   N N   . ALA A 1 10  ? -13.025 0.919   0.296   1.00 15.08 ? 8   ALA A N   1 
ATOM   58   C CA  . ALA A 1 10  ? -13.075 1.134   -1.136  1.00 16.15 ? 8   ALA A CA  1 
ATOM   59   C C   . ALA A 1 10  ? -14.394 0.617   -1.721  1.00 18.02 ? 8   ALA A C   1 
ATOM   60   O O   . ALA A 1 10  ? -14.920 -0.454  -1.335  1.00 18.36 ? 8   ALA A O   1 
ATOM   61   C CB  . ALA A 1 10  ? -11.895 0.456   -1.811  1.00 15.70 ? 8   ALA A CB  1 
ATOM   62   N N   . GLU A 1 11  ? -14.874 1.285   -2.786  1.00 16.45 ? 9   GLU A N   1 
ATOM   63   C CA  . GLU A 1 11  ? -16.129 0.933   -3.476  1.00 17.70 ? 9   GLU A CA  1 
ATOM   64   C C   . GLU A 1 11  ? -15.862 0.796   -4.941  1.00 17.21 ? 9   GLU A C   1 
ATOM   65   O O   . GLU A 1 11  ? -14.894 1.307   -5.456  1.00 16.00 ? 9   GLU A O   1 
ATOM   66   C CB  . GLU A 1 11  ? -17.155 2.048   -3.249  1.00 16.79 ? 9   GLU A CB  1 
ATOM   67   C CG  . GLU A 1 11  ? -17.580 2.143   -1.834  1.00 18.92 ? 9   GLU A CG  1 
ATOM   68   C CD  . GLU A 1 11  ? -18.431 3.345   -1.449  1.00 20.68 ? 9   GLU A CD  1 
ATOM   69   O OE1 . GLU A 1 11  ? -18.800 4.203   -2.301  1.00 20.01 ? 9   GLU A OE1 1 
ATOM   70   O OE2 . GLU A 1 11  ? -18.688 3.470   -0.215  1.00 21.46 ? 9   GLU A OE2 1 
ATOM   71   N N   A THR A 1 12  ? -16.702 0.038   -5.651  0.50 18.05 ? 10  THR A N   1 
ATOM   72   N N   B THR A 1 12  ? -16.733 0.067   -5.637  0.50 16.53 ? 10  THR A N   1 
ATOM   73   C CA  A THR A 1 12  ? -16.511 -0.130  -7.101  0.50 19.65 ? 10  THR A CA  1 
ATOM   74   C CA  B THR A 1 12  ? -16.659 -0.078  -7.090  0.50 16.80 ? 10  THR A CA  1 
ATOM   75   C C   A THR A 1 12  ? -16.408 1.203   -7.857  0.50 18.43 ? 10  THR A C   1 
ATOM   76   C C   B THR A 1 12  ? -16.424 1.204   -7.839  0.50 17.05 ? 10  THR A C   1 
ATOM   77   O O   A THR A 1 12  ? -15.622 1.327   -8.802  0.50 18.84 ? 10  THR A O   1 
ATOM   78   O O   B THR A 1 12  ? -15.619 1.285   -8.769  0.50 17.60 ? 10  THR A O   1 
ATOM   79   C CB  A THR A 1 12  ? -17.510 -1.145  -7.732  0.50 23.34 ? 10  THR A CB  1 
ATOM   80   C CB  B THR A 1 12  ? -17.919 -0.768  -7.608  0.50 18.93 ? 10  THR A CB  1 
ATOM   81   O OG1 A THR A 1 12  ? -18.818 -0.585  -7.743  0.50 26.26 ? 10  THR A OG1 1 
ATOM   82   O OG1 B THR A 1 12  ? -17.960 -2.061  -7.023  0.50 20.49 ? 10  THR A OG1 1 
ATOM   83   C CG2 A THR A 1 12  ? -17.512 -2.438  -6.938  0.50 24.51 ? 10  THR A CG2 1 
ATOM   84   C CG2 B THR A 1 12  ? -17.871 -0.869  -9.113  0.50 17.52 ? 10  THR A CG2 1 
ATOM   85   N N   . GLY A 1 13  ? -17.153 2.214   -7.406  1.00 17.49 ? 11  GLY A N   1 
ATOM   86   C CA  . GLY A 1 13  ? -17.094 3.509   -8.034  1.00 17.46 ? 11  GLY A CA  1 
ATOM   87   C C   . GLY A 1 13  ? -15.759 4.224   -7.900  1.00 17.52 ? 11  GLY A C   1 
ATOM   88   O O   . GLY A 1 13  ? -15.471 5.154   -8.628  1.00 18.58 ? 11  GLY A O   1 
ATOM   89   N N   . ASP A 1 14  ? -14.928 3.776   -6.953  1.00 15.91 ? 12  ASP A N   1 
ATOM   90   C CA  . ASP A 1 14  ? -13.589 4.376   -6.796  1.00 16.09 ? 12  ASP A CA  1 
ATOM   91   C C   . ASP A 1 14  ? -12.503 3.748   -7.730  1.00 16.28 ? 12  ASP A C   1 
ATOM   92   O O   . ASP A 1 14  ? -11.426 4.330   -7.853  1.00 17.03 ? 12  ASP A O   1 
ATOM   93   C CB  . ASP A 1 14  ? -13.102 4.092   -5.377  1.00 16.18 ? 12  ASP A CB  1 
ATOM   94   C CG  . ASP A 1 14  ? -13.973 4.633   -4.314  1.00 17.85 ? 12  ASP A CG  1 
ATOM   95   O OD1 . ASP A 1 14  ? -14.599 5.715   -4.465  1.00 17.28 ? 12  ASP A OD1 1 
ATOM   96   O OD2 . ASP A 1 14  ? -14.022 3.977   -3.209  1.00 15.77 ? 12  ASP A OD2 1 
ATOM   97   N N   A LEU A 1 15  ? -12.789 2.600   -8.336  0.50 17.46 ? 13  LEU A N   1 
ATOM   98   N N   B LEU A 1 15  ? -12.766 2.548   -8.293  0.50 16.29 ? 13  LEU A N   1 
ATOM   99   C CA  A LEU A 1 15  ? -11.738 1.869   -9.023  0.50 18.81 ? 13  LEU A CA  1 
ATOM   100  C CA  B LEU A 1 15  ? -11.751 1.706   -9.026  0.50 16.94 ? 13  LEU A CA  1 
ATOM   101  C C   A LEU A 1 15  ? -11.177 2.574   -10.223 0.50 18.34 ? 13  LEU A C   1 
ATOM   102  C C   B LEU A 1 15  ? -11.037 2.486   -10.087 0.50 16.12 ? 13  LEU A C   1 
ATOM   103  O O   A LEU A 1 15  ? -9.961  2.494   -10.420 0.50 17.47 ? 13  LEU A O   1 
ATOM   104  O O   B LEU A 1 15  ? -9.814  2.534   -10.184 0.50 16.14 ? 13  LEU A O   1 
ATOM   105  C CB  A LEU A 1 15  ? -12.100 0.407   -9.291  0.50 20.12 ? 13  LEU A CB  1 
ATOM   106  C CB  B LEU A 1 15  ? -12.363 0.431   -9.679  0.50 17.28 ? 13  LEU A CB  1 
ATOM   107  C CG  A LEU A 1 15  ? -12.585 -0.329  -7.990  0.50 19.42 ? 13  LEU A CG  1 
ATOM   108  C CG  B LEU A 1 15  ? -12.973 -0.652  -8.742  0.50 16.76 ? 13  LEU A CG  1 
ATOM   109  C CD1 A LEU A 1 15  ? -12.755 -1.819  -8.285  0.50 21.06 ? 13  LEU A CD1 1 
ATOM   110  C CD1 B LEU A 1 15  ? -13.732 -1.724  -9.487  0.50 17.19 ? 13  LEU A CD1 1 
ATOM   111  C CD2 A LEU A 1 15  ? -11.706 -0.166  -6.739  0.50 19.43 ? 13  LEU A CD2 1 
ATOM   112  C CD2 B LEU A 1 15  ? -11.842 -1.277  -7.921  0.50 17.85 ? 13  LEU A CD2 1 
ATOM   113  N N   A GLU A 1 16  ? -11.989 3.296   -11.013 0.70 17.53 ? 14  GLU A N   1 
ATOM   114  N N   B GLU A 1 16  ? -11.823 3.090   -10.967 0.30 16.09 ? 14  GLU A N   1 
ATOM   115  C CA  A GLU A 1 16  ? -11.370 3.957   -12.186 0.70 20.19 ? 14  GLU A CA  1 
ATOM   116  C CA  B GLU A 1 16  ? -11.198 3.763   -12.102 0.30 16.39 ? 14  GLU A CA  1 
ATOM   117  C C   A GLU A 1 16  ? -10.354 4.978   -11.676 0.70 17.94 ? 14  GLU A C   1 
ATOM   118  C C   B GLU A 1 16  ? -10.307 4.938   -11.637 0.30 16.24 ? 14  GLU A C   1 
ATOM   119  O O   A GLU A 1 16  ? -9.230  5.101   -12.208 0.70 19.20 ? 14  GLU A O   1 
ATOM   120  O O   B GLU A 1 16  ? -9.210  5.132   -12.186 0.30 16.85 ? 14  GLU A O   1 
ATOM   121  C CB  A GLU A 1 16  ? -12.450 4.663   -13.019 0.70 23.93 ? 14  GLU A CB  1 
ATOM   122  C CB  B GLU A 1 16  ? -12.260 4.205   -13.111 0.30 16.79 ? 14  GLU A CB  1 
ATOM   123  C CG  A GLU A 1 16  ? -12.008 5.210   -14.365 0.70 29.90 ? 14  GLU A CG  1 
ATOM   124  C CG  B GLU A 1 16  ? -11.706 4.984   -14.280 0.30 18.15 ? 14  GLU A CG  1 
ATOM   125  C CD  A GLU A 1 16  ? -13.166 5.876   -15.102 0.70 32.44 ? 14  GLU A CD  1 
ATOM   126  C CD  B GLU A 1 16  ? -11.089 4.100   -15.333 0.30 18.78 ? 14  GLU A CD  1 
ATOM   127  O OE1 A GLU A 1 16  ? -14.210 5.205   -15.317 0.70 41.29 ? 14  GLU A OE1 1 
ATOM   128  O OE1 B GLU A 1 16  ? -11.451 2.911   -15.447 0.30 20.88 ? 14  GLU A OE1 1 
ATOM   129  O OE2 A GLU A 1 16  ? -13.039 7.073   -15.448 0.70 35.85 ? 14  GLU A OE2 1 
ATOM   130  O OE2 B GLU A 1 16  ? -10.243 4.604   -16.060 0.30 19.78 ? 14  GLU A OE2 1 
ATOM   131  N N   . THR A 1 17  ? -10.725 5.700   -10.617 1.00 16.24 ? 15  THR A N   1 
ATOM   132  C CA  . THR A 1 17  ? -9.885  6.739   -10.058 1.00 16.52 ? 15  THR A CA  1 
ATOM   133  C C   . THR A 1 17  ? -8.579  6.152   -9.559  1.00 15.84 ? 15  THR A C   1 
ATOM   134  O O   . THR A 1 17  ? -7.497  6.633   -9.884  1.00 17.31 ? 15  THR A O   1 
ATOM   135  C CB  . THR A 1 17  ? -10.624 7.510   -8.951  1.00 17.85 ? 15  THR A CB  1 
ATOM   136  O OG1 . THR A 1 17  ? -11.764 8.147   -9.588  1.00 21.76 ? 15  THR A OG1 1 
ATOM   137  C CG2 . THR A 1 17  ? -9.770  8.502   -8.301  1.00 19.76 ? 15  THR A CG2 1 
ATOM   138  N N   . VAL A 1 18  ? -8.666  5.136   -8.711  1.00 15.07 ? 16  VAL A N   1 
ATOM   139  C CA  . VAL A 1 18  ? -7.480  4.595   -8.105  1.00 14.47 ? 16  VAL A CA  1 
ATOM   140  C C   . VAL A 1 18  ? -6.526  3.942   -9.117  1.00 16.09 ? 16  VAL A C   1 
ATOM   141  O O   . VAL A 1 18  ? -5.317  4.070   -9.059  1.00 15.80 ? 16  VAL A O   1 
ATOM   142  C CB  . VAL A 1 18  ? -7.882  3.558   -7.039  1.00 14.60 ? 16  VAL A CB  1 
ATOM   143  C CG1 . VAL A 1 18  ? -6.657  2.777   -6.552  1.00 14.82 ? 16  VAL A CG1 1 
ATOM   144  C CG2 . VAL A 1 18  ? -8.643  4.249   -5.909  1.00 15.41 ? 16  VAL A CG2 1 
ATOM   145  N N   . ALA A 1 19  ? -7.102  3.315   -10.130 1.00 15.44 ? 17  ALA A N   1 
ATOM   146  C CA  . ALA A 1 19  ? -6.337  2.678   -11.187 1.00 15.24 ? 17  ALA A CA  1 
ATOM   147  C C   . ALA A 1 19  ? -5.602  3.676   -12.030 1.00 15.20 ? 17  ALA A C   1 
ATOM   148  O O   . ALA A 1 19  ? -4.629  3.313   -12.685 1.00 15.45 ? 17  ALA A O   1 
ATOM   149  C CB  . ALA A 1 19  ? -7.247  1.862   -12.060 1.00 17.10 ? 17  ALA A CB  1 
ATOM   150  N N   . GLY A 1 20  ? -6.041  4.908   -11.947 1.00 15.38 ? 18  GLY A N   1 
ATOM   151  C CA  . GLY A 1 20  ? -5.314  6.005   -12.580 1.00 14.98 ? 18  GLY A CA  1 
ATOM   152  C C   . GLY A 1 20  ? -4.112  6.548   -11.852 1.00 17.13 ? 18  GLY A C   1 
ATOM   153  O O   . GLY A 1 20  ? -3.365  7.409   -12.348 1.00 19.58 ? 18  GLY A O   1 
ATOM   154  N N   . PHE A 1 21  ? -3.896  6.067   -10.609 1.00 15.43 ? 19  PHE A N   1 
ATOM   155  C CA  . PHE A 1 21  ? -2.838  6.649   -9.810  1.00 14.33 ? 19  PHE A CA  1 
ATOM   156  C C   . PHE A 1 21  ? -1.399  6.286   -10.265 1.00 16.26 ? 19  PHE A C   1 
ATOM   157  O O   . PHE A 1 21  ? -0.616  7.203   -10.322 1.00 17.53 ? 19  PHE A O   1 
ATOM   158  C CB  . PHE A 1 21  ? -3.000  6.267   -8.299  1.00 15.24 ? 19  PHE A CB  1 
ATOM   159  C CG  . PHE A 1 21  ? -4.174  6.906   -7.595  1.00 16.22 ? 19  PHE A CG  1 
ATOM   160  C CD1 . PHE A 1 21  ? -4.934  7.900   -8.181  1.00 17.95 ? 19  PHE A CD1 1 
ATOM   161  C CD2 . PHE A 1 21  ? -4.510  6.506   -6.278  1.00 18.03 ? 19  PHE A CD2 1 
ATOM   162  C CE1 . PHE A 1 21  ? -6.015  8.480   -7.480  1.00 18.48 ? 19  PHE A CE1 1 
ATOM   163  C CE2 . PHE A 1 21  ? -5.566  7.088   -5.560  1.00 18.65 ? 19  PHE A CE2 1 
ATOM   164  C CZ  . PHE A 1 21  ? -6.320  8.066   -6.187  1.00 17.16 ? 19  PHE A CZ  1 
ATOM   165  N N   . PRO A 1 22  ? -1.110  5.013   -10.575 1.00 14.91 ? 20  PRO A N   1 
ATOM   166  C CA  . PRO A 1 22  ? 0.305   4.730   -10.963 1.00 15.69 ? 20  PRO A CA  1 
ATOM   167  C C   . PRO A 1 22  ? 0.627   5.427   -12.295 1.00 15.80 ? 20  PRO A C   1 
ATOM   168  O O   . PRO A 1 22  ? -0.080  5.230   -13.255 1.00 16.53 ? 20  PRO A O   1 
ATOM   169  C CB  . PRO A 1 22  ? 0.356   3.221   -11.096 1.00 16.39 ? 20  PRO A CB  1 
ATOM   170  C CG  . PRO A 1 22  ? -0.832  2.708   -10.250 1.00 17.17 ? 20  PRO A CG  1 
ATOM   171  C CD  . PRO A 1 22  ? -1.873  3.731   -10.490 1.00 14.99 ? 20  PRO A CD  1 
ATOM   172  N N   . GLN A 1 23  ? 1.711   6.177   -12.261 1.00 15.97 ? 21  GLN A N   1 
ATOM   173  C CA  . GLN A 1 23  ? 2.083   7.025   -13.448 1.00 18.16 ? 21  GLN A CA  1 
ATOM   174  C C   . GLN A 1 23  ? 3.046   6.380   -14.402 1.00 19.64 ? 21  GLN A C   1 
ATOM   175  O O   . GLN A 1 23  ? 3.249   6.863   -15.515 1.00 19.10 ? 21  GLN A O   1 
ATOM   176  C CB  . GLN A 1 23  ? 2.560   8.387   -12.966 1.00 20.12 ? 21  GLN A CB  1 
ATOM   177  C CG  . GLN A 1 23  ? 1.471   9.188   -12.304 1.00 22.67 ? 21  GLN A CG  1 
ATOM   178  C CD  . GLN A 1 23  ? 0.309   9.409   -13.276 1.00 27.49 ? 21  GLN A CD  1 
ATOM   179  O OE1 . GLN A 1 23  ? 0.489   9.989   -14.362 1.00 27.33 ? 21  GLN A OE1 1 
ATOM   180  N NE2 . GLN A 1 23  ? -0.876  8.835   -12.949 1.00 23.89 ? 21  GLN A NE2 1 
ATOM   181  N N   . ASP A 1 24  ? 3.710   5.313   -14.007 1.00 18.35 ? 22  ASP A N   1 
ATOM   182  C CA  . ASP A 1 24  ? 4.654   4.618   -14.857 1.00 19.22 ? 22  ASP A CA  1 
ATOM   183  C C   . ASP A 1 24  ? 4.934   3.229   -14.348 1.00 19.30 ? 22  ASP A C   1 
ATOM   184  O O   . ASP A 1 24  ? 4.375   2.856   -13.297 1.00 18.87 ? 22  ASP A O   1 
ATOM   185  C CB  . ASP A 1 24  ? 5.937   5.490   -15.018 1.00 20.87 ? 22  ASP A CB  1 
ATOM   186  C CG  . ASP A 1 24  ? 6.740   5.672   -13.733 1.00 25.97 ? 22  ASP A CG  1 
ATOM   187  O OD1 . ASP A 1 24  ? 6.849   4.721   -12.932 1.00 24.17 ? 22  ASP A OD1 1 
ATOM   188  O OD2 . ASP A 1 24  ? 7.323   6.757   -13.583 1.00 28.98 ? 22  ASP A OD2 1 
ATOM   189  N N   . ARG A 1 25  ? 5.653   2.420   -15.140 1.00 19.84 ? 23  ARG A N   1 
ATOM   190  C CA  . ARG A 1 25  ? 5.860   1.006   -14.806 1.00 19.08 ? 23  ARG A CA  1 
ATOM   191  C C   . ARG A 1 25  ? 6.518   0.850   -13.460 1.00 20.20 ? 23  ARG A C   1 
ATOM   192  O O   . ARG A 1 25  ? 6.240   -0.158  -12.778 1.00 19.53 ? 23  ARG A O   1 
ATOM   193  C CB  . ARG A 1 25  ? 6.732   0.335   -15.859 1.00 23.66 ? 23  ARG A CB  1 
ATOM   194  C CG  . ARG A 1 25  ? 6.058   0.106   -17.148 1.00 27.92 ? 23  ARG A CG  1 
ATOM   195  C CD  . ARG A 1 25  ? 7.110   -0.123  -18.219 1.00 28.12 ? 23  ARG A CD  1 
ATOM   196  N NE  . ARG A 1 25  ? 6.421   -0.498  -19.438 1.00 30.62 ? 23  ARG A NE  1 
ATOM   197  C CZ  . ARG A 1 25  ? 5.845   0.363   -20.266 1.00 31.87 ? 23  ARG A CZ  1 
ATOM   198  N NH1 . ARG A 1 25  ? 5.850   1.671   -20.024 1.00 32.10 ? 23  ARG A NH1 1 
ATOM   199  N NH2 . ARG A 1 25  ? 5.224   -0.128  -21.342 1.00 35.03 ? 23  ARG A NH2 1 
ATOM   200  N N   . ASP A 1 26  ? 7.398   1.768   -13.105 1.00 19.31 ? 24  ASP A N   1 
ATOM   201  C CA  . ASP A 1 26  ? 8.107   1.701   -11.806 1.00 20.20 ? 24  ASP A CA  1 
ATOM   202  C C   . ASP A 1 26  ? 7.135   1.870   -10.669 1.00 20.13 ? 24  ASP A C   1 
ATOM   203  O O   . ASP A 1 26  ? 7.126   1.100   -9.711  1.00 19.22 ? 24  ASP A O   1 
ATOM   204  C CB  . ASP A 1 26  ? 9.232   2.726   -11.682 1.00 22.00 ? 24  ASP A CB  1 
ATOM   205  C CG  . ASP A 1 26  ? 10.389  2.448   -12.639 1.00 27.54 ? 24  ASP A CG  1 
ATOM   206  O OD1 . ASP A 1 26  ? 10.469  1.381   -13.282 1.00 32.10 ? 24  ASP A OD1 1 
ATOM   207  O OD2 . ASP A 1 26  ? 11.182  3.396   -12.751 1.00 31.83 ? 24  ASP A OD2 1 
ATOM   208  N N   . GLU A 1 27  ? 6.324   2.920   -10.711 1.00 17.94 ? 25  GLU A N   1 
ATOM   209  C CA  . GLU A 1 27  ? 5.344   3.175   -9.690  1.00 17.13 ? 25  GLU A CA  1 
ATOM   210  C C   . GLU A 1 27  ? 4.419   1.980   -9.594  1.00 17.33 ? 25  GLU A C   1 
ATOM   211  O O   . GLU A 1 27  ? 4.088   1.553   -8.460  1.00 17.52 ? 25  GLU A O   1 
ATOM   212  C CB  . GLU A 1 27  ? 4.470   4.408   -10.010 1.00 18.33 ? 25  GLU A CB  1 
ATOM   213  C CG  . GLU A 1 27  ? 5.224   5.713   -9.895  1.00 20.57 ? 25  GLU A CG  1 
ATOM   214  C CD  . GLU A 1 27  ? 4.339   6.951   -9.822  1.00 22.31 ? 25  GLU A CD  1 
ATOM   215  O OE1 . GLU A 1 27  ? 3.083   6.864   -9.922  1.00 18.65 ? 25  GLU A OE1 1 
ATOM   216  O OE2 . GLU A 1 27  ? 4.897   8.061   -9.667  1.00 25.38 ? 25  GLU A OE2 1 
ATOM   217  N N   . LEU A 1 28  ? 3.977   1.402   -10.695 1.00 16.89 ? 26  LEU A N   1 
ATOM   218  C CA  . LEU A 1 28  ? 3.089   0.249   -10.598 1.00 14.43 ? 26  LEU A CA  1 
ATOM   219  C C   . LEU A 1 28  ? 3.795   -0.933  -9.929  1.00 15.16 ? 26  LEU A C   1 
ATOM   220  O O   . LEU A 1 28  ? 3.239   -1.603  -9.035  1.00 16.73 ? 26  LEU A O   1 
ATOM   221  C CB  . LEU A 1 28  ? 2.512   -0.140  -11.970 1.00 15.13 ? 26  LEU A CB  1 
ATOM   222  C CG  . LEU A 1 28  ? 1.585   -1.352  -11.984 1.00 17.43 ? 26  LEU A CG  1 
ATOM   223  C CD1 . LEU A 1 28  ? 0.375   -1.124  -11.085 1.00 18.25 ? 26  LEU A CD1 1 
ATOM   224  C CD2 . LEU A 1 28  ? 1.181   -1.726  -13.436 1.00 18.38 ? 26  LEU A CD2 1 
ATOM   225  N N   . PHE A 1 29  ? 5.039   -1.190  -10.341 1.00 16.29 ? 27  PHE A N   1 
ATOM   226  C CA  . PHE A 1 29  ? 5.822   -2.313  -9.752  1.00 16.27 ? 27  PHE A CA  1 
ATOM   227  C C   . PHE A 1 29  ? 6.025   -2.123  -8.265  1.00 15.62 ? 27  PHE A C   1 
ATOM   228  O O   . PHE A 1 29  ? 5.870   -3.151  -7.522  1.00 16.83 ? 27  PHE A O   1 
ATOM   229  C CB  . PHE A 1 29  ? 7.217   -2.390  -10.422 1.00 17.31 ? 27  PHE A CB  1 
ATOM   230  C CG  . PHE A 1 29  ? 8.011   -3.599  -9.995  1.00 16.06 ? 27  PHE A CG  1 
ATOM   231  C CD1 . PHE A 1 29  ? 7.633   -4.884  -10.356 1.00 17.62 ? 27  PHE A CD1 1 
ATOM   232  C CD2 . PHE A 1 29  ? 9.092   -3.408  -9.186  1.00 19.08 ? 27  PHE A CD2 1 
ATOM   233  C CE1 . PHE A 1 29  ? 8.411   -5.995  -9.938  1.00 17.09 ? 27  PHE A CE1 1 
ATOM   234  C CE2 . PHE A 1 29  ? 9.843   -4.514  -8.735  1.00 17.71 ? 27  PHE A CE2 1 
ATOM   235  C CZ  . PHE A 1 29  ? 9.486   -5.764  -9.110  1.00 17.58 ? 27  PHE A CZ  1 
ATOM   236  N N   . TYR A 1 30  ? 6.265   -0.924  -7.792  1.00 16.16 ? 28  TYR A N   1 
ATOM   237  C CA  . TYR A 1 30  ? 6.541   -0.732  -6.356  1.00 16.76 ? 28  TYR A CA  1 
ATOM   238  C C   . TYR A 1 30  ? 5.358   -1.057  -5.507  1.00 17.76 ? 28  TYR A C   1 
ATOM   239  O O   . TYR A 1 30  ? 5.544   -1.479  -4.354  1.00 20.65 ? 28  TYR A O   1 
ATOM   240  C CB  . TYR A 1 30  ? 6.942   0.717   -6.046  1.00 19.31 ? 28  TYR A CB  1 
ATOM   241  C CG  . TYR A 1 30  ? 8.202   1.234   -6.717  1.00 21.40 ? 28  TYR A CG  1 
ATOM   242  C CD1 . TYR A 1 30  ? 9.203   0.370   -7.103  1.00 20.00 ? 28  TYR A CD1 1 
ATOM   243  C CD2 . TYR A 1 30  ? 8.380   2.638   -6.863  1.00 23.58 ? 28  TYR A CD2 1 
ATOM   244  C CE1 . TYR A 1 30  ? 10.339  0.874   -7.768  1.00 28.07 ? 28  TYR A CE1 1 
ATOM   245  C CE2 . TYR A 1 30  ? 9.523   3.134   -7.436  1.00 26.46 ? 28  TYR A CE2 1 
ATOM   246  C CZ  . TYR A 1 30  ? 10.452  2.242   -7.907  1.00 24.78 ? 28  TYR A CZ  1 
ATOM   247  O OH  . TYR A 1 30  ? 11.580  2.841   -8.454  1.00 31.36 ? 28  TYR A OH  1 
ATOM   248  N N   . CYS A 1 31  ? 4.149   -0.838  -6.019  1.00 17.12 ? 29  CYS A N   1 
ATOM   249  C CA  . CYS A 1 31  ? 2.916   -1.037  -5.252  1.00 16.45 ? 29  CYS A CA  1 
ATOM   250  C C   . CYS A 1 31  ? 2.115   -2.288  -5.573  1.00 16.33 ? 29  CYS A C   1 
ATOM   251  O O   . CYS A 1 31  ? 1.255   -2.667  -4.787  1.00 16.79 ? 29  CYS A O   1 
ATOM   252  C CB  . CYS A 1 31  ? 2.000   0.170   -5.291  1.00 17.86 ? 29  CYS A CB  1 
ATOM   253  S SG  . CYS A 1 31  ? 1.146   0.386   -6.877  1.00 20.64 ? 29  CYS A SG  1 
ATOM   254  N N   . TYR A 1 32  ? 2.408   -2.952  -6.673  1.00 14.24 ? 30  TYR A N   1 
ATOM   255  C CA  . TYR A 1 32  ? 1.680   -4.101  -7.143  1.00 15.24 ? 30  TYR A CA  1 
ATOM   256  C C   . TYR A 1 32  ? 2.522   -4.871  -8.149  1.00 16.94 ? 30  TYR A C   1 
ATOM   257  O O   . TYR A 1 32  ? 2.312   -4.814  -9.363  1.00 16.85 ? 30  TYR A O   1 
ATOM   258  C CB  . TYR A 1 32  ? 0.357   -3.607  -7.762  1.00 16.66 ? 30  TYR A CB  1 
ATOM   259  C CG  . TYR A 1 32  ? -0.668  -4.626  -8.067  1.00 17.63 ? 30  TYR A CG  1 
ATOM   260  C CD1 . TYR A 1 32  ? -0.400  -5.964  -8.059  1.00 18.22 ? 30  TYR A CD1 1 
ATOM   261  C CD2 . TYR A 1 32  ? -1.989  -4.201  -8.391  1.00 16.84 ? 30  TYR A CD2 1 
ATOM   262  C CE1 . TYR A 1 32  ? -1.384  -6.902  -8.417  1.00 19.44 ? 30  TYR A CE1 1 
ATOM   263  C CE2 . TYR A 1 32  ? -2.954  -5.102  -8.740  1.00 18.23 ? 30  TYR A CE2 1 
ATOM   264  C CZ  . TYR A 1 32  ? -2.671  -6.430  -8.737  1.00 18.98 ? 30  TYR A CZ  1 
ATOM   265  O OH  . TYR A 1 32  ? -3.693  -7.292  -9.142  1.00 22.95 ? 30  TYR A OH  1 
ATOM   266  N N   . PRO A 1 33  ? 3.600   -5.514  -7.672  1.00 16.52 ? 31  PRO A N   1 
ATOM   267  C CA  . PRO A 1 33  ? 4.601   -6.074  -8.598  1.00 15.74 ? 31  PRO A CA  1 
ATOM   268  C C   . PRO A 1 33  ? 4.071   -7.167  -9.533  1.00 18.36 ? 31  PRO A C   1 
ATOM   269  O O   . PRO A 1 33  ? 4.668   -7.318  -10.623 1.00 19.80 ? 31  PRO A O   1 
ATOM   270  C CB  . PRO A 1 33  ? 5.686   -6.663  -7.650  1.00 15.64 ? 31  PRO A CB  1 
ATOM   271  C CG  . PRO A 1 33  ? 5.023   -6.782  -6.327  1.00 16.70 ? 31  PRO A CG  1 
ATOM   272  C CD  . PRO A 1 33  ? 4.047   -5.622  -6.260  1.00 15.40 ? 31  PRO A CD  1 
ATOM   273  N N   . LYS A 1 34  ? 2.991   -7.858  -9.159  1.00 18.01 ? 32  LYS A N   1 
ATOM   274  C CA  . LYS A 1 34  ? 2.394   -8.871  -10.021 1.00 20.01 ? 32  LYS A CA  1 
ATOM   275  C C   . LYS A 1 34  ? 1.583   -8.258  -11.180 1.00 20.19 ? 32  LYS A C   1 
ATOM   276  O O   . LYS A 1 34  ? 1.376   -8.953  -12.190 1.00 21.63 ? 32  LYS A O   1 
ATOM   277  C CB  . LYS A 1 34  ? 1.510   -9.804  -9.216  1.00 23.53 ? 32  LYS A CB  1 
ATOM   278  C CG  . LYS A 1 34  ? 1.083   -11.068 -9.956  1.00 30.44 ? 32  LYS A CG  1 
ATOM   279  C CD  . LYS A 1 34  ? 0.161   -11.940 -9.106  1.00 34.94 ? 32  LYS A CD  1 
ATOM   280  C CE  . LYS A 1 34  ? -0.059  -13.294 -9.779  1.00 40.27 ? 32  LYS A CE  1 
ATOM   281  N NZ  . LYS A 1 34  ? -1.189  -14.075 -9.187  1.00 46.46 ? 32  LYS A NZ  1 
ATOM   282  N N   . ALA A 1 35  ? 1.158   -6.996  -11.045 1.00 19.66 ? 33  ALA A N   1 
ATOM   283  C CA  . ALA A 1 35  ? 0.439   -6.300  -12.169 1.00 18.87 ? 33  ALA A CA  1 
ATOM   284  C C   . ALA A 1 35  ? 1.288   -6.150  -13.422 1.00 19.18 ? 33  ALA A C   1 
ATOM   285  O O   . ALA A 1 35  ? 2.499   -6.101  -13.396 1.00 19.85 ? 33  ALA A O   1 
ATOM   286  C CB  . ALA A 1 35  ? -0.045  -4.952  -11.708 1.00 17.95 ? 33  ALA A CB  1 
ATOM   287  N N   . ILE A 1 36  ? 0.569   -5.977  -14.540 1.00 20.92 ? 34  ILE A N   1 
ATOM   288  C CA  . ILE A 1 36  ? 1.208   -5.755  -15.850 1.00 22.63 ? 34  ILE A CA  1 
ATOM   289  C C   . ILE A 1 36  ? 0.791   -4.413  -16.321 1.00 21.59 ? 34  ILE A C   1 
ATOM   290  O O   . ILE A 1 36  ? -0.349  -4.025  -16.098 1.00 24.98 ? 34  ILE A O   1 
ATOM   291  C CB  . ILE A 1 36  ? 0.758   -6.835  -16.830 1.00 26.87 ? 34  ILE A CB  1 
ATOM   292  C CG1 . ILE A 1 36  ? 1.225   -8.221  -16.351 1.00 30.57 ? 34  ILE A CG1 1 
ATOM   293  C CG2 . ILE A 1 36  ? 1.277   -6.533  -18.244 1.00 30.85 ? 34  ILE A CG2 1 
ATOM   294  C CD1 . ILE A 1 36  ? 0.524   -9.366  -17.067 1.00 37.23 ? 34  ILE A CD1 1 
ATOM   295  N N   . TRP A 1 37  ? 1.751   -3.654  -16.821 1.00 20.89 ? 35  TRP A N   1 
ATOM   296  C CA  . TRP A 1 37  ? 1.492   -2.338  -17.401 1.00 20.74 ? 35  TRP A CA  1 
ATOM   297  C C   . TRP A 1 37  ? 0.895   -2.534  -18.825 1.00 20.81 ? 35  TRP A C   1 
ATOM   298  O O   . TRP A 1 37  ? 1.402   -3.382  -19.571 1.00 24.09 ? 35  TRP A O   1 
ATOM   299  C CB  . TRP A 1 37  ? 2.787   -1.508  -17.481 1.00 20.79 ? 35  TRP A CB  1 
ATOM   300  C CG  . TRP A 1 37  ? 2.550   -0.107  -17.948 1.00 19.57 ? 35  TRP A CG  1 
ATOM   301  C CD1 . TRP A 1 37  ? 2.508   0.380   -19.280 1.00 19.82 ? 35  TRP A CD1 1 
ATOM   302  C CD2 . TRP A 1 37  ? 2.221   1.008   -17.130 1.00 20.11 ? 35  TRP A CD2 1 
ATOM   303  N NE1 . TRP A 1 37  ? 2.253   1.713   -19.271 1.00 21.18 ? 35  TRP A NE1 1 
ATOM   304  C CE2 . TRP A 1 37  ? 2.060   2.138   -17.977 1.00 20.95 ? 35  TRP A CE2 1 
ATOM   305  C CE3 . TRP A 1 37  ? 2.093   1.194   -15.761 1.00 21.25 ? 35  TRP A CE3 1 
ATOM   306  C CZ2 . TRP A 1 37  ? 1.792   3.386   -17.506 1.00 18.57 ? 35  TRP A CZ2 1 
ATOM   307  C CZ3 . TRP A 1 37  ? 1.757   2.481   -15.283 1.00 20.53 ? 35  TRP A CZ3 1 
ATOM   308  C CH2 . TRP A 1 37  ? 1.637   3.573   -16.162 1.00 20.62 ? 35  TRP A CH2 1 
ATOM   309  N N   . PRO A 1 38  ? -0.149  -1.772  -19.195 1.00 19.63 ? 36  PRO A N   1 
ATOM   310  C CA  . PRO A 1 38  ? -0.835  -0.736  -18.406 1.00 18.36 ? 36  PRO A CA  1 
ATOM   311  C C   . PRO A 1 38  ? -1.779  -1.292  -17.334 1.00 17.44 ? 36  PRO A C   1 
ATOM   312  O O   . PRO A 1 38  ? -2.387  -2.356  -17.516 1.00 18.54 ? 36  PRO A O   1 
ATOM   313  C CB  . PRO A 1 38  ? -1.640  0.056   -19.465 1.00 21.63 ? 36  PRO A CB  1 
ATOM   314  C CG  . PRO A 1 38  ? -1.868  -0.927  -20.519 1.00 20.92 ? 36  PRO A CG  1 
ATOM   315  C CD  . PRO A 1 38  ? -0.716  -1.870  -20.572 1.00 20.79 ? 36  PRO A CD  1 
ATOM   316  N N   . PHE A 1 39  ? -1.872  -0.539  -16.254 1.00 17.41 ? 37  PHE A N   1 
ATOM   317  C CA  . PHE A 1 39  ? -2.809  -0.926  -15.170 1.00 18.42 ? 37  PHE A CA  1 
ATOM   318  C C   . PHE A 1 39  ? -4.267  -0.812  -15.662 1.00 22.03 ? 37  PHE A C   1 
ATOM   319  O O   . PHE A 1 39  ? -4.560  -0.149  -16.696 1.00 21.22 ? 37  PHE A O   1 
ATOM   320  C CB  . PHE A 1 39  ? -2.516  -0.064  -13.945 1.00 17.07 ? 37  PHE A CB  1 
ATOM   321  C CG  . PHE A 1 39  ? -3.055  -0.631  -12.637 1.00 15.54 ? 37  PHE A CG  1 
ATOM   322  C CD1 . PHE A 1 39  ? -2.900  -1.974  -12.372 1.00 18.14 ? 37  PHE A CD1 1 
ATOM   323  C CD2 . PHE A 1 39  ? -3.671  0.171   -11.710 1.00 15.94 ? 37  PHE A CD2 1 
ATOM   324  C CE1 . PHE A 1 39  ? -3.348  -2.483  -11.168 1.00 17.16 ? 37  PHE A CE1 1 
ATOM   325  C CE2 . PHE A 1 39  ? -4.116  -0.353  -10.498 1.00 16.89 ? 37  PHE A CE2 1 
ATOM   326  C CZ  . PHE A 1 39  ? -3.945  -1.691  -10.261 1.00 16.80 ? 37  PHE A CZ  1 
ATOM   327  N N   . SER A 1 40  ? -5.172  -1.486  -14.969 1.00 18.79 ? 38  SER A N   1 
ATOM   328  C CA  . SER A 1 40  ? -6.562  -1.472  -15.335 1.00 18.53 ? 38  SER A CA  1 
ATOM   329  C C   . SER A 1 40  ? -7.425  -1.709  -14.156 1.00 17.63 ? 38  SER A C   1 
ATOM   330  O O   . SER A 1 40  ? -6.983  -2.279  -13.143 1.00 16.87 ? 38  SER A O   1 
ATOM   331  C CB  . SER A 1 40  ? -6.817  -2.569  -16.343 1.00 19.93 ? 38  SER A CB  1 
ATOM   332  O OG  . SER A 1 40  ? -6.617  -3.850  -15.752 1.00 20.47 ? 38  SER A OG  1 
ATOM   333  N N   . VAL A 1 41  ? -8.686  -1.375  -14.295 1.00 18.37 ? 39  VAL A N   1 
ATOM   334  C CA  . VAL A 1 41  ? -9.643  -1.679  -13.228 1.00 19.32 ? 39  VAL A CA  1 
ATOM   335  C C   . VAL A 1 41  ? -9.736  -3.167  -12.962 1.00 20.59 ? 39  VAL A C   1 
ATOM   336  O O   . VAL A 1 41  ? -9.845  -3.603  -11.810 1.00 20.34 ? 39  VAL A O   1 
ATOM   337  C CB  . VAL A 1 41  ? -10.999 -1.054  -13.526 1.00 21.34 ? 39  VAL A CB  1 
ATOM   338  C CG1 . VAL A 1 41  ? -12.022 -1.566  -12.527 1.00 25.73 ? 39  VAL A CG1 1 
ATOM   339  C CG2 . VAL A 1 41  ? -10.883 0.462   -13.544 1.00 21.97 ? 39  VAL A CG2 1 
ATOM   340  N N   . ALA A 1 42  ? -9.705  -3.990  -13.993 1.00 21.53 ? 40  ALA A N   1 
ATOM   341  C CA  . ALA A 1 42  ? -9.767  -5.450  -13.802 1.00 23.15 ? 40  ALA A CA  1 
ATOM   342  C C   . ALA A 1 42  ? -8.614  -5.947  -12.918 1.00 19.93 ? 40  ALA A C   1 
ATOM   343  O O   . ALA A 1 42  ? -8.846  -6.784  -12.014 1.00 19.89 ? 40  ALA A O   1 
ATOM   344  C CB  . ALA A 1 42  ? -9.766  -6.174  -15.147 1.00 25.94 ? 40  ALA A CB  1 
ATOM   345  N N   . GLN A 1 43  ? -7.404  -5.440  -13.119 1.00 18.73 ? 41  GLN A N   1 
ATOM   346  C CA  . GLN A 1 43  ? -6.270  -5.867  -12.282 1.00 18.19 ? 41  GLN A CA  1 
ATOM   347  C C   . GLN A 1 43  ? -6.490  -5.400  -10.850 1.00 17.87 ? 41  GLN A C   1 
ATOM   348  O O   . GLN A 1 43  ? -6.155  -6.125  -9.900  1.00 18.50 ? 41  GLN A O   1 
ATOM   349  C CB  . GLN A 1 43  ? -4.958  -5.368  -12.811 1.00 19.31 ? 41  GLN A CB  1 
ATOM   350  C CG  . GLN A 1 43  ? -4.592  -5.997  -14.164 1.00 20.38 ? 41  GLN A CG  1 
ATOM   351  C CD  . GLN A 1 43  ? -3.227  -5.623  -14.575 1.00 21.15 ? 41  GLN A CD  1 
ATOM   352  O OE1 . GLN A 1 43  ? -2.244  -6.152  -14.063 1.00 21.71 ? 41  GLN A OE1 1 
ATOM   353  N NE2 . GLN A 1 43  ? -3.126  -4.679  -15.520 1.00 22.58 ? 41  GLN A NE2 1 
ATOM   354  N N   . LEU A 1 44  ? -6.961  -4.175  -10.682 1.00 16.85 ? 42  LEU A N   1 
ATOM   355  C CA  . LEU A 1 44  ? -7.193  -3.637  -9.347  1.00 17.09 ? 42  LEU A CA  1 
ATOM   356  C C   . LEU A 1 44  ? -8.252  -4.440  -8.636  1.00 17.24 ? 42  LEU A C   1 
ATOM   357  O O   . LEU A 1 44  ? -8.091  -4.839  -7.451  1.00 17.30 ? 42  LEU A O   1 
ATOM   358  C CB  . LEU A 1 44  ? -7.603  -2.153  -9.398  1.00 14.81 ? 42  LEU A CB  1 
ATOM   359  C CG  . LEU A 1 44  ? -7.888  -1.435  -8.074  1.00 16.81 ? 42  LEU A CG  1 
ATOM   360  C CD1 . LEU A 1 44  ? -6.671  -1.478  -7.126  1.00 17.38 ? 42  LEU A CD1 1 
ATOM   361  C CD2 . LEU A 1 44  ? -8.245  -0.023  -8.354  1.00 16.68 ? 42  LEU A CD2 1 
ATOM   362  N N   . ALA A 1 45  ? -9.375  -4.695  -9.319  1.00 17.84 ? 43  ALA A N   1 
ATOM   363  C CA  . ALA A 1 45  ? -10.426 -5.503  -8.681  1.00 18.85 ? 43  ALA A CA  1 
ATOM   364  C C   . ALA A 1 45  ? -9.962  -6.911  -8.336  1.00 18.40 ? 43  ALA A C   1 
ATOM   365  O O   . ALA A 1 45  ? -10.394 -7.420  -7.303  1.00 19.53 ? 43  ALA A O   1 
ATOM   366  C CB  . ALA A 1 45  ? -11.645 -5.585  -9.622  1.00 20.29 ? 43  ALA A CB  1 
ATOM   367  N N   . ALA A 1 46  ? -9.108  -7.552  -9.154  1.00 17.31 ? 44  ALA A N   1 
ATOM   368  C CA  . ALA A 1 46  ? -8.551  -8.852  -8.890  1.00 19.28 ? 44  ALA A CA  1 
ATOM   369  C C   . ALA A 1 46  ? -7.758  -8.831  -7.577  1.00 21.40 ? 44  ALA A C   1 
ATOM   370  O O   . ALA A 1 46  ? -7.898  -9.779  -6.764  1.00 23.09 ? 44  ALA A O   1 
ATOM   371  C CB  . ALA A 1 46  ? -7.685  -9.352  -9.995  1.00 21.48 ? 44  ALA A CB  1 
ATOM   372  N N   . ALA A 1 47  ? -6.927  -7.815  -7.380  1.00 19.27 ? 45  ALA A N   1 
ATOM   373  C CA  . ALA A 1 47  ? -6.272  -7.666  -6.097  1.00 17.42 ? 45  ALA A CA  1 
ATOM   374  C C   . ALA A 1 47  ? -7.230  -7.492  -4.951  1.00 19.04 ? 45  ALA A C   1 
ATOM   375  O O   . ALA A 1 47  ? -7.113  -8.178  -3.909  1.00 18.68 ? 45  ALA A O   1 
ATOM   376  C CB  . ALA A 1 47  ? -5.290  -6.494  -6.149  1.00 17.27 ? 45  ALA A CB  1 
ATOM   377  N N   . ILE A 1 48  ? -8.160  -6.572  -5.050  1.00 18.10 ? 46  ILE A N   1 
ATOM   378  C CA  . ILE A 1 48  ? -9.138  -6.372  -4.008  1.00 18.32 ? 46  ILE A CA  1 
ATOM   379  C C   . ILE A 1 48  ? -9.826  -7.688  -3.599  1.00 19.34 ? 46  ILE A C   1 
ATOM   380  O O   . ILE A 1 48  ? -9.998  -7.993  -2.401  1.00 19.40 ? 46  ILE A O   1 
ATOM   381  C CB  . ILE A 1 48  ? -10.134 -5.310  -4.422  1.00 19.75 ? 46  ILE A CB  1 
ATOM   382  C CG1 . ILE A 1 48  ? -9.433  -3.965  -4.487  1.00 18.73 ? 46  ILE A CG1 1 
ATOM   383  C CG2 . ILE A 1 48  ? -11.340 -5.272  -3.468  1.00 19.84 ? 46  ILE A CG2 1 
ATOM   384  C CD1 . ILE A 1 48  ? -10.236 -2.836  -5.097  1.00 18.99 ? 46  ILE A CD1 1 
ATOM   385  N N   . ALA A 1 49  ? -10.222 -8.482  -4.606  1.00 20.87 ? 47  ALA A N   1 
ATOM   386  C CA  . ALA A 1 49  ? -10.913 -9.780  -4.327  1.00 22.43 ? 47  ALA A CA  1 
ATOM   387  C C   . ALA A 1 49  ? -10.087 -10.772 -3.513  1.00 23.32 ? 47  ALA A C   1 
ATOM   388  O O   . ALA A 1 49  ? -10.664 -11.467 -2.668  1.00 27.60 ? 47  ALA A O   1 
ATOM   389  C CB  . ALA A 1 49  ? -11.303 -10.441 -5.633  1.00 24.53 ? 47  ALA A CB  1 
ATOM   390  N N   . GLU A 1 50  ? -8.779  -10.776 -3.708  1.00 20.34 ? 48  GLU A N   1 
ATOM   391  C CA  . GLU A 1 50  ? -7.836  -11.706 -3.118  1.00 24.00 ? 48  GLU A CA  1 
ATOM   392  C C   . GLU A 1 50  ? -7.372  -11.178 -1.782  1.00 22.06 ? 48  GLU A C   1 
ATOM   393  O O   . GLU A 1 50  ? -6.694  -11.905 -1.090  1.00 25.85 ? 48  GLU A O   1 
ATOM   394  C CB  . GLU A 1 50  ? -6.547  -11.825 -3.983  1.00 29.91 ? 48  GLU A CB  1 
ATOM   395  C CG  . GLU A 1 50  ? -6.528  -12.936 -5.010  1.00 44.47 ? 48  GLU A CG  1 
ATOM   396  C CD  . GLU A 1 50  ? -5.324  -12.820 -5.947  1.00 47.63 ? 48  GLU A CD  1 
ATOM   397  O OE1 . GLU A 1 50  ? -4.291  -12.197 -5.550  1.00 49.44 ? 48  GLU A OE1 1 
ATOM   398  O OE2 . GLU A 1 50  ? -5.432  -13.315 -7.099  1.00 61.73 ? 48  GLU A OE2 1 
ATOM   399  N N   . ARG A 1 51  ? -7.622  -9.897  -1.485  1.00 18.21 ? 49  ARG A N   1 
ATOM   400  C CA  . ARG A 1 51  ? -7.025  -9.249  -0.313  1.00 17.12 ? 49  ARG A CA  1 
ATOM   401  C C   . ARG A 1 51  ? -8.034  -8.831  0.718   1.00 17.33 ? 49  ARG A C   1 
ATOM   402  O O   . ARG A 1 51  ? -9.212  -9.195  0.651   1.00 18.76 ? 49  ARG A O   1 
ATOM   403  C CB  . ARG A 1 51  ? -6.195  -8.062  -0.785  1.00 16.07 ? 49  ARG A CB  1 
ATOM   404  C CG  . ARG A 1 51  ? -5.001  -8.484  -1.618  1.00 16.15 ? 49  ARG A CG  1 
ATOM   405  C CD  . ARG A 1 51  ? -4.174  -7.272  -1.977  1.00 16.51 ? 49  ARG A CD  1 
ATOM   406  N NE  . ARG A 1 51  ? -3.130  -7.615  -2.934  1.00 17.69 ? 49  ARG A NE  1 
ATOM   407  C CZ  . ARG A 1 51  ? -1.972  -6.984  -3.014  1.00 15.98 ? 49  ARG A CZ  1 
ATOM   408  N NH1 . ARG A 1 51  ? -1.682  -5.971  -2.249  1.00 16.82 ? 49  ARG A NH1 1 
ATOM   409  N NH2 . ARG A 1 51  ? -1.082  -7.380  -3.905  1.00 18.86 ? 49  ARG A NH2 1 
ATOM   410  N N   . ARG A 1 52  ? -7.609  -8.123  1.743   1.00 17.31 ? 50  ARG A N   1 
ATOM   411  C CA  . ARG A 1 52  ? -8.506  -7.614  2.763   1.00 17.55 ? 50  ARG A CA  1 
ATOM   412  C C   . ARG A 1 52  ? -8.296  -6.164  3.103   1.00 16.11 ? 50  ARG A C   1 
ATOM   413  O O   . ARG A 1 52  ? -7.169  -5.636  2.908   1.00 16.90 ? 50  ARG A O   1 
ATOM   414  C CB  . ARG A 1 52  ? -8.406  -8.428  4.099   1.00 19.48 ? 50  ARG A CB  1 
ATOM   415  C CG  . ARG A 1 52  ? -8.663  -9.896  3.954   1.00 23.44 ? 50  ARG A CG  1 
ATOM   416  C CD  . ARG A 1 52  ? -10.121 -10.211 3.982   1.00 27.82 ? 50  ARG A CD  1 
ATOM   417  N NE  . ARG A 1 52  ? -10.355 -11.672 3.933   1.00 31.66 ? 50  ARG A NE  1 
ATOM   418  C CZ  . ARG A 1 52  ? -10.278 -12.455 2.830   1.00 36.45 ? 50  ARG A CZ  1 
ATOM   419  N NH1 . ARG A 1 52  ? -9.930  -11.976 1.609   1.00 36.60 ? 50  ARG A NH1 1 
ATOM   420  N NH2 . ARG A 1 52  ? -10.532 -13.760 2.934   1.00 40.29 ? 50  ARG A NH2 1 
ATOM   421  N N   . GLY A 1 53  ? -9.286  -5.459  3.614   1.00 15.55 ? 51  GLY A N   1 
ATOM   422  C CA  . GLY A 1 53  ? -9.058  -4.176  4.158   1.00 16.23 ? 51  GLY A CA  1 
ATOM   423  C C   . GLY A 1 53  ? -8.860  -3.058  3.119   1.00 14.45 ? 51  GLY A C   1 
ATOM   424  O O   . GLY A 1 53  ? -8.302  -2.032  3.468   1.00 16.24 ? 51  GLY A O   1 
ATOM   425  N N   . SER A 1 54  ? -9.357  -3.251  1.886   1.00 14.85 ? 52  SER A N   1 
ATOM   426  C CA  . SER A 1 54  ? -9.165  -2.200  0.899   1.00 15.16 ? 52  SER A CA  1 
ATOM   427  C C   . SER A 1 54  ? -9.902  -0.916  1.300   1.00 14.64 ? 52  SER A C   1 
ATOM   428  O O   . SER A 1 54  ? -11.146 -0.922  1.465   1.00 14.79 ? 52  SER A O   1 
ATOM   429  C CB  . SER A 1 54  ? -9.600  -2.677  -0.478  1.00 13.51 ? 52  SER A CB  1 
ATOM   430  O OG  . SER A 1 54  ? -8.738  -3.656  -0.986  1.00 15.03 ? 52  SER A OG  1 
ATOM   431  N N   . THR A 1 55  ? -9.171  0.174   1.419   1.00 13.93 ? 53  THR A N   1 
ATOM   432  C CA  . THR A 1 55  ? -9.561  1.406   2.023   1.00 13.96 ? 53  THR A CA  1 
ATOM   433  C C   . THR A 1 55  ? -9.109  2.581   1.134   1.00 15.25 ? 53  THR A C   1 
ATOM   434  O O   . THR A 1 55  ? -7.982  2.605   0.599   1.00 15.53 ? 53  THR A O   1 
ATOM   435  C CB  . THR A 1 55  ? -8.895  1.523   3.454   1.00 15.22 ? 53  THR A CB  1 
ATOM   436  O OG1 . THR A 1 55  ? -9.324  0.422   4.262   1.00 17.36 ? 53  THR A OG1 1 
ATOM   437  C CG2 . THR A 1 55  ? -9.235  2.789   4.109   1.00 17.31 ? 53  THR A CG2 1 
ATOM   438  N N   . VAL A 1 56  ? -9.938  3.632   1.056   1.00 14.99 ? 54  VAL A N   1 
ATOM   439  C CA  . VAL A 1 56  ? -9.569  4.840   0.417   1.00 15.27 ? 54  VAL A CA  1 
ATOM   440  C C   . VAL A 1 56  ? -9.459  6.008   1.393   1.00 16.39 ? 54  VAL A C   1 
ATOM   441  O O   . VAL A 1 56  ? -10.172 6.047   2.473   1.00 15.35 ? 54  VAL A O   1 
ATOM   442  C CB  . VAL A 1 56  ? -10.539 5.217   -0.754  1.00 14.52 ? 54  VAL A CB  1 
ATOM   443  C CG1 . VAL A 1 56  ? -10.462 4.246   -1.917  1.00 16.12 ? 54  VAL A CG1 1 
ATOM   444  C CG2 . VAL A 1 56  ? -11.966 5.374   -0.244  1.00 14.35 ? 54  VAL A CG2 1 
ATOM   445  N N   . ALA A 1 57  ? -8.618  6.972   1.071   1.00 15.17 ? 55  ALA A N   1 
ATOM   446  C CA  . ALA A 1 57  ? -8.541  8.256   1.771   1.00 16.58 ? 55  ALA A CA  1 
ATOM   447  C C   . ALA A 1 57  ? -9.094  9.346   0.880   1.00 17.07 ? 55  ALA A C   1 
ATOM   448  O O   . ALA A 1 57  ? -8.828  9.360   -0.348  1.00 17.86 ? 55  ALA A O   1 
ATOM   449  C CB  . ALA A 1 57  ? -7.101  8.591   2.127   1.00 18.57 ? 55  ALA A CB  1 
ATOM   450  N N   . VAL A 1 58  ? -9.878  10.221  1.508   1.00 17.54 ? 56  VAL A N   1 
ATOM   451  C CA  . VAL A 1 58  ? -10.638 11.275  0.815   1.00 17.89 ? 56  VAL A CA  1 
ATOM   452  C C   . VAL A 1 58  ? -10.315 12.657  1.386   1.00 18.44 ? 56  VAL A C   1 
ATOM   453  O O   . VAL A 1 58  ? -10.239 12.822  2.606   1.00 18.59 ? 56  VAL A O   1 
ATOM   454  C CB  . VAL A 1 58  ? -12.136 10.980  0.972   1.00 18.01 ? 56  VAL A CB  1 
ATOM   455  C CG1 . VAL A 1 58  ? -12.995 12.086  0.342   1.00 18.51 ? 56  VAL A CG1 1 
ATOM   456  C CG2 . VAL A 1 58  ? -12.472 9.650   0.341   1.00 18.42 ? 56  VAL A CG2 1 
ATOM   457  N N   . HIS A 1 59  ? -10.118 13.617  0.502   1.00 19.06 ? 57  HIS A N   1 
ATOM   458  C CA  . HIS A 1 59  ? -9.991  15.013  0.896   1.00 20.02 ? 57  HIS A CA  1 
ATOM   459  C C   . HIS A 1 59  ? -10.714 15.875  -0.097  1.00 19.91 ? 57  HIS A C   1 
ATOM   460  O O   . HIS A 1 59  ? -10.537 15.717  -1.282  1.00 21.71 ? 57  HIS A O   1 
ATOM   461  C CB  . HIS A 1 59  ? -8.510  15.406  0.997   1.00 23.16 ? 57  HIS A CB  1 
ATOM   462  C CG  . HIS A 1 59  ? -8.275  16.881  1.059   1.00 25.34 ? 57  HIS A CG  1 
ATOM   463  N ND1 . HIS A 1 59  ? -8.267  17.585  2.233   1.00 30.61 ? 57  HIS A ND1 1 
ATOM   464  C CD2 . HIS A 1 59  ? -8.017  17.767  0.082   1.00 25.96 ? 57  HIS A CD2 1 
ATOM   465  C CE1 . HIS A 1 59  ? -8.048  18.854  1.976   1.00 28.12 ? 57  HIS A CE1 1 
ATOM   466  N NE2 . HIS A 1 59  ? -7.882  18.992  0.680   1.00 30.43 ? 57  HIS A NE2 1 
ATOM   467  N N   . ASP A 1 60  ? -11.552 16.782  0.440   1.00 23.83 ? 58  ASP A N   1 
ATOM   468  C CA  . ASP A 1 60  ? -12.274 17.775  -0.399  1.00 25.35 ? 58  ASP A CA  1 
ATOM   469  C C   . ASP A 1 60  ? -12.985 17.099  -1.556  1.00 23.81 ? 58  ASP A C   1 
ATOM   470  O O   . ASP A 1 60  ? -12.934 17.530  -2.726  1.00 24.78 ? 58  ASP A O   1 
ATOM   471  C CB  . ASP A 1 60  ? -11.321 18.821  -0.939  1.00 29.28 ? 58  ASP A CB  1 
ATOM   472  C CG  . ASP A 1 60  ? -12.055 19.952  -1.630  1.00 35.22 ? 58  ASP A CG  1 
ATOM   473  O OD1 . ASP A 1 60  ? -13.191 20.242  -1.189  1.00 34.55 ? 58  ASP A OD1 1 
ATOM   474  O OD2 . ASP A 1 60  ? -11.508 20.468  -2.630  1.00 41.41 ? 58  ASP A OD2 1 
ATOM   475  N N   . GLY A 1 61  ? -13.599 15.986  -1.215  1.00 22.74 ? 59  GLY A N   1 
ATOM   476  C CA  . GLY A 1 61  ? -14.410 15.219  -2.188  1.00 22.55 ? 59  GLY A CA  1 
ATOM   477  C C   . GLY A 1 61  ? -13.648 14.355  -3.175  1.00 23.05 ? 59  GLY A C   1 
ATOM   478  O O   . GLY A 1 61  ? -14.241 13.771  -4.067  1.00 23.67 ? 59  GLY A O   1 
ATOM   479  N N   . GLN A 1 62  ? -12.324 14.247  -3.031  1.00 19.02 ? 60  GLN A N   1 
ATOM   480  C CA  . GLN A 1 62  ? -11.486 13.509  -3.988  1.00 19.68 ? 60  GLN A CA  1 
ATOM   481  C C   . GLN A 1 62  ? -10.889 12.292  -3.305  1.00 17.64 ? 60  GLN A C   1 
ATOM   482  O O   . GLN A 1 62  ? -10.383 12.394  -2.165  1.00 16.77 ? 60  GLN A O   1 
ATOM   483  C CB  . GLN A 1 62  ? -10.350 14.368  -4.531  1.00 24.01 ? 60  GLN A CB  1 
ATOM   484  C CG  . GLN A 1 62  ? -10.772 15.718  -5.115  1.00 28.30 ? 60  GLN A CG  1 
ATOM   485  C CD  . GLN A 1 62  ? -11.801 15.586  -6.186  1.00 37.58 ? 60  GLN A CD  1 
ATOM   486  O OE1 . GLN A 1 62  ? -11.625 14.832  -7.163  1.00 46.21 ? 60  GLN A OE1 1 
ATOM   487  N NE2 . GLN A 1 62  ? -12.916 16.311  -6.020  1.00 40.30 ? 60  GLN A NE2 1 
ATOM   488  N N   . VAL A 1 63  ? -10.996 11.162  -3.941  1.00 17.54 ? 61  VAL A N   1 
ATOM   489  C CA  . VAL A 1 63  ? -10.227 9.975   -3.532  1.00 16.82 ? 61  VAL A CA  1 
ATOM   490  C C   . VAL A 1 63  ? -8.764  10.225  -3.884  1.00 17.20 ? 61  VAL A C   1 
ATOM   491  O O   . VAL A 1 63  ? -8.412  10.379  -5.085  1.00 17.43 ? 61  VAL A O   1 
ATOM   492  C CB  . VAL A 1 63  ? -10.736 8.694   -4.234  1.00 17.48 ? 61  VAL A CB  1 
ATOM   493  C CG1 . VAL A 1 63  ? -9.821  7.511   -3.942  1.00 18.68 ? 61  VAL A CG1 1 
ATOM   494  C CG2 . VAL A 1 63  ? -12.171 8.389   -3.816  1.00 18.41 ? 61  VAL A CG2 1 
ATOM   495  N N   . LEU A 1 64  ? -7.912  10.240  -2.848  1.00 16.61 ? 62  LEU A N   1 
ATOM   496  C CA  . LEU A 1 64  ? -6.477  10.583  -3.015  1.00 17.04 ? 62  LEU A CA  1 
ATOM   497  C C   . LEU A 1 64  ? -5.565  9.447   -2.675  1.00 16.41 ? 62  LEU A C   1 
ATOM   498  O O   . LEU A 1 64  ? -4.370  9.496   -2.966  1.00 16.97 ? 62  LEU A O   1 
ATOM   499  C CB  . LEU A 1 64  ? -6.076  11.795  -2.170  1.00 18.47 ? 62  LEU A CB  1 
ATOM   500  C CG  . LEU A 1 64  ? -6.769  13.160  -2.428  1.00 19.72 ? 62  LEU A CG  1 
ATOM   501  C CD1 . LEU A 1 64  ? -6.125  14.182  -1.530  1.00 21.51 ? 62  LEU A CD1 1 
ATOM   502  C CD2 . LEU A 1 64  ? -6.742  13.528  -3.887  1.00 21.89 ? 62  LEU A CD2 1 
ATOM   503  N N   . GLY A 1 65  ? -6.075  8.423   -2.009  1.00 15.10 ? 63  GLY A N   1 
ATOM   504  C CA  . GLY A 1 65  ? -5.226  7.307   -1.631  1.00 15.68 ? 63  GLY A CA  1 
ATOM   505  C C   . GLY A 1 65  ? -5.970  6.018   -1.499  1.00 14.17 ? 63  GLY A C   1 
ATOM   506  O O   . GLY A 1 65  ? -7.187  5.994   -1.320  1.00 14.92 ? 63  GLY A O   1 
ATOM   507  N N   . PHE A 1 66  ? -5.243  4.914   -1.601  1.00 13.31 ? 64  PHE A N   1 
ATOM   508  C CA  . PHE A 1 66  ? -5.774  3.564   -1.492  1.00 13.28 ? 64  PHE A CA  1 
ATOM   509  C C   . PHE A 1 66  ? -4.728  2.644   -0.867  1.00 14.57 ? 64  PHE A C   1 
ATOM   510  O O   . PHE A 1 66  ? -3.512  2.803   -1.095  1.00 14.88 ? 64  PHE A O   1 
ATOM   511  C CB  . PHE A 1 66  ? -6.092  3.082   -2.900  1.00 14.33 ? 64  PHE A CB  1 
ATOM   512  C CG  . PHE A 1 66  ? -6.555  1.648   -2.982  1.00 13.86 ? 64  PHE A CG  1 
ATOM   513  C CD1 . PHE A 1 66  ? -7.931  1.295   -2.891  1.00 14.46 ? 64  PHE A CD1 1 
ATOM   514  C CD2 . PHE A 1 66  ? -5.670  0.622   -3.187  1.00 12.99 ? 64  PHE A CD2 1 
ATOM   515  C CE1 . PHE A 1 66  ? -8.326  -0.020  -3.008  1.00 14.93 ? 64  PHE A CE1 1 
ATOM   516  C CE2 . PHE A 1 66  ? -6.073  -0.695  -3.352  1.00 13.22 ? 64  PHE A CE2 1 
ATOM   517  C CZ  . PHE A 1 66  ? -7.406  -1.044  -3.217  1.00 14.03 ? 64  PHE A CZ  1 
ATOM   518  N N   . ALA A 1 67  ? -5.183  1.686   -0.043  1.00 14.18 ? 65  ALA A N   1 
ATOM   519  C CA  . ALA A 1 67  ? -4.286  0.634   0.435   1.00 15.24 ? 65  ALA A CA  1 
ATOM   520  C C   . ALA A 1 67  ? -5.099  -0.598  0.820   1.00 14.31 ? 65  ALA A C   1 
ATOM   521  O O   . ALA A 1 67  ? -6.327  -0.508  0.981   1.00 14.24 ? 65  ALA A O   1 
ATOM   522  C CB  . ALA A 1 67  ? -3.555  1.152   1.675   1.00 15.84 ? 65  ALA A CB  1 
ATOM   523  N N   . ASN A 1 68  ? -4.407  -1.705  1.024   1.00 14.22 ? 66  ASN A N   1 
ATOM   524  C CA  . ASN A 1 68  ? -5.039  -2.905  1.545   1.00 14.31 ? 66  ASN A CA  1 
ATOM   525  C C   . ASN A 1 68  ? -3.994  -3.797  2.235   1.00 15.71 ? 66  ASN A C   1 
ATOM   526  O O   . ASN A 1 68  ? -2.820  -3.391  2.353   1.00 15.54 ? 66  ASN A O   1 
ATOM   527  C CB  . ASN A 1 68  ? -5.776  -3.632  0.400   1.00 14.57 ? 66  ASN A CB  1 
ATOM   528  C CG  . ASN A 1 68  ? -4.877  -4.008  -0.753  1.00 13.97 ? 66  ASN A CG  1 
ATOM   529  O OD1 . ASN A 1 68  ? -3.704  -4.346  -0.573  1.00 13.64 ? 66  ASN A OD1 1 
ATOM   530  N ND2 . ASN A 1 68  ? -5.445  -3.989  -2.001  1.00 15.13 ? 66  ASN A ND2 1 
ATOM   531  N N   . PHE A 1 69  ? -4.450  -4.968  2.692   1.00 15.90 ? 67  PHE A N   1 
ATOM   532  C CA  . PHE A 1 69  ? -3.551  -5.974  3.213   1.00 14.38 ? 67  PHE A CA  1 
ATOM   533  C C   . PHE A 1 69  ? -3.413  -7.138  2.263   1.00 14.85 ? 67  PHE A C   1 
ATOM   534  O O   . PHE A 1 69  ? -4.445  -7.686  1.839   1.00 16.75 ? 67  PHE A O   1 
ATOM   535  C CB  . PHE A 1 69  ? -4.124  -6.557  4.533   1.00 15.47 ? 67  PHE A CB  1 
ATOM   536  C CG  . PHE A 1 69  ? -4.234  -5.580  5.676   1.00 15.29 ? 67  PHE A CG  1 
ATOM   537  C CD1 . PHE A 1 69  ? -3.181  -4.728  6.010   1.00 17.12 ? 67  PHE A CD1 1 
ATOM   538  C CD2 . PHE A 1 69  ? -5.392  -5.554  6.427   1.00 17.23 ? 67  PHE A CD2 1 
ATOM   539  C CE1 . PHE A 1 69  ? -3.297  -3.814  7.044   1.00 17.95 ? 67  PHE A CE1 1 
ATOM   540  C CE2 . PHE A 1 69  ? -5.543  -4.660  7.474   1.00 18.14 ? 67  PHE A CE2 1 
ATOM   541  C CZ  . PHE A 1 69  ? -4.496  -3.805  7.794   1.00 17.39 ? 67  PHE A CZ  1 
ATOM   542  N N   . TYR A 1 70  ? -2.177  -7.622  1.964   1.00 15.24 ? 68  TYR A N   1 
ATOM   543  C CA  . TYR A 1 70  ? -2.041  -8.833  1.165   1.00 18.00 ? 68  TYR A CA  1 
ATOM   544  C C   . TYR A 1 70  ? -1.740  -10.055 2.033   1.00 18.10 ? 68  TYR A C   1 
ATOM   545  O O   . TYR A 1 70  ? -1.778  -11.173 1.555   1.00 19.53 ? 68  TYR A O   1 
ATOM   546  C CB  . TYR A 1 70  ? -1.052  -8.723  0.001   1.00 17.43 ? 68  TYR A CB  1 
ATOM   547  C CG  . TYR A 1 70  ? 0.345   -8.389  0.371   1.00 17.80 ? 68  TYR A CG  1 
ATOM   548  C CD1 . TYR A 1 70  ? 0.713   -7.108  0.573   1.00 20.27 ? 68  TYR A CD1 1 
ATOM   549  C CD2 . TYR A 1 70  ? 1.300   -9.416  0.622   1.00 18.42 ? 68  TYR A CD2 1 
ATOM   550  C CE1 . TYR A 1 70  ? 2.034   -6.771  0.884   1.00 20.38 ? 68  TYR A CE1 1 
ATOM   551  C CE2 . TYR A 1 70  ? 2.619   -9.103  0.942   1.00 20.44 ? 68  TYR A CE2 1 
ATOM   552  C CZ  . TYR A 1 70  ? 2.982   -7.767  1.096   1.00 20.29 ? 68  TYR A CZ  1 
ATOM   553  O OH  . TYR A 1 70  ? 4.282   -7.374  1.425   1.00 24.04 ? 68  TYR A OH  1 
ATOM   554  N N   . GLN A 1 71  ? -1.351  -9.804  3.280   1.00 17.84 ? 69  GLN A N   1 
ATOM   555  C CA  . GLN A 1 71  ? -1.296  -10.890 4.298   1.00 17.72 ? 69  GLN A CA  1 
ATOM   556  C C   . GLN A 1 71  ? -1.949  -10.386 5.563   1.00 17.21 ? 69  GLN A C   1 
ATOM   557  O O   . GLN A 1 71  ? -1.966  -9.237  5.887   1.00 16.90 ? 69  GLN A O   1 
ATOM   558  C CB  . GLN A 1 71  ? 0.141   -11.317 4.637   1.00 19.25 ? 69  GLN A CB  1 
ATOM   559  C CG  . GLN A 1 71  ? 0.940   -11.783 3.441   1.00 21.12 ? 69  GLN A CG  1 
ATOM   560  C CD  . GLN A 1 71  ? 2.439   -11.957 3.676   1.00 26.59 ? 69  GLN A CD  1 
ATOM   561  O OE1 . GLN A 1 71  ? 3.023   -11.414 4.603   1.00 27.00 ? 69  GLN A OE1 1 
ATOM   562  N NE2 . GLN A 1 71  ? 3.093   -12.660 2.726   1.00 28.55 ? 69  GLN A NE2 1 
ATOM   563  N N   . TRP A 1 72  ? -2.591  -11.336 6.260   1.00 17.85 ? 70  TRP A N   1 
ATOM   564  C CA  . TRP A 1 72  ? -3.283  -11.049 7.486   1.00 19.66 ? 70  TRP A CA  1 
ATOM   565  C C   . TRP A 1 72  ? -3.316  -12.375 8.269   1.00 21.05 ? 70  TRP A C   1 
ATOM   566  O O   . TRP A 1 72  ? -3.617  -13.437 7.715   1.00 22.34 ? 70  TRP A O   1 
ATOM   567  C CB  . TRP A 1 72  ? -4.726  -10.481 7.273   1.00 19.98 ? 70  TRP A CB  1 
ATOM   568  C CG  . TRP A 1 72  ? -5.578  -11.418 6.424   1.00 20.93 ? 70  TRP A CG  1 
ATOM   569  C CD1 . TRP A 1 72  ? -6.476  -12.379 6.851   1.00 22.88 ? 70  TRP A CD1 1 
ATOM   570  C CD2 . TRP A 1 72  ? -5.623  -11.469 4.985   1.00 20.45 ? 70  TRP A CD2 1 
ATOM   571  N NE1 . TRP A 1 72  ? -7.019  -13.040 5.775   1.00 22.77 ? 70  TRP A NE1 1 
ATOM   572  C CE2 . TRP A 1 72  ? -6.571  -12.441 4.623   1.00 21.19 ? 70  TRP A CE2 1 
ATOM   573  C CE3 . TRP A 1 72  ? -5.037  -10.699 3.963   1.00 18.69 ? 70  TRP A CE3 1 
ATOM   574  C CZ2 . TRP A 1 72  ? -6.830  -12.793 3.306   1.00 21.80 ? 70  TRP A CZ2 1 
ATOM   575  C CZ3 . TRP A 1 72  ? -5.340  -11.016 2.664   1.00 19.50 ? 70  TRP A CZ3 1 
ATOM   576  C CH2 . TRP A 1 72  ? -6.185  -12.087 2.322   1.00 19.46 ? 70  TRP A CH2 1 
ATOM   577  N N   . GLN A 1 73  ? -3.012  -12.294 9.563   1.00 19.94 ? 71  GLN A N   1 
ATOM   578  C CA  . GLN A 1 73  ? -2.890  -13.489 10.398  1.00 21.45 ? 71  GLN A CA  1 
ATOM   579  C C   . GLN A 1 73  ? -3.371  -13.004 11.772  1.00 19.47 ? 71  GLN A C   1 
ATOM   580  O O   . GLN A 1 73  ? -2.726  -12.224 12.462  1.00 18.83 ? 71  GLN A O   1 
ATOM   581  C CB  . GLN A 1 73  ? -1.448  -14.014 10.464  1.00 24.04 ? 71  GLN A CB  1 
ATOM   582  C CG  . GLN A 1 73  ? -0.891  -14.537 9.120   1.00 29.23 ? 71  GLN A CG  1 
ATOM   583  C CD  . GLN A 1 73  ? -1.612  -15.775 8.538   1.00 35.71 ? 71  GLN A CD  1 
ATOM   584  O OE1 . GLN A 1 73  ? -1.843  -15.855 7.316   1.00 39.77 ? 71  GLN A OE1 1 
ATOM   585  N NE2 . GLN A 1 73  ? -1.943  -16.736 9.382   1.00 37.62 ? 71  GLN A NE2 1 
ATOM   586  N N   . HIS A 1 74  ? -4.589  -13.400 12.110  1.00 20.01 ? 72  HIS A N   1 
ATOM   587  C CA  . HIS A 1 74  ? -5.262  -12.959 13.294  1.00 20.33 ? 72  HIS A CA  1 
ATOM   588  C C   . HIS A 1 74  ? -4.435  -13.229 14.564  1.00 18.89 ? 72  HIS A C   1 
ATOM   589  O O   . HIS A 1 74  ? -3.871  -14.291 14.729  1.00 20.76 ? 72  HIS A O   1 
ATOM   590  C CB  . HIS A 1 74  ? -6.640  -13.652 13.441  1.00 24.02 ? 72  HIS A CB  1 
ATOM   591  C CG  . HIS A 1 74  ? -7.511  -13.047 14.492  1.00 27.52 ? 72  HIS A CG  1 
ATOM   592  N ND1 . HIS A 1 74  ? -8.402  -12.033 14.217  1.00 30.85 ? 72  HIS A ND1 1 
ATOM   593  C CD2 . HIS A 1 74  ? -7.610  -13.290 15.825  1.00 30.78 ? 72  HIS A CD2 1 
ATOM   594  C CE1 . HIS A 1 74  ? -9.008  -11.673 15.338  1.00 31.56 ? 72  HIS A CE1 1 
ATOM   595  N NE2 . HIS A 1 74  ? -8.565  -12.441 16.321  1.00 31.62 ? 72  HIS A NE2 1 
ATOM   596  N N   . GLY A 1 75  ? -4.357  -12.215 15.396  1.00 18.44 ? 73  GLY A N   1 
ATOM   597  C CA  . GLY A 1 75  ? -3.508  -12.236 16.616  1.00 17.97 ? 73  GLY A CA  1 
ATOM   598  C C   . GLY A 1 75  ? -2.014  -12.046 16.404  1.00 18.05 ? 73  GLY A C   1 
ATOM   599  O O   . GLY A 1 75  ? -1.205  -12.136 17.339  1.00 18.97 ? 73  GLY A O   1 
ATOM   600  N N   . ASP A 1 76  ? -1.593  -11.806 15.143  1.00 17.06 ? 74  ASP A N   1 
ATOM   601  C CA  . ASP A 1 76  ? -0.197  -11.889 14.750  1.00 17.14 ? 74  ASP A CA  1 
ATOM   602  C C   . ASP A 1 76  ? 0.236   -10.640 14.021  1.00 15.19 ? 74  ASP A C   1 
ATOM   603  O O   . ASP A 1 76  ? 0.829   -9.721  14.608  1.00 17.02 ? 74  ASP A O   1 
ATOM   604  C CB  . ASP A 1 76  ? 0.057   -13.176 13.984  1.00 17.14 ? 74  ASP A CB  1 
ATOM   605  C CG  . ASP A 1 76  ? 1.521   -13.533 13.826  1.00 18.18 ? 74  ASP A CG  1 
ATOM   606  O OD1 . ASP A 1 76  ? 2.382   -12.810 14.317  1.00 20.47 ? 74  ASP A OD1 1 
ATOM   607  O OD2 . ASP A 1 76  ? 1.777   -14.598 13.238  1.00 22.89 ? 74  ASP A OD2 1 
ATOM   608  N N   . PHE A 1 77  ? -0.045  -10.592 12.697  1.00 17.10 ? 75  PHE A N   1 
ATOM   609  C CA  . PHE A 1 77  ? 0.398   -9.448  11.928  1.00 16.42 ? 75  PHE A CA  1 
ATOM   610  C C   . PHE A 1 77  ? -0.488  -9.239  10.700  1.00 16.17 ? 75  PHE A C   1 
ATOM   611  O O   . PHE A 1 77  ? -1.183  -10.150 10.289  1.00 15.97 ? 75  PHE A O   1 
ATOM   612  C CB  . PHE A 1 77  ? 1.890   -9.649  11.432  1.00 17.58 ? 75  PHE A CB  1 
ATOM   613  C CG  . PHE A 1 77  ? 2.021   -10.707 10.395  1.00 17.90 ? 75  PHE A CG  1 
ATOM   614  C CD1 . PHE A 1 77  ? 2.206   -12.032 10.734  1.00 20.38 ? 75  PHE A CD1 1 
ATOM   615  C CD2 . PHE A 1 77  ? 1.982   -10.381 9.034   1.00 20.60 ? 75  PHE A CD2 1 
ATOM   616  C CE1 . PHE A 1 77  ? 2.312   -13.021 9.765   1.00 21.88 ? 75  PHE A CE1 1 
ATOM   617  C CE2 . PHE A 1 77  ? 2.088   -11.356 8.062   1.00 22.05 ? 75  PHE A CE2 1 
ATOM   618  C CZ  . PHE A 1 77  ? 2.249   -12.697 8.427   1.00 22.97 ? 75  PHE A CZ  1 
ATOM   619  N N   . CYS A 1 78  ? -0.369  -8.074  10.076  1.00 15.82 ? 76  CYS A N   1 
ATOM   620  C CA  . CYS A 1 78  ? -0.833  -7.882  8.686   1.00 14.85 ? 76  CYS A CA  1 
ATOM   621  C C   . CYS A 1 78  ? 0.333   -7.348  7.867   1.00 13.95 ? 76  CYS A C   1 
ATOM   622  O O   . CYS A 1 78  ? 1.265   -6.765  8.455   1.00 16.53 ? 76  CYS A O   1 
ATOM   623  C CB  . CYS A 1 78  ? -1.995  -6.900  8.573   1.00 14.43 ? 76  CYS A CB  1 
ATOM   624  S SG  . CYS A 1 78  ? -3.439  -7.540  9.554   1.00 18.00 ? 76  CYS A SG  1 
ATOM   625  N N   . ALA A 1 79  ? 0.216   -7.433  6.528   1.00 16.29 ? 77  ALA A N   1 
ATOM   626  C CA  . ALA A 1 79  ? 1.227   -6.909  5.644   1.00 16.05 ? 77  ALA A CA  1 
ATOM   627  C C   . ALA A 1 79  ? 0.490   -5.967  4.705   1.00 14.97 ? 77  ALA A C   1 
ATOM   628  O O   . ALA A 1 79  ? -0.475  -6.365  4.058   1.00 15.29 ? 77  ALA A O   1 
ATOM   629  C CB  . ALA A 1 79  ? 1.926   -7.955  4.810   1.00 16.49 ? 77  ALA A CB  1 
ATOM   630  N N   A LEU A 1 80  ? 0.986   -4.752  4.635   0.50 16.54 ? 78  LEU A N   1 
ATOM   631  N N   B LEU A 1 80  ? 0.994   -4.754  4.639   0.50 16.27 ? 78  LEU A N   1 
ATOM   632  C CA  A LEU A 1 80  ? 0.371   -3.654  3.894   0.50 17.38 ? 78  LEU A CA  1 
ATOM   633  C CA  B LEU A 1 80  ? 0.384   -3.662  3.889   0.50 16.93 ? 78  LEU A CA  1 
ATOM   634  C C   A LEU A 1 80  ? 0.867   -3.565  2.477   0.50 18.89 ? 78  LEU A C   1 
ATOM   635  C C   B LEU A 1 80  ? 0.853   -3.653  2.461   0.50 18.55 ? 78  LEU A C   1 
ATOM   636  O O   A LEU A 1 80  ? 2.088   -3.513  2.249   0.50 20.59 ? 78  LEU A O   1 
ATOM   637  O O   B LEU A 1 80  ? 2.040   -3.770  2.199   0.50 20.90 ? 78  LEU A O   1 
ATOM   638  C CB  A LEU A 1 80  ? 0.749   -2.366  4.596   0.50 19.60 ? 78  LEU A CB  1 
ATOM   639  C CB  B LEU A 1 80  ? 0.777   -2.336  4.521   0.50 18.71 ? 78  LEU A CB  1 
ATOM   640  C CG  A LEU A 1 80  ? 0.034   -1.039  4.417   0.50 21.62 ? 78  LEU A CG  1 
ATOM   641  C CG  B LEU A 1 80  ? 0.309   -1.058  3.823   0.50 20.02 ? 78  LEU A CG  1 
ATOM   642  C CD1 A LEU A 1 80  ? -1.448  -1.195  4.214   0.50 22.03 ? 78  LEU A CD1 1 
ATOM   643  C CD1 B LEU A 1 80  ? -1.129  -0.873  4.218   0.50 19.78 ? 78  LEU A CD1 1 
ATOM   644  C CD2 A LEU A 1 80  ? 0.408   -0.244  5.679   0.50 20.88 ? 78  LEU A CD2 1 
ATOM   645  C CD2 B LEU A 1 80  ? 1.112   0.172   4.265   0.50 21.31 ? 78  LEU A CD2 1 
ATOM   646  N N   . GLY A 1 81  ? -0.057  -3.437  1.526   1.00 17.61 ? 79  GLY A N   1 
ATOM   647  C CA  . GLY A 1 81  ? 0.347   -3.307  0.109   1.00 18.23 ? 79  GLY A CA  1 
ATOM   648  C C   . GLY A 1 81  ? -0.664  -2.538  -0.674  1.00 17.20 ? 79  GLY A C   1 
ATOM   649  O O   . GLY A 1 81  ? -1.552  -1.920  -0.165  1.00 16.27 ? 79  GLY A O   1 
ATOM   650  N N   . ASN A 1 82  ? -0.392  -2.480  -1.994  1.00 17.17 ? 80  ASN A N   1 
ATOM   651  C CA  . ASN A 1 82  ? -1.164  -1.694  -2.952  1.00 15.26 ? 80  ASN A CA  1 
ATOM   652  C C   . ASN A 1 82  ? -1.342  -0.286  -2.516  1.00 18.06 ? 80  ASN A C   1 
ATOM   653  O O   . ASN A 1 82  ? -2.388  0.328   -2.829  1.00 17.12 ? 80  ASN A O   1 
ATOM   654  C CB  . ASN A 1 82  ? -2.549  -2.326  -3.256  1.00 15.69 ? 80  ASN A CB  1 
ATOM   655  C CG  . ASN A 1 82  ? -2.552  -3.565  -4.133  1.00 17.35 ? 80  ASN A CG  1 
ATOM   656  O OD1 . ASN A 1 82  ? -3.596  -4.211  -4.220  1.00 17.64 ? 80  ASN A OD1 1 
ATOM   657  N ND2 . ASN A 1 82  ? -1.418  -3.927  -4.782  1.00 16.13 ? 80  ASN A ND2 1 
ATOM   658  N N   . MET A 1 83  ? -0.362  0.286   -1.843  1.00 17.28 ? 81  MET A N   1 
ATOM   659  C CA  A MET A 1 83  ? -0.475  1.724   -1.557  0.50 18.39 ? 81  MET A CA  1 
ATOM   660  C CA  B MET A 1 83  ? -0.456  1.720   -1.548  0.50 17.83 ? 81  MET A CA  1 
ATOM   661  C C   . MET A 1 83  ? -0.238  2.687   -2.769  1.00 19.24 ? 81  MET A C   1 
ATOM   662  O O   . MET A 1 83  ? 0.849   2.777   -3.434  1.00 21.33 ? 81  MET A O   1 
ATOM   663  C CB  A MET A 1 83  ? 0.351   2.141   -0.372  0.50 22.99 ? 81  MET A CB  1 
ATOM   664  C CB  B MET A 1 83  ? 0.434   2.089   -0.386  0.50 21.47 ? 81  MET A CB  1 
ATOM   665  C CG  A MET A 1 83  ? -0.018  3.546   0.111   0.50 27.07 ? 81  MET A CG  1 
ATOM   666  C CG  B MET A 1 83  ? 0.573   3.588   -0.191  0.50 24.60 ? 81  MET A CG  1 
ATOM   667  S SD  A MET A 1 83  ? -0.064  3.628   1.922   0.50 29.60 ? 81  MET A SD  1 
ATOM   668  S SD  B MET A 1 83  ? -0.713  4.214   0.919   0.50 29.98 ? 81  MET A SD  1 
ATOM   669  C CE  A MET A 1 83  ? 0.985   2.224   2.349   0.50 26.14 ? 81  MET A CE  1 
ATOM   670  C CE  B MET A 1 83  ? -0.052  3.480   2.404   0.50 29.72 ? 81  MET A CE  1 
ATOM   671  N N   . MET A 1 84  ? -1.311  3.403   -3.052  1.00 18.42 ? 82  MET A N   1 
ATOM   672  C CA  . MET A 1 84  ? -1.359  4.234   -4.223  1.00 18.37 ? 82  MET A CA  1 
ATOM   673  C C   . MET A 1 84  ? -1.869  5.605   -3.795  1.00 21.03 ? 82  MET A C   1 
ATOM   674  O O   . MET A 1 84  ? -2.807  5.715   -3.017  1.00 18.40 ? 82  MET A O   1 
ATOM   675  C CB  . MET A 1 84  ? -2.258  3.660   -5.308  1.00 20.94 ? 82  MET A CB  1 
ATOM   676  C CG  . MET A 1 84  ? -1.955  2.226   -5.628  1.00 21.18 ? 82  MET A CG  1 
ATOM   677  S SD  . MET A 1 84  ? -2.953  1.616   -7.012  1.00 20.80 ? 82  MET A SD  1 
ATOM   678  C CE  . MET A 1 84  ? -2.701  -0.120  -6.727  1.00 23.38 ? 82  MET A CE  1 
ATOM   679  N N   . VAL A 1 85  ? -1.292  6.650   -4.372  1.00 17.91 ? 83  VAL A N   1 
ATOM   680  C CA  . VAL A 1 85  ? -1.628  8.038   -4.036  1.00 19.00 ? 83  VAL A CA  1 
ATOM   681  C C   . VAL A 1 85  ? -1.775  8.804   -5.350  1.00 17.65 ? 83  VAL A C   1 
ATOM   682  O O   . VAL A 1 85  ? -0.994  8.615   -6.303  1.00 20.54 ? 83  VAL A O   1 
ATOM   683  C CB  . VAL A 1 85  ? -0.571  8.689   -3.103  1.00 18.50 ? 83  VAL A CB  1 
ATOM   684  C CG1 . VAL A 1 85  ? -0.800  10.172  -2.883  1.00 19.49 ? 83  VAL A CG1 1 
ATOM   685  C CG2 . VAL A 1 85  ? -0.523  7.968   -1.754  1.00 20.34 ? 83  VAL A CG2 1 
ATOM   686  N N   . ALA A 1 86  ? -2.765  9.639   -5.435  1.00 21.29 ? 84  ALA A N   1 
ATOM   687  C CA  . ALA A 1 86  ? -3.042  10.433  -6.590  1.00 19.37 ? 84  ALA A CA  1 
ATOM   688  C C   . ALA A 1 86  ? -1.821  11.332  -6.925  1.00 23.35 ? 84  ALA A C   1 
ATOM   689  O O   . ALA A 1 86  ? -1.214  11.915  -6.018  1.00 21.04 ? 84  ALA A O   1 
ATOM   690  C CB  . ALA A 1 86  ? -4.238  11.334  -6.346  1.00 20.23 ? 84  ALA A CB  1 
ATOM   691  N N   . PRO A 1 87  ? -1.529  11.467  -8.228  1.00 23.62 ? 85  PRO A N   1 
ATOM   692  C CA  . PRO A 1 87  ? -0.318  12.225  -8.604  1.00 27.40 ? 85  PRO A CA  1 
ATOM   693  C C   . PRO A 1 87  ? -0.333  13.695  -8.154  1.00 25.87 ? 85  PRO A C   1 
ATOM   694  O O   . PRO A 1 87  ? 0.718   14.223  -7.781  1.00 31.47 ? 85  PRO A O   1 
ATOM   695  C CB  . PRO A 1 87  ? -0.260  12.092  -10.134 1.00 29.00 ? 85  PRO A CB  1 
ATOM   696  C CG  . PRO A 1 87  ? -1.485  11.419  -10.574 1.00 30.35 ? 85  PRO A CG  1 
ATOM   697  C CD  . PRO A 1 87  ? -2.122  10.747  -9.367  1.00 29.33 ? 85  PRO A CD  1 
ATOM   698  N N   . ALA A 1 88  ? -1.502  14.317  -8.088  1.00 27.61 ? 86  ALA A N   1 
ATOM   699  C CA  . ALA A 1 88  ? -1.565  15.702  -7.575  1.00 29.40 ? 86  ALA A CA  1 
ATOM   700  C C   . ALA A 1 88  ? -1.386  15.843  -6.055  1.00 30.34 ? 86  ALA A C   1 
ATOM   701  O O   . ALA A 1 88  ? -1.203  16.961  -5.541  1.00 33.00 ? 86  ALA A O   1 
ATOM   702  C CB  . ALA A 1 88  ? -2.870  16.360  -7.989  1.00 34.18 ? 86  ALA A CB  1 
ATOM   703  N N   . ALA A 1 89  ? -1.444  14.729  -5.300  1.00 24.55 ? 87  ALA A N   1 
ATOM   704  C CA  . ALA A 1 89  ? -1.424  14.786  -3.852  1.00 24.61 ? 87  ALA A CA  1 
ATOM   705  C C   . ALA A 1 89  ? -0.218  14.090  -3.244  1.00 23.42 ? 87  ALA A C   1 
ATOM   706  O O   . ALA A 1 89  ? -0.236  13.718  -2.092  1.00 27.49 ? 87  ALA A O   1 
ATOM   707  C CB  . ALA A 1 89  ? -2.691  14.133  -3.321  1.00 25.26 ? 87  ALA A CB  1 
ATOM   708  N N   . ARG A 1 90  ? 0.878   13.926  -3.997  1.00 23.79 ? 88  ARG A N   1 
ATOM   709  C CA  . ARG A 1 90  ? 2.069   13.255  -3.487  1.00 24.39 ? 88  ARG A CA  1 
ATOM   710  C C   . ARG A 1 90  ? 2.796   14.159  -2.463  1.00 25.39 ? 88  ARG A C   1 
ATOM   711  O O   . ARG A 1 90  ? 2.811   15.369  -2.637  1.00 25.84 ? 88  ARG A O   1 
ATOM   712  C CB  . ARG A 1 90  ? 3.002   12.957  -4.650  1.00 23.33 ? 88  ARG A CB  1 
ATOM   713  C CG  . ARG A 1 90  ? 2.444   12.053  -5.733  1.00 25.07 ? 88  ARG A CG  1 
ATOM   714  C CD  . ARG A 1 90  ? 2.326   10.617  -5.224  1.00 23.72 ? 88  ARG A CD  1 
ATOM   715  N NE  . ARG A 1 90  ? 1.663   9.745   -6.232  1.00 23.10 ? 88  ARG A NE  1 
ATOM   716  C CZ  . ARG A 1 90  ? 2.219   9.207   -7.322  1.00 23.39 ? 88  ARG A CZ  1 
ATOM   717  N NH1 . ARG A 1 90  ? 3.508   9.374   -7.625  1.00 21.98 ? 88  ARG A NH1 1 
ATOM   718  N NH2 . ARG A 1 90  ? 1.449   8.452   -8.131  1.00 20.26 ? 88  ARG A NH2 1 
ATOM   719  N N   . GLY A 1 91  ? 3.306   13.546  -1.402  1.00 24.51 ? 89  GLY A N   1 
ATOM   720  C CA  . GLY A 1 91  ? 4.089   14.264  -0.384  1.00 25.15 ? 89  GLY A CA  1 
ATOM   721  C C   . GLY A 1 91  ? 3.291   15.148  0.545   1.00 27.16 ? 89  GLY A C   1 
ATOM   722  O O   . GLY A 1 91  ? 3.895   15.936  1.311   1.00 25.46 ? 89  GLY A O   1 
ATOM   723  N N   . LEU A 1 92  ? 1.948   15.035  0.494   1.00 24.19 ? 90  LEU A N   1 
ATOM   724  C CA  . LEU A 1 92  ? 0.993   15.806  1.352   1.00 24.62 ? 90  LEU A CA  1 
ATOM   725  C C   . LEU A 1 92  ? 0.437   15.081  2.544   1.00 23.30 ? 90  LEU A C   1 
ATOM   726  O O   . LEU A 1 92  ? -0.425  15.585  3.253   1.00 25.67 ? 90  LEU A O   1 
ATOM   727  C CB  . LEU A 1 92  ? -0.155  16.267  0.503   1.00 24.10 ? 90  LEU A CB  1 
ATOM   728  C CG  . LEU A 1 92  ? 0.296   17.087  -0.713  1.00 28.04 ? 90  LEU A CG  1 
ATOM   729  C CD1 . LEU A 1 92  ? -0.949  17.623  -1.376  1.00 29.20 ? 90  LEU A CD1 1 
ATOM   730  C CD2 . LEU A 1 92  ? 1.229   18.228  -0.322  1.00 31.80 ? 90  LEU A CD2 1 
ATOM   731  N N   . GLY A 1 93  ? 1.019   13.950  2.834   1.00 20.48 ? 91  GLY A N   1 
ATOM   732  C CA  . GLY A 1 93  ? 0.638   13.183  4.011   1.00 22.04 ? 91  GLY A CA  1 
ATOM   733  C C   . GLY A 1 93  ? -0.458  12.157  3.785   1.00 19.10 ? 91  GLY A C   1 
ATOM   734  O O   . GLY A 1 93  ? -0.905  11.568  4.735   1.00 19.83 ? 91  GLY A O   1 
ATOM   735  N N   . VAL A 1 94  ? -0.827  11.883  2.545   1.00 18.58 ? 92  VAL A N   1 
ATOM   736  C CA  . VAL A 1 94  ? -1.884  10.913  2.295   1.00 17.77 ? 92  VAL A CA  1 
ATOM   737  C C   . VAL A 1 94  ? -1.420  9.502   2.666   1.00 17.19 ? 92  VAL A C   1 
ATOM   738  O O   . VAL A 1 94  ? -2.136  8.744   3.315   1.00 16.76 ? 92  VAL A O   1 
ATOM   739  C CB  . VAL A 1 94  ? -2.379  10.952  0.830   1.00 19.36 ? 92  VAL A CB  1 
ATOM   740  C CG1 . VAL A 1 94  ? -3.459  9.856   0.605   1.00 19.84 ? 92  VAL A CG1 1 
ATOM   741  C CG2 . VAL A 1 94  ? -2.955  12.313  0.506   1.00 19.02 ? 92  VAL A CG2 1 
ATOM   742  N N   . ALA A 1 95  ? -0.206  9.124   2.278   1.00 18.20 ? 93  ALA A N   1 
ATOM   743  C CA  . ALA A 1 95  ? 0.276   7.776   2.593   1.00 17.22 ? 93  ALA A CA  1 
ATOM   744  C C   . ALA A 1 95  ? 0.459   7.603   4.067   1.00 17.06 ? 93  ALA A C   1 
ATOM   745  O O   . ALA A 1 95  ? 0.039   6.618   4.624   1.00 17.60 ? 93  ALA A O   1 
ATOM   746  C CB  . ALA A 1 95  ? 1.498   7.410   1.757   1.00 18.05 ? 93  ALA A CB  1 
ATOM   747  N N   . ARG A 1 96  ? 1.040   8.609   4.702   1.00 18.44 ? 94  ARG A N   1 
ATOM   748  C CA  A ARG A 1 96  ? 1.229   8.606   6.123   0.80 21.11 ? 94  ARG A CA  1 
ATOM   749  C CA  B ARG A 1 96  ? 1.229   8.597   6.152   0.20 19.19 ? 94  ARG A CA  1 
ATOM   750  C C   . ARG A 1 96  ? -0.111  8.425   6.899   1.00 18.92 ? 94  ARG A C   1 
ATOM   751  O O   . ARG A 1 96  ? -0.288  7.598   7.818   1.00 19.09 ? 94  ARG A O   1 
ATOM   752  C CB  A ARG A 1 96  ? 1.906   9.942   6.435   0.80 25.58 ? 94  ARG A CB  1 
ATOM   753  C CB  B ARG A 1 96  ? 1.908   9.902   6.555   0.20 20.12 ? 94  ARG A CB  1 
ATOM   754  C CG  A ARG A 1 96  ? 2.061   10.281  7.871   0.80 34.37 ? 94  ARG A CG  1 
ATOM   755  C CG  B ARG A 1 96  ? 2.021   10.113  8.040   0.20 21.83 ? 94  ARG A CG  1 
ATOM   756  C CD  A ARG A 1 96  ? 2.590   11.719  7.972   0.80 40.62 ? 94  ARG A CD  1 
ATOM   757  C CD  B ARG A 1 96  ? 2.670   11.459  8.329   0.20 22.97 ? 94  ARG A CD  1 
ATOM   758  N NE  A ARG A 1 96  ? 4.039   11.863  7.770   0.80 47.69 ? 94  ARG A NE  1 
ATOM   759  N NE  B ARG A 1 96  ? 3.732   11.807  7.386   0.20 23.73 ? 94  ARG A NE  1 
ATOM   760  C CZ  A ARG A 1 96  ? 4.661   12.216  6.631   0.80 50.36 ? 94  ARG A CZ  1 
ATOM   761  C CZ  B ARG A 1 96  ? 5.017   11.908  7.727   0.20 24.55 ? 94  ARG A CZ  1 
ATOM   762  N NH1 A ARG A 1 96  ? 4.009   12.423  5.484   0.80 40.71 ? 94  ARG A NH1 1 
ATOM   763  N NH1 B ARG A 1 96  ? 5.931   12.254  6.826   0.20 24.75 ? 94  ARG A NH1 1 
ATOM   764  N NH2 A ARG A 1 96  ? 5.994   12.329  6.636   0.80 53.94 ? 94  ARG A NH2 1 
ATOM   765  N NH2 B ARG A 1 96  ? 5.386   11.659  8.976   0.20 24.47 ? 94  ARG A NH2 1 
ATOM   766  N N   . TYR A 1 97  ? -1.115  9.164   6.443   1.00 18.51 ? 95  TYR A N   1 
ATOM   767  C CA  . TYR A 1 97  ? -2.440  9.052   7.002   1.00 19.23 ? 95  TYR A CA  1 
ATOM   768  C C   . TYR A 1 97  ? -3.001  7.632   6.825   1.00 17.84 ? 95  TYR A C   1 
ATOM   769  O O   . TYR A 1 97  ? -3.506  6.991   7.784   1.00 19.82 ? 95  TYR A O   1 
ATOM   770  C CB  . TYR A 1 97  ? -3.340  10.084  6.344   1.00 18.39 ? 95  TYR A CB  1 
ATOM   771  C CG  . TYR A 1 97  ? -4.794  9.910   6.707   1.00 17.50 ? 95  TYR A CG  1 
ATOM   772  C CD1 . TYR A 1 97  ? -5.303  10.381  7.893   1.00 18.95 ? 95  TYR A CD1 1 
ATOM   773  C CD2 . TYR A 1 97  ? -5.665  9.263   5.814   1.00 17.15 ? 95  TYR A CD2 1 
ATOM   774  C CE1 . TYR A 1 97  ? -6.649  10.231  8.204   1.00 20.73 ? 95  TYR A CE1 1 
ATOM   775  C CE2 . TYR A 1 97  ? -7.011  9.122   6.104   1.00 18.64 ? 95  TYR A CE2 1 
ATOM   776  C CZ  . TYR A 1 97  ? -7.491  9.612   7.296   1.00 21.30 ? 95  TYR A CZ  1 
ATOM   777  O OH  . TYR A 1 97  ? -8.821  9.458   7.629   1.00 23.26 ? 95  TYR A OH  1 
ATOM   778  N N   . LEU A 1 98  ? -2.933  7.112   5.610   1.00 17.99 ? 96  LEU A N   1 
ATOM   779  C CA  . LEU A 1 98  ? -3.484  5.782   5.330   1.00 19.48 ? 96  LEU A CA  1 
ATOM   780  C C   . LEU A 1 98  ? -2.771  4.690   6.092   1.00 15.56 ? 96  LEU A C   1 
ATOM   781  O O   . LEU A 1 98  ? -3.409  3.757   6.567   1.00 16.49 ? 96  LEU A O   1 
ATOM   782  C CB  . LEU A 1 98  ? -3.506  5.473   3.834   1.00 23.56 ? 96  LEU A CB  1 
ATOM   783  C CG  . LEU A 1 98  ? -4.880  5.535   3.202   1.00 28.81 ? 96  LEU A CG  1 
ATOM   784  C CD1 . LEU A 1 98  ? -4.760  4.988   1.784   1.00 28.30 ? 96  LEU A CD1 1 
ATOM   785  C CD2 . LEU A 1 98  ? -6.011  4.853   3.940   1.00 27.71 ? 96  LEU A CD2 1 
ATOM   786  N N   . ILE A 1 99  ? -1.462  4.815   6.231   1.00 15.46 ? 97  ILE A N   1 
ATOM   787  C CA  . ILE A 1 99  ? -0.694  3.886   7.042   1.00 16.19 ? 97  ILE A CA  1 
ATOM   788  C C   . ILE A 1 99  ? -1.235  3.841   8.463   1.00 16.20 ? 97  ILE A C   1 
ATOM   789  O O   . ILE A 1 99  ? -1.445  2.752   9.004   1.00 17.91 ? 97  ILE A O   1 
ATOM   790  C CB  . ILE A 1 99  ? 0.813   4.185   6.985   1.00 17.17 ? 97  ILE A CB  1 
ATOM   791  C CG1 . ILE A 1 99  ? 1.304   3.943   5.552   1.00 18.49 ? 97  ILE A CG1 1 
ATOM   792  C CG2 . ILE A 1 99  ? 1.534   3.272   7.980   1.00 18.95 ? 97  ILE A CG2 1 
ATOM   793  C CD1 . ILE A 1 99  ? 2.636   4.560   5.234   1.00 20.27 ? 97  ILE A CD1 1 
ATOM   794  N N   . GLY A 1 100 ? -1.439  5.013   9.017   1.00 16.15 ? 98  GLY A N   1 
ATOM   795  C CA  . GLY A 1 100 ? -2.042  5.097   10.377  1.00 18.32 ? 98  GLY A CA  1 
ATOM   796  C C   . GLY A 1 100 ? -3.387  4.465   10.475  1.00 17.05 ? 98  GLY A C   1 
ATOM   797  O O   . GLY A 1 100 ? -3.688  3.673   11.433  1.00 17.90 ? 98  GLY A O   1 
ATOM   798  N N   . VAL A 1 101 ? -4.237  4.689   9.450   1.00 16.25 ? 99  VAL A N   1 
ATOM   799  C CA  . VAL A 1 101 ? -5.547  4.061   9.428   1.00 17.53 ? 99  VAL A CA  1 
ATOM   800  C C   . VAL A 1 101 ? -5.441  2.546   9.359   1.00 16.61 ? 99  VAL A C   1 
ATOM   801  O O   . VAL A 1 101 ? -6.145  1.771   10.042  1.00 17.11 ? 99  VAL A O   1 
ATOM   802  C CB  . VAL A 1 101 ? -6.368  4.608   8.218   1.00 17.69 ? 99  VAL A CB  1 
ATOM   803  C CG1 . VAL A 1 101 ? -7.598  3.778   7.991   1.00 20.22 ? 99  VAL A CG1 1 
ATOM   804  C CG2 . VAL A 1 101 ? -6.683  6.082   8.403   1.00 18.61 ? 99  VAL A CG2 1 
ATOM   805  N N   . MET A 1 102 ? -4.526  2.052   8.530   1.00 15.94 ? 100 MET A N   1 
ATOM   806  C CA  . MET A 1 102 ? -4.355  0.603   8.345   1.00 15.17 ? 100 MET A CA  1 
ATOM   807  C C   . MET A 1 102 ? -3.749  -0.070  9.599   1.00 14.36 ? 100 MET A C   1 
ATOM   808  O O   . MET A 1 102 ? -4.072  -1.214  9.883   1.00 15.34 ? 100 MET A O   1 
ATOM   809  C CB  . MET A 1 102 ? -3.531  0.325   7.089   1.00 15.95 ? 100 MET A CB  1 
ATOM   810  C CG  . MET A 1 102 ? -4.172  0.827   5.797   1.00 16.35 ? 100 MET A CG  1 
ATOM   811  S SD  . MET A 1 102 ? -5.804  0.130   5.435   1.00 16.75 ? 100 MET A SD  1 
ATOM   812  C CE  . MET A 1 102 ? -5.304  -1.414  4.790   1.00 17.18 ? 100 MET A CE  1 
ATOM   813  N N   . GLU A 1 103 ? -2.869  0.661   10.262  1.00 15.94 ? 101 GLU A N   1 
ATOM   814  C CA  . GLU A 1 103 ? -2.340  0.216   11.619  1.00 14.86 ? 101 GLU A CA  1 
ATOM   815  C C   . GLU A 1 103 ? -3.486  -0.012  12.605  1.00 15.05 ? 101 GLU A C   1 
ATOM   816  O O   . GLU A 1 103 ? -3.558  -1.069  13.224  1.00 17.14 ? 101 GLU A O   1 
ATOM   817  C CB  . GLU A 1 103 ? -1.284  1.151   12.151  1.00 14.33 ? 101 GLU A CB  1 
ATOM   818  C CG  . GLU A 1 103 ? 0.032   1.092   11.386  1.00 16.56 ? 101 GLU A CG  1 
ATOM   819  C CD  . GLU A 1 103 ? 0.979   2.181   11.782  1.00 20.70 ? 101 GLU A CD  1 
ATOM   820  O OE1 . GLU A 1 103 ? 0.565   3.142   12.451  1.00 22.46 ? 101 GLU A OE1 1 
ATOM   821  O OE2 . GLU A 1 103 ? 2.161   2.166   11.353  1.00 18.99 ? 101 GLU A OE2 1 
ATOM   822  N N   . ASN A 1 104 ? -4.415  1.007   12.709  1.00 19.69 ? 102 ASN A N   1 
ATOM   823  C CA  . ASN A 1 104 ? -5.571  0.848   13.545  1.00 19.20 ? 102 ASN A CA  1 
ATOM   824  C C   . ASN A 1 104 ? -6.406  -0.327  13.139  1.00 19.05 ? 102 ASN A C   1 
ATOM   825  O O   . ASN A 1 104 ? -6.860  -1.102  13.986  1.00 18.51 ? 102 ASN A O   1 
ATOM   826  C CB  . ASN A 1 104 ? -6.345  2.133   13.568  1.00 20.86 ? 102 ASN A CB  1 
ATOM   827  C CG  . ASN A 1 104 ? -5.650  3.215   14.334  1.00 26.57 ? 102 ASN A CG  1 
ATOM   828  O OD1 . ASN A 1 104 ? -4.712  2.977   15.130  1.00 31.62 ? 102 ASN A OD1 1 
ATOM   829  N ND2 . ASN A 1 104 ? -6.097  4.431   14.116  1.00 31.44 ? 102 ASN A ND2 1 
ATOM   830  N N   . LEU A 1 105 ? -6.649  -0.493  11.824  1.00 16.16 ? 103 LEU A N   1 
ATOM   831  C CA  . LEU A 1 105 ? -7.495  -1.559  11.382  1.00 17.93 ? 103 LEU A CA  1 
ATOM   832  C C   . LEU A 1 105 ? -6.825  -2.940  11.727  1.00 16.65 ? 103 LEU A C   1 
ATOM   833  O O   . LEU A 1 105 ? -7.476  -3.876  12.111  1.00 18.16 ? 103 LEU A O   1 
ATOM   834  C CB  . LEU A 1 105 ? -7.685  -1.452  9.870   1.00 18.54 ? 103 LEU A CB  1 
ATOM   835  C CG  . LEU A 1 105 ? -8.485  -2.529  9.228   1.00 19.52 ? 103 LEU A CG  1 
ATOM   836  C CD1 . LEU A 1 105 ? -9.923  -2.503  9.692   1.00 21.10 ? 103 LEU A CD1 1 
ATOM   837  C CD2 . LEU A 1 105 ? -8.551  -2.354  7.702   1.00 20.22 ? 103 LEU A CD2 1 
ATOM   838  N N   . ALA A 1 106 ? -5.506  -3.068  11.481  1.00 16.69 ? 104 ALA A N   1 
ATOM   839  C CA  . ALA A 1 106 ? -4.817  -4.294  11.806  1.00 16.07 ? 104 ALA A CA  1 
ATOM   840  C C   . ALA A 1 106 ? -4.981  -4.619  13.317  1.00 17.10 ? 104 ALA A C   1 
ATOM   841  O O   . ALA A 1 106 ? -5.244  -5.771  13.660  1.00 17.35 ? 104 ALA A O   1 
ATOM   842  C CB  . ALA A 1 106 ? -3.331  -4.216  11.478  1.00 16.70 ? 104 ALA A CB  1 
ATOM   843  N N   . ARG A 1 107 ? -4.774  -3.622  14.144  1.00 19.31 ? 105 ARG A N   1 
ATOM   844  C CA  . ARG A 1 107 ? -4.896  -3.798  15.622  1.00 22.76 ? 105 ARG A CA  1 
ATOM   845  C C   . ARG A 1 107 ? -6.317  -4.195  16.003  1.00 24.41 ? 105 ARG A C   1 
ATOM   846  O O   . ARG A 1 107 ? -6.576  -5.170  16.765  1.00 24.49 ? 105 ARG A O   1 
ATOM   847  C CB  . ARG A 1 107 ? -4.593  -2.509  16.340  1.00 26.21 ? 105 ARG A CB  1 
ATOM   848  C CG  . ARG A 1 107 ? -3.170  -2.027  16.417  1.00 32.32 ? 105 ARG A CG  1 
ATOM   849  C CD  . ARG A 1 107 ? -3.089  -0.622  17.065  1.00 40.57 ? 105 ARG A CD  1 
ATOM   850  N NE  . ARG A 1 107 ? -3.879  -0.544  18.293  1.00 48.21 ? 105 ARG A NE  1 
ATOM   851  C CZ  . ARG A 1 107 ? -4.959  0.225   18.476  1.00 53.79 ? 105 ARG A CZ  1 
ATOM   852  N NH1 . ARG A 1 107 ? -5.408  1.048   17.522  1.00 54.81 ? 105 ARG A NH1 1 
ATOM   853  N NH2 . ARG A 1 107 ? -5.595  0.187   19.644  1.00 56.63 ? 105 ARG A NH2 1 
ATOM   854  N N   . GLU A 1 108 ? -7.262  -3.444  15.489  1.00 23.85 ? 106 GLU A N   1 
ATOM   855  C CA  . GLU A 1 108 ? -8.664  -3.567  15.957  1.00 26.38 ? 106 GLU A CA  1 
ATOM   856  C C   . GLU A 1 108 ? -9.368  -4.783  15.401  1.00 26.12 ? 106 GLU A C   1 
ATOM   857  O O   . GLU A 1 108 ? -9.959  -5.577  16.161  1.00 28.65 ? 106 GLU A O   1 
ATOM   858  C CB  . GLU A 1 108 ? -9.375  -2.235  15.695  1.00 25.92 ? 106 GLU A CB  1 
ATOM   859  C CG  . GLU A 1 108 ? -8.843  -1.138  16.596  1.00 32.60 ? 106 GLU A CG  1 
ATOM   860  C CD  . GLU A 1 108 ? -9.063  0.315   16.146  1.00 41.59 ? 106 GLU A CD  1 
ATOM   861  O OE1 . GLU A 1 108 ? -9.852  0.584   15.199  1.00 47.23 ? 106 GLU A OE1 1 
ATOM   862  O OE2 . GLU A 1 108 ? -8.432  1.208   16.779  1.00 48.47 ? 106 GLU A OE2 1 
ATOM   863  N N   . GLN A 1 109 ? -9.231  -5.019  14.121  1.00 23.24 ? 107 GLN A N   1 
ATOM   864  C CA  A GLN A 1 109 ? -9.881  -6.080  13.422  0.70 23.73 ? 107 GLN A CA  1 
ATOM   865  C CA  B GLN A 1 109 ? -9.945  -6.102  13.512  0.30 23.45 ? 107 GLN A CA  1 
ATOM   866  C C   . GLN A 1 109 ? -9.172  -7.424  13.447  1.00 24.07 ? 107 GLN A C   1 
ATOM   867  O O   . GLN A 1 109 ? -9.801  -8.482  13.543  1.00 28.65 ? 107 GLN A O   1 
ATOM   868  C CB  A GLN A 1 109 ? -10.123 -5.686  11.954  0.70 29.48 ? 107 GLN A CB  1 
ATOM   869  C CB  B GLN A 1 109 ? -10.513 -5.689  12.154  0.30 24.44 ? 107 GLN A CB  1 
ATOM   870  C CG  A GLN A 1 109 ? -10.816 -6.763  11.128  0.70 30.82 ? 107 GLN A CG  1 
ATOM   871  C CG  B GLN A 1 109 ? -11.172 -4.316  12.164  0.30 24.03 ? 107 GLN A CG  1 
ATOM   872  C CD  A GLN A 1 109 ? -11.904 -6.166  10.264  0.70 39.92 ? 107 GLN A CD  1 
ATOM   873  C CD  B GLN A 1 109 ? -12.587 -4.265  12.714  0.30 25.00 ? 107 GLN A CD  1 
ATOM   874  O OE1 A GLN A 1 109 ? -13.045 -5.985  10.717  0.70 42.92 ? 107 GLN A OE1 1 
ATOM   875  O OE1 B GLN A 1 109 ? -13.095 -5.210  13.330  0.30 23.96 ? 107 GLN A OE1 1 
ATOM   876  N NE2 A GLN A 1 109 ? -11.561 -5.826  9.039   0.70 41.44 ? 107 GLN A NE2 1 
ATOM   877  N NE2 B GLN A 1 109 ? -13.248 -3.140  12.459  0.30 25.03 ? 107 GLN A NE2 1 
ATOM   878  N N   . TYR A 1 110 ? -7.835  -7.421  13.341  1.00 20.07 ? 108 TYR A N   1 
ATOM   879  C CA  . TYR A 1 110 ? -7.073  -8.646  13.235  1.00 18.93 ? 108 TYR A CA  1 
ATOM   880  C C   . TYR A 1 110 ? -6.293  -8.905  14.527  1.00 18.53 ? 108 TYR A C   1 
ATOM   881  O O   . TYR A 1 110 ? -5.616  -9.911  14.575  1.00 20.55 ? 108 TYR A O   1 
ATOM   882  C CB  . TYR A 1 110 ? -6.103  -8.570  12.027  1.00 20.07 ? 108 TYR A CB  1 
ATOM   883  C CG  . TYR A 1 110 ? -6.898  -8.498  10.729  1.00 23.25 ? 108 TYR A CG  1 
ATOM   884  C CD1 . TYR A 1 110 ? -7.265  -9.654  10.106  1.00 28.00 ? 108 TYR A CD1 1 
ATOM   885  C CD2 . TYR A 1 110 ? -7.283  -7.269  10.171  1.00 26.57 ? 108 TYR A CD2 1 
ATOM   886  C CE1 . TYR A 1 110 ? -8.039  -9.636  8.946   1.00 29.22 ? 108 TYR A CE1 1 
ATOM   887  C CE2 . TYR A 1 110 ? -8.065  -7.235  9.023   1.00 28.11 ? 108 TYR A CE2 1 
ATOM   888  C CZ  . TYR A 1 110 ? -8.379  -8.433  8.400   1.00 28.95 ? 108 TYR A CZ  1 
ATOM   889  O OH  . TYR A 1 110 ? -9.176  -8.478  7.248   1.00 36.03 ? 108 TYR A OH  1 
ATOM   890  N N   . LYS A 1 111 ? -6.408  -8.040  15.519  1.00 17.73 ? 109 LYS A N   1 
ATOM   891  C CA  . LYS A 1 111 ? -5.661  -8.168  16.801  1.00 19.75 ? 109 LYS A CA  1 
ATOM   892  C C   . LYS A 1 111 ? -4.160  -8.349  16.517  1.00 20.12 ? 109 LYS A C   1 
ATOM   893  O O   . LYS A 1 111 ? -3.405  -9.029  17.226  1.00 19.13 ? 109 LYS A O   1 
ATOM   894  C CB  . LYS A 1 111 ? -6.217  -9.329  17.630  1.00 21.57 ? 109 LYS A CB  1 
ATOM   895  C CG  . LYS A 1 111 ? -7.724  -9.204  17.916  1.00 24.00 ? 109 LYS A CG  1 
ATOM   896  C CD  . LYS A 1 111 ? -8.117  -7.944  18.587  1.00 28.26 ? 109 LYS A CD  1 
ATOM   897  C CE  . LYS A 1 111 ? -9.598  -8.035  18.974  1.00 36.72 ? 109 LYS A CE  1 
ATOM   898  N NZ  . LYS A 1 111 ? -10.206 -6.681  18.968  1.00 38.06 ? 109 LYS A NZ  1 
ATOM   899  N N   . ALA A 1 112 ? -3.673  -7.735  15.433  1.00 16.81 ? 110 ALA A N   1 
ATOM   900  C CA  . ALA A 1 112 ? -2.249  -7.781  15.126  1.00 17.08 ? 110 ALA A CA  1 
ATOM   901  C C   . ALA A 1 112 ? -1.347  -7.100  16.141  1.00 16.34 ? 110 ALA A C   1 
ATOM   902  O O   . ALA A 1 112 ? -1.687  -6.005  16.619  1.00 17.26 ? 110 ALA A O   1 
ATOM   903  C CB  . ALA A 1 112 ? -2.049  -7.043  13.775  1.00 18.03 ? 110 ALA A CB  1 
ATOM   904  N N   . ARG A 1 113 ? -0.182  -7.695  16.385  1.00 16.98 ? 111 ARG A N   1 
ATOM   905  C CA  . ARG A 1 113 ? 0.825   -7.105  17.172  1.00 17.16 ? 111 ARG A CA  1 
ATOM   906  C C   . ARG A 1 113 ? 1.905   -6.413  16.337  1.00 17.30 ? 111 ARG A C   1 
ATOM   907  O O   . ARG A 1 113 ? 2.652   -5.602  16.894  1.00 19.59 ? 111 ARG A O   1 
ATOM   908  C CB  . ARG A 1 113 ? 1.517   -8.104  18.071  1.00 17.73 ? 111 ARG A CB  1 
ATOM   909  C CG  . ARG A 1 113 ? 0.771   -8.395  19.357  1.00 19.32 ? 111 ARG A CG  1 
ATOM   910  C CD  . ARG A 1 113 ? -0.474  -9.215  19.133  1.00 19.39 ? 111 ARG A CD  1 
ATOM   911  N NE  . ARG A 1 113 ? -0.850  -9.884  20.415  1.00 18.88 ? 111 ARG A NE  1 
ATOM   912  C CZ  . ARG A 1 113 ? -2.025  -10.446 20.675  1.00 19.43 ? 111 ARG A CZ  1 
ATOM   913  N NH1 . ARG A 1 113 ? -3.057  -10.396 19.829  1.00 19.59 ? 111 ARG A NH1 1 
ATOM   914  N NH2 . ARG A 1 113 ? -2.163  -11.115 21.840  1.00 20.50 ? 111 ARG A NH2 1 
ATOM   915  N N   . LEU A 1 114 ? 1.859   -6.645  15.022  1.00 15.93 ? 112 LEU A N   1 
ATOM   916  C CA  . LEU A 1 114 ? 2.943   -6.187  14.157  1.00 17.13 ? 112 LEU A CA  1 
ATOM   917  C C   . LEU A 1 114 ? 2.303   -5.837  12.794  1.00 15.40 ? 112 LEU A C   1 
ATOM   918  O O   . LEU A 1 114 ? 1.438   -6.558  12.317  1.00 14.90 ? 112 LEU A O   1 
ATOM   919  C CB  . LEU A 1 114 ? 3.896   -7.328  13.976  1.00 18.71 ? 112 LEU A CB  1 
ATOM   920  C CG  . LEU A 1 114 ? 5.219   -7.028  13.284  1.00 19.21 ? 112 LEU A CG  1 
ATOM   921  C CD1 . LEU A 1 114 ? 6.204   -6.469  14.336  1.00 20.43 ? 112 LEU A CD1 1 
ATOM   922  C CD2 . LEU A 1 114 ? 5.772   -8.301  12.646  1.00 22.25 ? 112 LEU A CD2 1 
ATOM   923  N N   . MET A 1 115 ? 2.822   -4.784  12.176  1.00 14.84 ? 113 MET A N   1 
ATOM   924  C CA  . MET A 1 115 ? 2.600   -4.523  10.736  1.00 14.95 ? 113 MET A CA  1 
ATOM   925  C C   . MET A 1 115 ? 3.890   -4.789  9.993   1.00 13.62 ? 113 MET A C   1 
ATOM   926  O O   . MET A 1 115 ? 4.953   -4.297  10.388  1.00 15.23 ? 113 MET A O   1 
ATOM   927  C CB  . MET A 1 115 ? 2.213   -3.074  10.529  1.00 16.23 ? 113 MET A CB  1 
ATOM   928  C CG  . MET A 1 115 ? 1.806   -2.770  9.085   1.00 17.76 ? 113 MET A CG  1 
ATOM   929  S SD  . MET A 1 115 ? 0.218   -3.440  8.616   1.00 18.90 ? 113 MET A SD  1 
ATOM   930  C CE  . MET A 1 115 ? -0.727  -2.100  9.199   1.00 18.91 ? 113 MET A CE  1 
ATOM   931  N N   . LYS A 1 116 ? 3.793   -5.522  8.892   1.00 14.47 ? 114 LYS A N   1 
ATOM   932  C CA  . LYS A 1 116 ? 4.916   -5.751  7.963   1.00 14.02 ? 114 LYS A CA  1 
ATOM   933  C C   . LYS A 1 116 ? 4.687   -4.794  6.766   1.00 16.52 ? 114 LYS A C   1 
ATOM   934  O O   . LYS A 1 116 ? 3.561   -4.699  6.265   1.00 15.89 ? 114 LYS A O   1 
ATOM   935  C CB  . LYS A 1 116 ? 4.938   -7.151  7.444   1.00 15.17 ? 114 LYS A CB  1 
ATOM   936  C CG  . LYS A 1 116 ? 5.193   -8.203  8.524   1.00 17.23 ? 114 LYS A CG  1 
ATOM   937  C CD  . LYS A 1 116 ? 5.361   -9.598  7.978   1.00 20.13 ? 114 LYS A CD  1 
ATOM   938  C CE  . LYS A 1 116 ? 5.590   -10.562 9.123   1.00 22.04 ? 114 LYS A CE  1 
ATOM   939  N NZ  . LYS A 1 116 ? 5.933   -11.876 8.600   1.00 24.23 ? 114 LYS A NZ  1 
ATOM   940  N N   . ILE A 1 117 ? 5.770   -4.136  6.354   1.00 14.57 ? 115 ILE A N   1 
ATOM   941  C CA  . ILE A 1 117 ? 5.792   -3.333  5.094   1.00 15.35 ? 115 ILE A CA  1 
ATOM   942  C C   . ILE A 1 117 ? 7.058   -3.839  4.383   1.00 15.79 ? 115 ILE A C   1 
ATOM   943  O O   . ILE A 1 117 ? 8.153   -3.720  4.931   1.00 19.09 ? 115 ILE A O   1 
ATOM   944  C CB  . ILE A 1 117 ? 5.864   -1.843  5.360   1.00 17.26 ? 115 ILE A CB  1 
ATOM   945  C CG1 . ILE A 1 117 ? 4.545   -1.391  6.033   1.00 18.20 ? 115 ILE A CG1 1 
ATOM   946  C CG2 . ILE A 1 117 ? 6.110   -1.059  4.046   1.00 21.07 ? 115 ILE A CG2 1 
ATOM   947  C CD1 . ILE A 1 117 ? 4.412   0.103   6.311   1.00 20.86 ? 115 ILE A CD1 1 
ATOM   948  N N   . SER A 1 118 ? 6.912   -4.241  3.132   1.00 15.93 ? 116 SER A N   1 
ATOM   949  C CA  . SER A 1 118 ? 8.017   -4.618  2.261   1.00 17.11 ? 116 SER A CA  1 
ATOM   950  C C   . SER A 1 118 ? 8.102   -3.558  1.190   1.00 17.69 ? 116 SER A C   1 
ATOM   951  O O   . SER A 1 118 ? 7.101   -3.126  0.636   1.00 21.91 ? 116 SER A O   1 
ATOM   952  C CB  . SER A 1 118 ? 7.783   -5.979  1.677   1.00 18.86 ? 116 SER A CB  1 
ATOM   953  O OG  . SER A 1 118 ? 7.869   -6.887  2.782   1.00 22.32 ? 116 SER A OG  1 
ATOM   954  N N   . CYS A 1 119 ? 9.285   -3.066  0.939   1.00 14.01 ? 117 CYS A N   1 
ATOM   955  C CA  . CYS A 1 119 ? 9.472   -1.967  0.011   1.00 14.95 ? 117 CYS A CA  1 
ATOM   956  C C   . CYS A 1 119 ? 10.608  -2.269  -0.916  1.00 13.82 ? 117 CYS A C   1 
ATOM   957  O O   . CYS A 1 119 ? 11.689  -2.643  -0.516  1.00 13.10 ? 117 CYS A O   1 
ATOM   958  C CB  . CYS A 1 119 ? 9.888   -0.715  0.781   1.00 15.51 ? 117 CYS A CB  1 
ATOM   959  S SG  . CYS A 1 119 ? 9.943   0.829   -0.175  1.00 17.60 ? 117 CYS A SG  1 
ATOM   960  N N   . PHE A 1 120 ? 10.419  -2.075  -2.210  1.00 12.18 ? 118 PHE A N   1 
ATOM   961  C CA  . PHE A 1 120 ? 11.490  -2.302  -3.194  1.00 13.15 ? 118 PHE A CA  1 
ATOM   962  C C   . PHE A 1 120 ? 12.575  -1.259  -3.057  1.00 11.59 ? 118 PHE A C   1 
ATOM   963  O O   . PHE A 1 120 ? 12.318  -0.089  -2.714  1.00 11.94 ? 118 PHE A O   1 
ATOM   964  C CB  . PHE A 1 120 ? 10.933  -2.344  -4.642  1.00 13.12 ? 118 PHE A CB  1 
ATOM   965  C CG  . PHE A 1 120 ? 10.161  -3.582  -4.937  1.00 13.83 ? 118 PHE A CG  1 
ATOM   966  C CD1 . PHE A 1 120 ? 10.803  -4.775  -5.150  1.00 15.43 ? 118 PHE A CD1 1 
ATOM   967  C CD2 . PHE A 1 120 ? 8.767   -3.571  -4.948  1.00 14.71 ? 118 PHE A CD2 1 
ATOM   968  C CE1 . PHE A 1 120 ? 10.100  -5.941  -5.355  1.00 15.77 ? 118 PHE A CE1 1 
ATOM   969  C CE2 . PHE A 1 120 ? 8.056   -4.750  -5.196  1.00 14.33 ? 118 PHE A CE2 1 
ATOM   970  C CZ  . PHE A 1 120 ? 8.737   -5.922  -5.376  1.00 15.40 ? 118 PHE A CZ  1 
ATOM   971  N N   . ASN A 1 121 ? 13.814  -1.680  -3.323  1.00 12.23 ? 119 ASN A N   1 
ATOM   972  C CA  . ASN A 1 121 ? 14.949  -0.860  -3.012  1.00 11.54 ? 119 ASN A CA  1 
ATOM   973  C C   . ASN A 1 121 ? 14.966  0.488   -3.730  1.00 11.85 ? 119 ASN A C   1 
ATOM   974  O O   . ASN A 1 121 ? 15.434  1.473   -3.160  1.00 12.13 ? 119 ASN A O   1 
ATOM   975  C CB  . ASN A 1 121 ? 16.286  -1.601  -3.295  1.00 12.07 ? 119 ASN A CB  1 
ATOM   976  C CG  . ASN A 1 121 ? 16.469  -1.855  -4.777  1.00 13.06 ? 119 ASN A CG  1 
ATOM   977  O OD1 . ASN A 1 121 ? 15.887  -2.806  -5.300  1.00 12.56 ? 119 ASN A OD1 1 
ATOM   978  N ND2 . ASN A 1 121 ? 17.293  -1.077  -5.415  1.00 13.90 ? 119 ASN A ND2 1 
ATOM   979  N N   . ALA A 1 122 ? 14.435  0.549   -4.952  1.00 13.28 ? 120 ALA A N   1 
ATOM   980  C CA  . ALA A 1 122 ? 14.464  1.802   -5.646  1.00 13.56 ? 120 ALA A CA  1 
ATOM   981  C C   . ALA A 1 122 ? 13.586  2.878   -5.094  1.00 14.93 ? 120 ALA A C   1 
ATOM   982  O O   . ALA A 1 122 ? 13.769  4.073   -5.398  1.00 17.00 ? 120 ALA A O   1 
ATOM   983  C CB  . ALA A 1 122 ? 14.120  1.572   -7.123  1.00 14.95 ? 120 ALA A CB  1 
ATOM   984  N N   . ASN A 1 123 ? 12.595  2.513   -4.299  1.00 13.61 ? 121 ASN A N   1 
ATOM   985  C CA  . ASN A 1 123 ? 11.646  3.494   -3.789  1.00 14.96 ? 121 ASN A CA  1 
ATOM   986  C C   . ASN A 1 123 ? 12.179  4.170   -2.506  1.00 15.19 ? 121 ASN A C   1 
ATOM   987  O O   . ASN A 1 123 ? 11.775  3.834   -1.369  1.00 15.41 ? 121 ASN A O   1 
ATOM   988  C CB  . ASN A 1 123 ? 10.325  2.773   -3.550  1.00 17.12 ? 121 ASN A CB  1 
ATOM   989  C CG  . ASN A 1 123 ? 9.254   3.706   -3.077  1.00 20.24 ? 121 ASN A CG  1 
ATOM   990  O OD1 . ASN A 1 123 ? 9.408   4.929   -3.088  1.00 21.94 ? 121 ASN A OD1 1 
ATOM   991  N ND2 . ASN A 1 123 ? 8.159   3.113   -2.658  1.00 23.16 ? 121 ASN A ND2 1 
ATOM   992  N N   . ALA A 1 124 ? 13.114  5.097   -2.656  1.00 15.31 ? 122 ALA A N   1 
ATOM   993  C CA  . ALA A 1 124 ? 13.710  5.812   -1.543  1.00 15.73 ? 122 ALA A CA  1 
ATOM   994  C C   . ALA A 1 124 ? 12.664  6.531   -0.694  1.00 16.16 ? 122 ALA A C   1 
ATOM   995  O O   . ALA A 1 124 ? 12.730  6.527   0.518   1.00 15.92 ? 122 ALA A O   1 
ATOM   996  C CB  . ALA A 1 124 ? 14.778  6.803   -2.007  1.00 16.64 ? 122 ALA A CB  1 
ATOM   997  N N   . ALA A 1 125 ? 11.719  7.148   -1.376  1.00 18.49 ? 123 ALA A N   1 
ATOM   998  C CA  . ALA A 1 125 ? 10.739  7.946   -0.646  1.00 19.44 ? 123 ALA A CA  1 
ATOM   999  C C   . ALA A 1 125 ? 9.919   7.066   0.275   1.00 18.47 ? 123 ALA A C   1 
ATOM   1000 O O   . ALA A 1 125 ? 9.643   7.456   1.450   1.00 19.18 ? 123 ALA A O   1 
ATOM   1001 C CB  . ALA A 1 125 ? 9.861   8.675   -1.634  1.00 20.53 ? 123 ALA A CB  1 
ATOM   1002 N N   . GLY A 1 126 ? 9.619   5.866   -0.193  1.00 17.06 ? 124 GLY A N   1 
ATOM   1003 C CA  . GLY A 1 126 ? 8.898   4.882   0.655   1.00 16.03 ? 124 GLY A CA  1 
ATOM   1004 C C   . GLY A 1 126 ? 9.757   4.469   1.839   1.00 15.89 ? 124 GLY A C   1 
ATOM   1005 O O   . GLY A 1 126 ? 9.339   4.500   2.994   1.00 16.05 ? 124 GLY A O   1 
ATOM   1006 N N   . LEU A 1 127 ? 10.994  4.111   1.544   1.00 15.17 ? 125 LEU A N   1 
ATOM   1007 C CA  . LEU A 1 127 ? 11.875  3.667   2.636   1.00 13.94 ? 125 LEU A CA  1 
ATOM   1008 C C   . LEU A 1 127 ? 12.003  4.720   3.716   1.00 14.12 ? 125 LEU A C   1 
ATOM   1009 O O   . LEU A 1 127 ? 12.049  4.381   4.898   1.00 14.80 ? 125 LEU A O   1 
ATOM   1010 C CB  . LEU A 1 127 ? 13.257  3.291   2.106   1.00 13.22 ? 125 LEU A CB  1 
ATOM   1011 C CG  . LEU A 1 127 ? 13.320  2.130   1.173   1.00 15.77 ? 125 LEU A CG  1 
ATOM   1012 C CD1 . LEU A 1 127 ? 14.632  2.061   0.385   1.00 15.60 ? 125 LEU A CD1 1 
ATOM   1013 C CD2 . LEU A 1 127 ? 13.116  0.843   1.962   1.00 16.64 ? 125 LEU A CD2 1 
ATOM   1014 N N   . LEU A 1 128 ? 12.168  5.974   3.323   1.00 14.45 ? 126 LEU A N   1 
ATOM   1015 C CA  . LEU A 1 128 ? 12.367  7.069   4.301   1.00 15.34 ? 126 LEU A CA  1 
ATOM   1016 C C   . LEU A 1 128 ? 11.039  7.350   5.077   1.00 16.10 ? 126 LEU A C   1 
ATOM   1017 O O   . LEU A 1 128 ? 11.106  7.548   6.303   1.00 16.97 ? 126 LEU A O   1 
ATOM   1018 C CB  . LEU A 1 128 ? 12.900  8.294   3.594   1.00 17.07 ? 126 LEU A CB  1 
ATOM   1019 C CG  . LEU A 1 128 ? 14.311  8.101   3.022   1.00 17.37 ? 126 LEU A CG  1 
ATOM   1020 C CD1 . LEU A 1 128 ? 14.606  9.271   2.098   1.00 20.93 ? 126 LEU A CD1 1 
ATOM   1021 C CD2 . LEU A 1 128 ? 15.289  7.921   4.118   1.00 17.67 ? 126 LEU A CD2 1 
ATOM   1022 N N   . LEU A 1 129 ? 9.906   7.275   4.392   1.00 15.18 ? 127 LEU A N   1 
ATOM   1023 C CA  . LEU A 1 129 ? 8.603   7.442   5.074   1.00 16.57 ? 127 LEU A CA  1 
ATOM   1024 C C   . LEU A 1 129 ? 8.408   6.364   6.107   1.00 16.03 ? 127 LEU A C   1 
ATOM   1025 O O   . LEU A 1 129 ? 8.140   6.661   7.286   1.00 16.55 ? 127 LEU A O   1 
ATOM   1026 C CB  . LEU A 1 129 ? 7.460   7.432   4.099   1.00 17.60 ? 127 LEU A CB  1 
ATOM   1027 C CG  . LEU A 1 129 ? 6.107   7.579   4.834   1.00 18.36 ? 127 LEU A CG  1 
ATOM   1028 C CD1 . LEU A 1 129 ? 5.900   8.840   5.603   1.00 19.70 ? 127 LEU A CD1 1 
ATOM   1029 C CD2 . LEU A 1 129 ? 5.034   7.389   3.791   1.00 19.69 ? 127 LEU A CD2 1 
ATOM   1030 N N   . TYR A 1 130 ? 8.617   5.119   5.731   1.00 14.40 ? 128 TYR A N   1 
ATOM   1031 C CA  . TYR A 1 130 ? 8.343   4.026   6.677   1.00 15.07 ? 128 TYR A CA  1 
ATOM   1032 C C   . TYR A 1 130 ? 9.264   4.171   7.857   1.00 15.21 ? 128 TYR A C   1 
ATOM   1033 O O   . TYR A 1 130 ? 8.900   3.879   9.024   1.00 15.57 ? 128 TYR A O   1 
ATOM   1034 C CB  . TYR A 1 130 ? 8.404   2.632   6.014   1.00 16.03 ? 128 TYR A CB  1 
ATOM   1035 C CG  . TYR A 1 130 ? 7.592   2.560   4.698   1.00 18.51 ? 128 TYR A CG  1 
ATOM   1036 C CD1 . TYR A 1 130 ? 6.387   3.144   4.593   1.00 22.85 ? 128 TYR A CD1 1 
ATOM   1037 C CD2 . TYR A 1 130 ? 8.094   1.913   3.595   1.00 21.91 ? 128 TYR A CD2 1 
ATOM   1038 C CE1 . TYR A 1 130 ? 5.665   3.093   3.413   1.00 24.85 ? 128 TYR A CE1 1 
ATOM   1039 C CE2 . TYR A 1 130 ? 7.415   1.887   2.393   1.00 22.94 ? 128 TYR A CE2 1 
ATOM   1040 C CZ  . TYR A 1 130 ? 6.201   2.470   2.316   1.00 24.99 ? 128 TYR A CZ  1 
ATOM   1041 O OH  . TYR A 1 130 ? 5.483   2.457   1.144   1.00 28.24 ? 128 TYR A OH  1 
ATOM   1042 N N   . THR A 1 131 ? 10.505  4.533   7.594   1.00 15.47 ? 129 THR A N   1 
ATOM   1043 C CA  . THR A 1 131 ? 11.482  4.794   8.702   1.00 15.23 ? 129 THR A CA  1 
ATOM   1044 C C   . THR A 1 131 ? 10.971  5.875   9.659   1.00 16.48 ? 129 THR A C   1 
ATOM   1045 O O   . THR A 1 131 ? 10.989  5.672   10.927  1.00 18.18 ? 129 THR A O   1 
ATOM   1046 C CB  . THR A 1 131 ? 12.872  5.142   8.078   1.00 15.69 ? 129 THR A CB  1 
ATOM   1047 O OG1 . THR A 1 131 ? 13.329  4.049   7.270   1.00 16.32 ? 129 THR A OG1 1 
ATOM   1048 C CG2 . THR A 1 131 ? 13.917  5.479   9.141   1.00 17.26 ? 129 THR A CG2 1 
ATOM   1049 N N   . GLN A 1 132 ? 10.464  6.963   9.090   1.00 16.95 ? 130 GLN A N   1 
ATOM   1050 C CA  . GLN A 1 132 ? 9.951   8.115   9.882   1.00 19.23 ? 130 GLN A CA  1 
ATOM   1051 C C   . GLN A 1 132 ? 8.807   7.619   10.734  1.00 20.61 ? 130 GLN A C   1 
ATOM   1052 O O   . GLN A 1 132 ? 8.623   8.127   11.848  1.00 21.48 ? 130 GLN A O   1 
ATOM   1053 C CB  . GLN A 1 132 ? 9.461   9.242   9.003   1.00 23.48 ? 130 GLN A CB  1 
ATOM   1054 C CG  . GLN A 1 132 ? 10.538  10.114  8.385   1.00 32.45 ? 130 GLN A CG  1 
ATOM   1055 C CD  . GLN A 1 132 ? 9.996   10.961  7.207   1.00 43.14 ? 130 GLN A CD  1 
ATOM   1056 O OE1 . GLN A 1 132 ? 8.821   11.371  7.183   1.00 47.89 ? 130 GLN A OE1 1 
ATOM   1057 N NE2 . GLN A 1 132 ? 10.850  11.193  6.214   1.00 50.02 ? 130 GLN A NE2 1 
ATOM   1058 N N   . LEU A 1 133 ? 8.052   6.659   10.238  1.00 17.35 ? 131 LEU A N   1 
ATOM   1059 C CA  . LEU A 1 133 ? 6.865   6.104   10.959  1.00 17.37 ? 131 LEU A CA  1 
ATOM   1060 C C   . LEU A 1 133 ? 7.193   5.009   11.957  1.00 18.65 ? 131 LEU A C   1 
ATOM   1061 O O   . LEU A 1 133 ? 6.303   4.416   12.556  1.00 19.16 ? 131 LEU A O   1 
ATOM   1062 C CB  . LEU A 1 133 ? 5.764   5.662   10.025  1.00 19.17 ? 131 LEU A CB  1 
ATOM   1063 C CG  . LEU A 1 133 ? 5.219   6.772   9.106   1.00 20.20 ? 131 LEU A CG  1 
ATOM   1064 C CD1 . LEU A 1 133 ? 4.187   6.217   8.161   1.00 20.70 ? 131 LEU A CD1 1 
ATOM   1065 C CD2 . LEU A 1 133 ? 4.681   7.944   9.936   1.00 23.82 ? 131 LEU A CD2 1 
ATOM   1066 N N   . GLY A 1 134 ? 8.480   4.696   12.095  1.00 17.71 ? 132 GLY A N   1 
ATOM   1067 C CA  . GLY A 1 134 ? 8.903   3.732   13.135  1.00 19.01 ? 132 GLY A CA  1 
ATOM   1068 C C   . GLY A 1 134 ? 9.138   2.322   12.682  1.00 19.56 ? 132 GLY A C   1 
ATOM   1069 O O   . GLY A 1 134 ? 9.300   1.446   13.493  1.00 20.30 ? 132 GLY A O   1 
ATOM   1070 N N   . TYR A 1 135 ? 9.042   2.056   11.350  1.00 16.40 ? 133 TYR A N   1 
ATOM   1071 C CA  . TYR A 1 135 ? 9.312   0.746   10.804  1.00 15.12 ? 133 TYR A CA  1 
ATOM   1072 C C   . TYR A 1 135 ? 10.854  0.538   10.744  1.00 15.74 ? 133 TYR A C   1 
ATOM   1073 O O   . TYR A 1 135 ? 11.608  1.504   10.497  1.00 18.19 ? 133 TYR A O   1 
ATOM   1074 C CB  . TYR A 1 135 ? 8.714   0.628   9.370   1.00 14.23 ? 133 TYR A CB  1 
ATOM   1075 C CG  . TYR A 1 135 ? 7.176   0.511   9.431   1.00 13.85 ? 133 TYR A CG  1 
ATOM   1076 C CD1 . TYR A 1 135 ? 6.444   1.625   9.605   1.00 14.59 ? 133 TYR A CD1 1 
ATOM   1077 C CD2 . TYR A 1 135 ? 6.575   -0.693  9.338   1.00 13.87 ? 133 TYR A CD2 1 
ATOM   1078 C CE1 . TYR A 1 135 ? 5.076   1.542   9.740   1.00 14.66 ? 133 TYR A CE1 1 
ATOM   1079 C CE2 . TYR A 1 135 ? 5.196   -0.834  9.500   1.00 15.75 ? 133 TYR A CE2 1 
ATOM   1080 C CZ  . TYR A 1 135 ? 4.470   0.339   9.711   1.00 14.96 ? 133 TYR A CZ  1 
ATOM   1081 O OH  . TYR A 1 135 ? 3.097   0.160   9.874   1.00 18.21 ? 133 TYR A OH  1 
ATOM   1082 N N   . GLN A 1 136 ? 11.281  -0.665  11.071  1.00 15.53 ? 134 GLN A N   1 
ATOM   1083 C CA  . GLN A 1 136 ? 12.674  -1.027  11.018  1.00 17.56 ? 134 GLN A CA  1 
ATOM   1084 C C   . GLN A 1 136 ? 12.875  -2.182  10.033  1.00 14.29 ? 134 GLN A C   1 
ATOM   1085 O O   . GLN A 1 136 ? 12.095  -3.060  9.816   1.00 15.30 ? 134 GLN A O   1 
ATOM   1086 C CB  . GLN A 1 136 ? 13.171  -1.481  12.370  1.00 21.34 ? 134 GLN A CB  1 
ATOM   1087 C CG  . GLN A 1 136 ? 13.198  -0.385  13.392  1.00 26.18 ? 134 GLN A CG  1 
ATOM   1088 C CD  . GLN A 1 136 ? 13.567  -0.990  14.743  1.00 36.41 ? 134 GLN A CD  1 
ATOM   1089 O OE1 . GLN A 1 136 ? 12.897  -0.741  15.727  1.00 38.61 ? 134 GLN A OE1 1 
ATOM   1090 N NE2 . GLN A 1 136 ? 14.581  -1.875  14.758  1.00 42.92 ? 134 GLN A NE2 1 
ATOM   1091 N N   . PRO A 1 137 ? 14.072  -2.200  9.368   1.00 14.80 ? 135 PRO A N   1 
ATOM   1092 C CA  . PRO A 1 137 ? 14.352  -3.232  8.418   1.00 14.99 ? 135 PRO A CA  1 
ATOM   1093 C C   . PRO A 1 137 ? 14.761  -4.490  9.083   1.00 15.99 ? 135 PRO A C   1 
ATOM   1094 O O   . PRO A 1 137 ? 15.524  -4.446  10.080  1.00 19.24 ? 135 PRO A O   1 
ATOM   1095 C CB  . PRO A 1 137 ? 15.512  -2.617  7.594   1.00 16.80 ? 135 PRO A CB  1 
ATOM   1096 C CG  . PRO A 1 137 ? 16.218  -1.771  8.573   1.00 16.15 ? 135 PRO A CG  1 
ATOM   1097 C CD  . PRO A 1 137 ? 15.119  -1.179  9.404   1.00 16.16 ? 135 PRO A CD  1 
ATOM   1098 N N   . ARG A 1 138 ? 14.254  -5.560  8.607   1.00 15.72 ? 136 ARG A N   1 
ATOM   1099 C CA  . ARG A 1 138 ? 14.533  -6.880  9.175   1.00 16.78 ? 136 ARG A CA  1 
ATOM   1100 C C   . ARG A 1 138 ? 15.269  -7.815  8.239   1.00 17.71 ? 136 ARG A C   1 
ATOM   1101 O O   . ARG A 1 138 ? 16.101  -8.651  8.700   1.00 19.38 ? 136 ARG A O   1 
ATOM   1102 C CB  . ARG A 1 138 ? 13.194  -7.498  9.620   1.00 19.34 ? 136 ARG A CB  1 
ATOM   1103 C CG  . ARG A 1 138 ? 12.468  -6.684  10.692  1.00 21.47 ? 136 ARG A CG  1 
ATOM   1104 C CD  . ARG A 1 138 ? 13.247  -6.637  11.993  1.00 22.20 ? 136 ARG A CD  1 
ATOM   1105 N NE  . ARG A 1 138 ? 12.525  -5.902  13.009  1.00 22.04 ? 136 ARG A NE  1 
ATOM   1106 C CZ  . ARG A 1 138 ? 13.074  -5.508  14.158  1.00 26.33 ? 136 ARG A CZ  1 
ATOM   1107 N NH1 . ARG A 1 138 ? 14.336  -5.843  14.460  1.00 25.56 ? 136 ARG A NH1 1 
ATOM   1108 N NH2 . ARG A 1 138 ? 12.356  -4.812  14.989  1.00 27.27 ? 136 ARG A NH2 1 
ATOM   1109 N N   . ALA A 1 139 ? 14.940  -7.809  6.932   1.00 14.85 ? 137 ALA A N   1 
ATOM   1110 C CA  . ALA A 1 139 ? 15.562  -8.683  6.020   1.00 13.90 ? 137 ALA A CA  1 
ATOM   1111 C C   . ALA A 1 139 ? 15.526  -8.055  4.662   1.00 14.86 ? 137 ALA A C   1 
ATOM   1112 O O   . ALA A 1 139 ? 14.756  -7.155  4.452   1.00 14.80 ? 137 ALA A O   1 
ATOM   1113 C CB  . ALA A 1 139 ? 14.865  -9.990  5.941   1.00 15.49 ? 137 ALA A CB  1 
ATOM   1114 N N   . ILE A 1 140 ? 16.321  -8.611  3.784   1.00 14.17 ? 138 ILE A N   1 
ATOM   1115 C CA  . ILE A 1 140 ? 16.280  -8.223  2.341   1.00 14.86 ? 138 ILE A CA  1 
ATOM   1116 C C   . ILE A 1 140 ? 16.117  -9.482  1.535   1.00 15.12 ? 138 ILE A C   1 
ATOM   1117 O O   . ILE A 1 140 ? 16.873  -10.487 1.741   1.00 16.97 ? 138 ILE A O   1 
ATOM   1118 C CB  . ILE A 1 140 ? 17.603  -7.528  1.972   1.00 13.91 ? 138 ILE A CB  1 
ATOM   1119 C CG1 . ILE A 1 140 ? 17.797  -6.288  2.783   1.00 15.64 ? 138 ILE A CG1 1 
ATOM   1120 C CG2 . ILE A 1 140 ? 17.609  -7.190  0.447   1.00 15.02 ? 138 ILE A CG2 1 
ATOM   1121 C CD1 . ILE A 1 140 ? 19.023  -5.477  2.535   1.00 16.57 ? 138 ILE A CD1 1 
ATOM   1122 N N   . ALA A 1 141 ? 15.143  -9.502  0.591   1.00 15.00 ? 139 ALA A N   1 
ATOM   1123 C CA  . ALA A 1 141 ? 14.860  -10.659 -0.217  1.00 15.05 ? 139 ALA A CA  1 
ATOM   1124 C C   . ALA A 1 141 ? 15.053  -10.311 -1.652  1.00 16.39 ? 139 ALA A C   1 
ATOM   1125 O O   . ALA A 1 141 ? 14.842  -9.164  -2.054  1.00 17.95 ? 139 ALA A O   1 
ATOM   1126 C CB  . ALA A 1 141 ? 13.430  -11.090 0.024   1.00 17.54 ? 139 ALA A CB  1 
ATOM   1127 N N   . GLU A 1 142 ? 15.470  -11.285 -2.435  1.00 16.94 ? 140 GLU A N   1 
ATOM   1128 C CA  A GLU A 1 142 ? 15.608  -11.081 -3.876  0.70 16.95 ? 140 GLU A CA  1 
ATOM   1129 C CA  B GLU A 1 142 ? 15.618  -11.087 -3.872  0.30 16.78 ? 140 GLU A CA  1 
ATOM   1130 C C   . GLU A 1 142 ? 14.289  -11.239 -4.567  1.00 17.06 ? 140 GLU A C   1 
ATOM   1131 O O   . GLU A 1 142 ? 13.542  -12.200 -4.310  1.00 17.89 ? 140 GLU A O   1 
ATOM   1132 C CB  A GLU A 1 142 ? 16.624  -12.098 -4.431  0.70 18.11 ? 140 GLU A CB  1 
ATOM   1133 C CB  B GLU A 1 142 ? 16.602  -12.104 -4.467  0.30 16.95 ? 140 GLU A CB  1 
ATOM   1134 C CG  A GLU A 1 142 ? 16.838  -12.053 -5.932  0.70 21.25 ? 140 GLU A CG  1 
ATOM   1135 C CG  B GLU A 1 142 ? 16.934  -11.798 -5.917  0.30 17.76 ? 140 GLU A CG  1 
ATOM   1136 C CD  A GLU A 1 142 ? 18.065  -12.852 -6.348  0.70 26.12 ? 140 GLU A CD  1 
ATOM   1137 C CD  B GLU A 1 142 ? 17.372  -12.998 -6.719  0.30 19.43 ? 140 GLU A CD  1 
ATOM   1138 O OE1 A GLU A 1 142 ? 17.962  -13.714 -7.223  0.70 31.89 ? 140 GLU A OE1 1 
ATOM   1139 O OE1 B GLU A 1 142 ? 18.194  -12.765 -7.620  0.30 17.68 ? 140 GLU A OE1 1 
ATOM   1140 O OE2 A GLU A 1 142 ? 19.132  -12.606 -5.790  0.70 32.24 ? 140 GLU A OE2 1 
ATOM   1141 O OE2 B GLU A 1 142 ? 16.861  -14.136 -6.493  0.30 19.96 ? 140 GLU A OE2 1 
ATOM   1142 N N   . ARG A 1 143 ? 14.006  -10.319 -5.480  1.00 15.93 ? 141 ARG A N   1 
ATOM   1143 C CA  . ARG A 1 143 ? 12.893  -10.466 -6.390  1.00 15.27 ? 141 ARG A CA  1 
ATOM   1144 C C   . ARG A 1 143 ? 13.364  -10.028 -7.788  1.00 15.05 ? 141 ARG A C   1 
ATOM   1145 O O   . ARG A 1 143 ? 14.526  -9.625  -7.977  1.00 15.91 ? 141 ARG A O   1 
ATOM   1146 C CB  . ARG A 1 143 ? 11.701  -9.625  -5.948  1.00 15.53 ? 141 ARG A CB  1 
ATOM   1147 C CG  . ARG A 1 143 ? 11.158  -9.923  -4.571  1.00 16.83 ? 141 ARG A CG  1 
ATOM   1148 C CD  . ARG A 1 143 ? 10.384  -11.214 -4.551  1.00 17.66 ? 141 ARG A CD  1 
ATOM   1149 N NE  . ARG A 1 143 ? 9.694   -11.435 -3.262  1.00 18.92 ? 141 ARG A NE  1 
ATOM   1150 C CZ  . ARG A 1 143 ? 10.213  -12.134 -2.257  1.00 21.46 ? 141 ARG A CZ  1 
ATOM   1151 N NH1 . ARG A 1 143 ? 11.376  -12.700 -2.385  1.00 20.09 ? 141 ARG A NH1 1 
ATOM   1152 N NH2 . ARG A 1 143 ? 9.556   -12.243 -1.118  1.00 23.84 ? 141 ARG A NH2 1 
ATOM   1153 N N   . HIS A 1 144 ? 12.488  -10.254 -8.774  1.00 16.60 ? 142 HIS A N   1 
ATOM   1154 C CA  . HIS A 1 144 ? 12.759  -9.843  -10.117 1.00 17.12 ? 142 HIS A CA  1 
ATOM   1155 C C   . HIS A 1 144 ? 11.702  -8.900  -10.637 1.00 17.78 ? 142 HIS A C   1 
ATOM   1156 O O   . HIS A 1 144 ? 10.513  -9.036  -10.286 1.00 19.87 ? 142 HIS A O   1 
ATOM   1157 C CB  . HIS A 1 144 ? 12.809  -11.049 -11.045 1.00 18.32 ? 142 HIS A CB  1 
ATOM   1158 C CG  . HIS A 1 144 ? 14.004  -11.883 -10.826 1.00 20.09 ? 142 HIS A CG  1 
ATOM   1159 N ND1 . HIS A 1 144 ? 14.033  -12.808 -9.805  1.00 22.64 ? 142 HIS A ND1 1 
ATOM   1160 C CD2 . HIS A 1 144 ? 15.209  -11.947 -11.446 1.00 23.98 ? 142 HIS A CD2 1 
ATOM   1161 C CE1 . HIS A 1 144 ? 15.212  -13.407 -9.791  1.00 24.08 ? 142 HIS A CE1 1 
ATOM   1162 N NE2 . HIS A 1 144 ? 15.939  -12.918 -10.791 1.00 25.14 ? 142 HIS A NE2 1 
ATOM   1163 N N   . ASP A 1 145 ? 12.158  -7.967  -11.434 1.00 17.19 ? 143 ASP A N   1 
ATOM   1164 C CA  . ASP A 1 145 ? 11.278  -6.970  -12.066 1.00 17.70 ? 143 ASP A CA  1 
ATOM   1165 C C   . ASP A 1 145 ? 10.848  -7.489  -13.452 1.00 18.64 ? 143 ASP A C   1 
ATOM   1166 O O   . ASP A 1 145 ? 11.195  -8.621  -13.839 1.00 17.95 ? 143 ASP A O   1 
ATOM   1167 C CB  . ASP A 1 145 ? 11.926  -5.590  -12.070 1.00 17.37 ? 143 ASP A CB  1 
ATOM   1168 C CG  . ASP A 1 145 ? 13.003  -5.387  -13.095 1.00 17.96 ? 143 ASP A CG  1 
ATOM   1169 O OD1 . ASP A 1 145 ? 13.152  -6.222  -14.025 1.00 16.59 ? 143 ASP A OD1 1 
ATOM   1170 O OD2 . ASP A 1 145 ? 13.719  -4.376  -12.939 1.00 19.56 ? 143 ASP A OD2 1 
ATOM   1171 N N   . PRO A 1 146 ? 10.004  -6.728  -14.156 1.00 17.95 ? 144 PRO A N   1 
ATOM   1172 C CA  . PRO A 1 146 ? 9.422   -7.240  -15.407 1.00 19.36 ? 144 PRO A CA  1 
ATOM   1173 C C   . PRO A 1 146 ? 10.417  -7.485  -16.525 1.00 20.69 ? 144 PRO A C   1 
ATOM   1174 O O   . PRO A 1 146 ? 10.125  -8.257  -17.446 1.00 22.03 ? 144 PRO A O   1 
ATOM   1175 C CB  . PRO A 1 146 ? 8.381   -6.166  -15.744 1.00 21.09 ? 144 PRO A CB  1 
ATOM   1176 C CG  . PRO A 1 146 ? 7.998   -5.623  -14.398 1.00 20.74 ? 144 PRO A CG  1 
ATOM   1177 C CD  . PRO A 1 146 ? 9.285   -5.524  -13.672 1.00 19.69 ? 144 PRO A CD  1 
ATOM   1178 N N   . ASP A 1 147 ? 11.567  -6.846  -16.411 1.00 20.36 ? 145 ASP A N   1 
ATOM   1179 C CA  . ASP A 1 147 ? 12.684  -6.968  -17.342 1.00 20.70 ? 145 ASP A CA  1 
ATOM   1180 C C   . ASP A 1 147 ? 13.606  -8.116  -16.948 1.00 17.80 ? 145 ASP A C   1 
ATOM   1181 O O   . ASP A 1 147 ? 14.683  -8.286  -17.575 1.00 19.09 ? 145 ASP A O   1 
ATOM   1182 C CB  . ASP A 1 147 ? 13.476  -5.682  -17.427 1.00 21.14 ? 145 ASP A CB  1 
ATOM   1183 C CG  . ASP A 1 147 ? 12.636  -4.536  -17.922 1.00 28.14 ? 145 ASP A CG  1 
ATOM   1184 O OD1 . ASP A 1 147 ? 12.155  -4.679  -19.058 1.00 26.31 ? 145 ASP A OD1 1 
ATOM   1185 O OD2 . ASP A 1 147 ? 12.427  -3.565  -17.134 1.00 29.22 ? 145 ASP A OD2 1 
ATOM   1186 N N   . GLY A 1 148 ? 13.261  -8.879  -15.912 1.00 16.39 ? 146 GLY A N   1 
ATOM   1187 C CA  . GLY A 1 148 ? 14.102  -9.956  -15.422 1.00 17.53 ? 146 GLY A CA  1 
ATOM   1188 C C   . GLY A 1 148 ? 15.314  -9.520  -14.657 1.00 16.84 ? 146 GLY A C   1 
ATOM   1189 O O   . GLY A 1 148 ? 16.239  -10.358 -14.443 1.00 19.34 ? 146 GLY A O   1 
ATOM   1190 N N   . ARG A 1 149 ? 15.358  -8.270  -14.210 1.00 15.83 ? 147 ARG A N   1 
ATOM   1191 C CA  . ARG A 1 149 ? 16.481  -7.721  -13.440 1.00 16.11 ? 147 ARG A CA  1 
ATOM   1192 C C   . ARG A 1 149 ? 16.200  -7.994  -11.944 1.00 16.09 ? 147 ARG A C   1 
ATOM   1193 O O   . ARG A 1 149 ? 15.044  -7.944  -11.494 1.00 16.65 ? 147 ARG A O   1 
ATOM   1194 C CB  . ARG A 1 149 ? 16.707  -6.272  -13.746 1.00 16.52 ? 147 ARG A CB  1 
ATOM   1195 C CG  . ARG A 1 149 ? 17.055  -5.960  -15.207 1.00 17.52 ? 147 ARG A CG  1 
ATOM   1196 C CD  . ARG A 1 149 ? 17.447  -4.535  -15.420 1.00 19.20 ? 147 ARG A CD  1 
ATOM   1197 N NE  . ARG A 1 149 ? 17.832  -4.323  -16.834 1.00 20.08 ? 147 ARG A NE  1 
ATOM   1198 C CZ  . ARG A 1 149 ? 17.108  -3.725  -17.766 1.00 21.66 ? 147 ARG A CZ  1 
ATOM   1199 N NH1 . ARG A 1 149 ? 15.871  -3.323  -17.556 1.00 22.40 ? 147 ARG A NH1 1 
ATOM   1200 N NH2 . ARG A 1 149 ? 17.617  -3.607  -18.959 1.00 21.19 ? 147 ARG A NH2 1 
ATOM   1201 N N   . ARG A 1 150 ? 17.272  -8.277  -11.232 1.00 17.17 ? 148 ARG A N   1 
ATOM   1202 C CA  . ARG A 1 150 ? 17.208  -8.544  -9.797  1.00 17.57 ? 148 ARG A CA  1 
ATOM   1203 C C   . ARG A 1 150 ? 17.029  -7.221  -9.074  1.00 17.11 ? 148 ARG A C   1 
ATOM   1204 O O   . ARG A 1 150 ? 17.736  -6.246  -9.318  1.00 17.25 ? 148 ARG A O   1 
ATOM   1205 C CB  . ARG A 1 150 ? 18.477  -9.226  -9.317  1.00 20.55 ? 148 ARG A CB  1 
ATOM   1206 C CG  . ARG A 1 150 ? 18.704  -10.566 -9.971  1.00 21.73 ? 148 ARG A CG  1 
ATOM   1207 C CD  . ARG A 1 150 ? 20.163  -11.018 -9.842  1.00 26.84 ? 148 ARG A CD  1 
ATOM   1208 N NE  . ARG A 1 150 ? 20.550  -11.358 -8.493  1.00 33.17 ? 148 ARG A NE  1 
ATOM   1209 C CZ  . ARG A 1 150 ? 21.567  -10.793 -7.799  1.00 37.10 ? 148 ARG A CZ  1 
ATOM   1210 N NH1 . ARG A 1 150 ? 21.830  -11.230 -6.567  1.00 44.41 ? 148 ARG A NH1 1 
ATOM   1211 N NH2 . ARG A 1 150 ? 22.312  -9.802  -8.291  1.00 40.56 ? 148 ARG A NH2 1 
ATOM   1212 N N   . VAL A 1 151 ? 16.079  -7.237  -8.142  1.00 15.39 ? 149 VAL A N   1 
ATOM   1213 C CA  . VAL A 1 151 ? 15.820  -6.101  -7.239  1.00 14.32 ? 149 VAL A CA  1 
ATOM   1214 C C   . VAL A 1 151 ? 15.827  -6.650  -5.822  1.00 14.15 ? 149 VAL A C   1 
ATOM   1215 O O   . VAL A 1 151 ? 15.698  -7.860  -5.577  1.00 15.24 ? 149 VAL A O   1 
ATOM   1216 C CB  . VAL A 1 151 ? 14.469  -5.397  -7.515  1.00 14.75 ? 149 VAL A CB  1 
ATOM   1217 C CG1 . VAL A 1 151 ? 14.511  -4.782  -8.905  1.00 16.42 ? 149 VAL A CG1 1 
ATOM   1218 C CG2 . VAL A 1 151 ? 13.313  -6.346  -7.387  1.00 15.65 ? 149 VAL A CG2 1 
ATOM   1219 N N   . ALA A 1 152 ? 15.935  -5.739  -4.898  1.00 12.94 ? 150 ALA A N   1 
ATOM   1220 C CA  . ALA A 1 152 ? 16.000  -6.065  -3.444  1.00 14.26 ? 150 ALA A CA  1 
ATOM   1221 C C   . ALA A 1 152 ? 14.735  -5.593  -2.768  1.00 13.42 ? 150 ALA A C   1 
ATOM   1222 O O   . ALA A 1 152 ? 14.416  -4.405  -2.776  1.00 15.92 ? 150 ALA A O   1 
ATOM   1223 C CB  . ALA A 1 152 ? 17.235  -5.429  -2.789  1.00 13.88 ? 150 ALA A CB  1 
ATOM   1224 N N   . LEU A 1 153 ? 14.047  -6.516  -2.110  1.00 13.28 ? 151 LEU A N   1 
ATOM   1225 C CA  . LEU A 1 153 ? 12.849  -6.156  -1.379  1.00 13.49 ? 151 LEU A CA  1 
ATOM   1226 C C   . LEU A 1 153 ? 13.201  -6.020  0.079   1.00 13.96 ? 151 LEU A C   1 
ATOM   1227 O O   . LEU A 1 153 ? 13.627  -7.010  0.709   1.00 15.10 ? 151 LEU A O   1 
ATOM   1228 C CB  . LEU A 1 153 ? 11.805  -7.260  -1.540  1.00 14.47 ? 151 LEU A CB  1 
ATOM   1229 C CG  . LEU A 1 153 ? 10.422  -7.041  -0.927  1.00 14.98 ? 151 LEU A CG  1 
ATOM   1230 C CD1 . LEU A 1 153 ? 9.705   -5.845  -1.554  1.00 14.58 ? 151 LEU A CD1 1 
ATOM   1231 C CD2 . LEU A 1 153 ? 9.594   -8.300  -1.020  1.00 15.68 ? 151 LEU A CD2 1 
ATOM   1232 N N   A ILE A 1 154 ? 13.045  -4.830  0.626   0.50 13.50 ? 152 ILE A N   1 
ATOM   1233 N N   B ILE A 1 154 ? 13.079  -4.803  0.606   0.50 13.45 ? 152 ILE A N   1 
ATOM   1234 C CA  A ILE A 1 154 ? 13.486  -4.558  1.981   0.50 14.10 ? 152 ILE A CA  1 
ATOM   1235 C CA  B ILE A 1 154 ? 13.481  -4.459  1.973   0.50 13.85 ? 152 ILE A CA  1 
ATOM   1236 C C   A ILE A 1 154 ? 12.294  -4.747  2.877   0.50 13.55 ? 152 ILE A C   1 
ATOM   1237 C C   B ILE A 1 154 ? 12.277  -4.754  2.859   0.50 13.46 ? 152 ILE A C   1 
ATOM   1238 O O   A ILE A 1 154 ? 11.326  -4.027  2.792   0.50 13.85 ? 152 ILE A O   1 
ATOM   1239 O O   B ILE A 1 154 ? 11.266  -4.102  2.748   0.50 13.84 ? 152 ILE A O   1 
ATOM   1240 C CB  A ILE A 1 154 ? 14.078  -3.175  2.112   0.50 13.77 ? 152 ILE A CB  1 
ATOM   1241 C CB  B ILE A 1 154 ? 13.874  -2.981  2.110   0.50 13.66 ? 152 ILE A CB  1 
ATOM   1242 C CG1 A ILE A 1 154 ? 15.319  -3.101  1.200   0.50 14.48 ? 152 ILE A CG1 1 
ATOM   1243 C CG1 B ILE A 1 154 ? 14.869  -2.527  1.001   0.50 13.81 ? 152 ILE A CG1 1 
ATOM   1244 C CG2 A ILE A 1 154 ? 14.357  -2.889  3.584   0.50 14.20 ? 152 ILE A CG2 1 
ATOM   1245 C CG2 B ILE A 1 154 ? 14.394  -2.722  3.529   0.50 14.11 ? 152 ILE A CG2 1 
ATOM   1246 C CD1 A ILE A 1 154 ? 15.969  -1.744  1.046   0.50 14.97 ? 152 ILE A CD1 1 
ATOM   1247 C CD1 B ILE A 1 154 ? 16.079  -3.435  0.853   0.50 15.17 ? 152 ILE A CD1 1 
ATOM   1248 N N   . GLN A 1 155 ? 12.383  -5.777  3.725   1.00 13.56 ? 153 GLN A N   1 
ATOM   1249 C CA  . GLN A 1 155 ? 11.248  -6.261  4.552   1.00 13.88 ? 153 GLN A CA  1 
ATOM   1250 C C   . GLN A 1 155 ? 11.340  -5.622  5.896   1.00 15.61 ? 153 GLN A C   1 
ATOM   1251 O O   . GLN A 1 155 ? 12.314  -5.893  6.609   1.00 16.45 ? 153 GLN A O   1 
ATOM   1252 C CB  . GLN A 1 155 ? 11.287  -7.781  4.591   1.00 14.25 ? 153 GLN A CB  1 
ATOM   1253 C CG  . GLN A 1 155 ? 11.142  -8.425  3.229   1.00 15.92 ? 153 GLN A CG  1 
ATOM   1254 C CD  . GLN A 1 155 ? 11.364  -9.911  3.199   1.00 18.72 ? 153 GLN A CD  1 
ATOM   1255 O OE1 . GLN A 1 155 ? 12.351  -10.388 3.679   1.00 23.17 ? 153 GLN A OE1 1 
ATOM   1256 N NE2 . GLN A 1 155 ? 10.504  -10.612 2.535   1.00 21.99 ? 153 GLN A NE2 1 
ATOM   1257 N N   . MET A 1 156 ? 10.394  -4.743  6.225   1.00 14.00 ? 154 MET A N   1 
ATOM   1258 C CA  . MET A 1 156 ? 10.396  -3.945  7.444   1.00 13.74 ? 154 MET A CA  1 
ATOM   1259 C C   . MET A 1 156 ? 9.174   -4.317  8.283   1.00 14.54 ? 154 MET A C   1 
ATOM   1260 O O   . MET A 1 156 ? 8.219   -4.883  7.791   1.00 14.88 ? 154 MET A O   1 
ATOM   1261 C CB  . MET A 1 156 ? 10.280  -2.430  7.111   1.00 15.23 ? 154 MET A CB  1 
ATOM   1262 C CG  . MET A 1 156 ? 11.309  -1.983  6.054   1.00 16.59 ? 154 MET A CG  1 
ATOM   1263 S SD  . MET A 1 156 ? 11.179  -0.293  5.497   1.00 16.51 ? 154 MET A SD  1 
ATOM   1264 C CE  . MET A 1 156 ? 11.831  0.500   6.934   1.00 18.37 ? 154 MET A CE  1 
ATOM   1265 N N   . ASP A 1 157 ? 9.251   -3.979  9.568   1.00 15.43 ? 155 ASP A N   1 
ATOM   1266 C CA  . ASP A 1 157 ? 8.115   -4.189  10.438  1.00 15.93 ? 155 ASP A CA  1 
ATOM   1267 C C   . ASP A 1 157 ? 8.073   -3.177  11.561  1.00 16.39 ? 155 ASP A C   1 
ATOM   1268 O O   . ASP A 1 157 ? 9.018   -2.431  11.806  1.00 15.80 ? 155 ASP A O   1 
ATOM   1269 C CB  . ASP A 1 157 ? 8.010   -5.636  10.922  1.00 16.36 ? 155 ASP A CB  1 
ATOM   1270 C CG  . ASP A 1 157 ? 9.162   -6.071  11.819  1.00 15.84 ? 155 ASP A CG  1 
ATOM   1271 O OD1 . ASP A 1 157 ? 9.823   -5.205  12.391  1.00 16.87 ? 155 ASP A OD1 1 
ATOM   1272 O OD2 . ASP A 1 157 ? 9.322   -7.288  11.909  1.00 20.77 ? 155 ASP A OD2 1 
ATOM   1273 N N   . LYS A 1 158 ? 6.938   -3.129  12.266  1.00 15.91 ? 156 LYS A N   1 
ATOM   1274 C CA  . LYS A 1 158 ? 6.743   -2.173  13.349  1.00 16.31 ? 156 LYS A CA  1 
ATOM   1275 C C   . LYS A 1 158 ? 5.727   -2.788  14.347  1.00 16.63 ? 156 LYS A C   1 
ATOM   1276 O O   . LYS A 1 158 ? 4.732   -3.350  13.951  1.00 15.44 ? 156 LYS A O   1 
ATOM   1277 C CB  . LYS A 1 158 ? 6.216   -0.827  12.846  1.00 18.09 ? 156 LYS A CB  1 
ATOM   1278 C CG  . LYS A 1 158 ? 5.806   0.168   13.899  1.00 21.76 ? 156 LYS A CG  1 
ATOM   1279 C CD  . LYS A 1 158 ? 4.887   1.197   13.219  1.00 22.24 ? 156 LYS A CD  1 
ATOM   1280 C CE  . LYS A 1 158 ? 4.481   2.270   14.131  1.00 25.75 ? 156 LYS A CE  1 
ATOM   1281 N NZ  . LYS A 1 158 ? 3.844   3.321   13.372  1.00 23.43 ? 156 LYS A NZ  1 
ATOM   1282 N N   . PRO A 1 159 ? 6.033   -2.769  15.664  1.00 17.03 ? 157 PRO A N   1 
ATOM   1283 C CA  . PRO A 1 159 ? 5.004   -3.250  16.603  1.00 17.72 ? 157 PRO A CA  1 
ATOM   1284 C C   . PRO A 1 159 ? 3.870   -2.205  16.683  1.00 15.85 ? 157 PRO A C   1 
ATOM   1285 O O   . PRO A 1 159 ? 4.065   -0.979  16.631  1.00 17.77 ? 157 PRO A O   1 
ATOM   1286 C CB  . PRO A 1 159 ? 5.787   -3.328  17.944  1.00 19.61 ? 157 PRO A CB  1 
ATOM   1287 C CG  . PRO A 1 159 ? 6.948   -2.471  17.790  1.00 22.52 ? 157 PRO A CG  1 
ATOM   1288 C CD  . PRO A 1 159 ? 7.220   -2.229  16.309  1.00 19.81 ? 157 PRO A CD  1 
ATOM   1289 N N   . LEU A 1 160 ? 2.649   -2.720  16.894  1.00 18.03 ? 158 LEU A N   1 
ATOM   1290 C CA  . LEU A 1 160 ? 1.439   -1.883  16.888  1.00 20.09 ? 158 LEU A CA  1 
ATOM   1291 C C   . LEU A 1 160 ? 0.948   -1.401  18.265  1.00 29.70 ? 158 LEU A C   1 
ATOM   1292 O O   . LEU A 1 160 ? 0.451   -0.272  18.384  1.00 36.75 ? 158 LEU A O   1 
ATOM   1293 C CB  . LEU A 1 160 ? 0.313   -2.627  16.132  1.00 20.19 ? 158 LEU A CB  1 
ATOM   1294 C CG  . LEU A 1 160 ? 0.645   -2.761  14.624  1.00 19.77 ? 158 LEU A CG  1 
ATOM   1295 C CD1 . LEU A 1 160 ? -0.451  -3.381  13.798  1.00 23.27 ? 158 LEU A CD1 1 
ATOM   1296 C CD2 . LEU A 1 160 ? 1.062   -1.419  14.012  1.00 22.15 ? 158 LEU A CD2 1 
ATOM   1297 N N   . GLU A 1 161 ? 1.069   -2.240  19.276  1.00 32.97 ? 159 GLU A N   1 
ATOM   1298 C CA  . GLU A 1 161 ? 0.980   -1.693  20.679  1.00 45.44 ? 159 GLU A CA  1 
ATOM   1299 C C   . GLU A 1 161 ? -0.439  -1.668  21.292  1.00 51.37 ? 159 GLU A C   1 
ATOM   1300 O O   . GLU A 1 161 ? -0.660  -2.147  22.426  1.00 58.66 ? 159 GLU A O   1 
ATOM   1301 C CB  . GLU A 1 161 ? 1.586   -0.261  20.733  1.00 45.01 ? 159 GLU A CB  1 
HETATM 1302 C C1  A 4KO B 2 .   ? 4.171   -1.256  1.449   0.80 37.58 ? 201 4KO A C1  1 
HETATM 1303 N N1  A 4KO B 2 .   ? 3.526   -1.080  0.158   0.80 35.78 ? 201 4KO A N1  1 
HETATM 1304 O O1  A 4KO B 2 .   ? 1.905   -9.157  -3.021  0.80 18.86 ? 201 4KO A O1  1 
HETATM 1305 S S1  A 4KO B 2 .   ? 4.627   -3.183  -1.024  0.80 32.81 ? 201 4KO A S1  1 
HETATM 1306 C C2  A 4KO B 2 .   ? 3.662   -1.829  -0.888  0.80 29.83 ? 201 4KO A C2  1 
HETATM 1307 N N2  A 4KO B 2 .   ? 2.859   -1.283  -1.814  0.80 28.88 ? 201 4KO A N2  1 
HETATM 1308 O O2  A 4KO B 2 .   ? 7.040   -10.287 -2.967  0.80 20.28 ? 201 4KO A O2  1 
HETATM 1309 S S2  A 4KO B 2 .   ? 7.530   -9.506  -6.101  0.80 19.87 ? 201 4KO A S2  1 
HETATM 1310 C C3  A 4KO B 2 .   ? 4.025   -3.842  -2.617  0.80 17.65 ? 201 4KO A C3  1 
HETATM 1311 N N3  A 4KO B 2 .   ? 2.321   -0.178  -1.268  0.80 31.26 ? 201 4KO A N3  1 
HETATM 1312 O O3  A 4KO B 2 .   ? 4.433   -10.473 -1.439  0.80 20.29 ? 201 4KO A O3  1 
HETATM 1313 S S3  A 4KO B 2 .   ? 6.269   -7.254  -2.751  0.80 18.19 ? 201 4KO A S3  1 
HETATM 1314 C C4  A 4KO B 2 .   ? 4.269   -5.296  -2.475  0.80 16.57 ? 201 4KO A C4  1 
HETATM 1315 N N4  A 4KO B 2 .   ? 2.691   -0.041  -0.027  0.80 35.48 ? 201 4KO A N4  1 
HETATM 1316 O O4  A 4KO B 2 .   ? 1.185   -5.155  -2.443  0.80 14.83 ? 201 4KO A O4  1 
HETATM 1317 C C5  A 4KO B 2 .   ? 3.283   -6.193  -2.643  0.80 15.89 ? 201 4KO A C5  1 
HETATM 1318 N N5  A 4KO B 2 .   ? 3.573   -7.561  -2.483  0.80 16.68 ? 201 4KO A N5  1 
HETATM 1319 O O5  A 4KO B 2 .   ? 1.513   -6.404  -4.189  0.80 16.14 ? 201 4KO A O5  1 
HETATM 1320 C C6  A 4KO B 2 .   ? 4.875   -8.075  -1.983  0.80 17.10 ? 201 4KO A C6  1 
HETATM 1321 N N6  A 4KO B 2 .   ? 4.938   -9.974  -3.735  0.80 17.42 ? 201 4KO A N6  1 
HETATM 1322 C C7  A 4KO B 2 .   ? 4.418   -9.483  -2.474  0.80 17.82 ? 201 4KO A C7  1 
HETATM 1323 N N7  A 4KO B 2 .   ? 5.507   -10.324 -9.040  0.80 30.32 ? 201 4KO A N7  1 
HETATM 1324 C C8  A 4KO B 2 .   ? 3.032   -8.798  -2.683  0.80 17.43 ? 201 4KO A C8  1 
HETATM 1325 C C9  A 4KO B 2 .   ? 6.207   -10.373 -3.878  0.80 17.79 ? 201 4KO A C9  1 
HETATM 1326 C C10 A 4KO B 2 .   ? 6.605   -10.808 -5.264  0.80 18.09 ? 201 4KO A C10 1 
HETATM 1327 C C11 A 4KO B 2 .   ? 7.783   -10.152 -7.821  0.80 23.16 ? 201 4KO A C11 1 
HETATM 1328 C C12 A 4KO B 2 .   ? 6.526   -10.270 -8.526  0.80 23.08 ? 201 4KO A C12 1 
HETATM 1329 C C13 A 4KO B 2 .   ? 3.665   -11.682 -1.736  0.80 20.87 ? 201 4KO A C13 1 
HETATM 1330 C C14 A 4KO B 2 .   ? 5.724   -5.630  -2.208  0.80 16.67 ? 201 4KO A C14 1 
HETATM 1331 C C15 A 4KO B 2 .   ? 1.887   -5.892  -3.104  0.80 15.00 ? 201 4KO A C15 1 
HETATM 1332 S S   . SO4 C 3 .   ? 10.722  -13.377 -8.097  0.70 27.85 ? 202 SO4 A S   1 
HETATM 1333 O O1  . SO4 C 3 .   ? 10.557  -13.981 -9.437  0.70 37.99 ? 202 SO4 A O1  1 
HETATM 1334 O O2  . SO4 C 3 .   ? 10.259  -11.993 -8.078  0.70 22.23 ? 202 SO4 A O2  1 
HETATM 1335 O O3  . SO4 C 3 .   ? 12.175  -13.477 -7.779  0.70 27.71 ? 202 SO4 A O3  1 
HETATM 1336 O O4  . SO4 C 3 .   ? 10.113  -14.121 -6.981  0.70 32.06 ? 202 SO4 A O4  1 
HETATM 1337 S S   . SO4 D 3 .   ? -12.514 -6.938  4.122   1.00 53.17 ? 203 SO4 A S   1 
HETATM 1338 O O1  . SO4 D 3 .   ? -13.878 -6.370  4.057   1.00 60.50 ? 203 SO4 A O1  1 
HETATM 1339 O O2  . SO4 D 3 .   ? -12.070 -7.152  2.734   1.00 49.58 ? 203 SO4 A O2  1 
HETATM 1340 O O3  . SO4 D 3 .   ? -12.557 -8.232  4.860   1.00 61.92 ? 203 SO4 A O3  1 
HETATM 1341 O O4  . SO4 D 3 .   ? -11.664 -6.014  4.881   1.00 53.24 ? 203 SO4 A O4  1 
HETATM 1342 S S   . SO4 E 3 .   ? 11.455  -14.556 1.092   0.80 36.47 ? 204 SO4 A S   1 
HETATM 1343 O O1  . SO4 E 3 .   ? 12.142  -14.638 -0.242  0.80 31.87 ? 204 SO4 A O1  1 
HETATM 1344 O O2  . SO4 E 3 .   ? 10.554  -13.402 1.401   0.80 33.99 ? 204 SO4 A O2  1 
HETATM 1345 O O3  . SO4 E 3 .   ? 12.510  -14.478 2.132   0.80 38.57 ? 204 SO4 A O3  1 
HETATM 1346 O O4  . SO4 E 3 .   ? 10.699  -15.820 1.319   0.80 45.72 ? 204 SO4 A O4  1 
HETATM 1347 C C1  A EDO F 4 .   ? 0.847   5.442   -6.971  0.50 23.88 ? 205 EDO A C1  1 
HETATM 1348 C C1  B EDO F 4 .   ? 1.363   5.867   -5.861  0.50 44.18 ? 205 EDO A C1  1 
HETATM 1349 O O1  A EDO F 4 .   ? 1.192   6.010   -5.696  0.50 21.29 ? 205 EDO A O1  1 
HETATM 1350 O O1  B EDO F 4 .   ? 2.599   6.093   -5.167  0.50 46.43 ? 205 EDO A O1  1 
HETATM 1351 C C2  A EDO F 4 .   ? 1.373   4.025   -7.054  0.50 26.37 ? 205 EDO A C2  1 
HETATM 1352 C C2  B EDO F 4 .   ? 1.512   5.225   -7.233  0.50 44.10 ? 205 EDO A C2  1 
HETATM 1353 O O2  A EDO F 4 .   ? 2.695   3.937   -6.484  0.50 32.15 ? 205 EDO A O2  1 
HETATM 1354 O O2  B EDO F 4 .   ? 1.645   3.806   -7.113  0.50 48.85 ? 205 EDO A O2  1 
HETATM 1355 C C1  A EDO G 4 .   ? -6.491  -13.183 19.214  0.70 37.68 ? 206 EDO A C1  1 
HETATM 1356 C C1  B EDO G 4 .   ? -6.682  -13.077 19.300  0.30 24.60 ? 206 EDO A C1  1 
HETATM 1357 O O1  A EDO G 4 .   ? -6.200  -14.467 18.626  0.70 42.15 ? 206 EDO A O1  1 
HETATM 1358 O O1  B EDO G 4 .   ? -8.015  -12.885 19.786  0.30 24.60 ? 206 EDO A O1  1 
HETATM 1359 C C2  A EDO G 4 .   ? -5.485  -12.797 20.290  0.70 32.05 ? 206 EDO A C2  1 
HETATM 1360 C C2  B EDO G 4 .   ? -5.661  -12.782 20.384  0.30 22.42 ? 206 EDO A C2  1 
HETATM 1361 O O2  A EDO G 4 .   ? -5.609  -11.422 20.686  0.70 27.44 ? 206 EDO A O2  1 
HETATM 1362 O O2  B EDO G 4 .   ? -5.558  -11.384 20.646  0.30 20.69 ? 206 EDO A O2  1 
HETATM 1363 C C1  B EDO H 4 .   ? 13.315  -7.403  -22.473 0.50 35.10 ? 207 EDO A C1  1 
HETATM 1364 O O1  B EDO H 4 .   ? 12.764  -6.274  -23.142 0.50 36.44 ? 207 EDO A O1  1 
HETATM 1365 C C2  B EDO H 4 .   ? 13.154  -7.243  -20.979 0.50 34.48 ? 207 EDO A C2  1 
HETATM 1366 O O2  B EDO H 4 .   ? 12.048  -8.039  -20.571 0.50 32.99 ? 207 EDO A O2  1 
HETATM 1367 C C1  A EDO I 4 .   ? 5.941   7.244   -0.325  0.50 43.55 ? 208 EDO A C1  1 
HETATM 1368 C C1  B EDO I 4 .   ? 5.852   7.610   -0.180  0.50 45.00 ? 208 EDO A C1  1 
HETATM 1369 O O1  A EDO I 4 .   ? 6.374   8.578   -0.004  0.50 39.12 ? 208 EDO A O1  1 
HETATM 1370 O O1  B EDO I 4 .   ? 4.562   8.159   0.118   0.50 36.74 ? 208 EDO A O1  1 
HETATM 1371 C C2  A EDO I 4 .   ? 6.450   6.853   -1.712  0.50 45.80 ? 208 EDO A C2  1 
HETATM 1372 C C2  B EDO I 4 .   ? 6.030   7.521   -1.694  0.50 47.61 ? 208 EDO A C2  1 
HETATM 1373 O O2  A EDO I 4 .   ? 5.955   5.564   -2.113  0.50 45.41 ? 208 EDO A O2  1 
HETATM 1374 O O2  B EDO I 4 .   ? 6.211   6.152   -2.097  0.50 50.79 ? 208 EDO A O2  1 
HETATM 1375 C C1  . EDO J 4 .   ? -3.672  -15.174 3.347   1.00 41.81 ? 209 EDO A C1  1 
HETATM 1376 O O1  . EDO J 4 .   ? -2.861  -14.601 2.309   1.00 49.67 ? 209 EDO A O1  1 
HETATM 1377 C C2  . EDO J 4 .   ? -3.513  -14.403 4.644   1.00 38.41 ? 209 EDO A C2  1 
HETATM 1378 O O2  . EDO J 4 .   ? -2.172  -13.934 4.834   1.00 31.27 ? 209 EDO A O2  1 
HETATM 1379 C C1  A EDO K 4 .   ? -9.964  -14.462 7.029   0.50 54.47 ? 210 EDO A C1  1 
HETATM 1380 C C1  B EDO K 4 .   ? -9.928  -14.312 7.562   0.50 48.50 ? 210 EDO A C1  1 
HETATM 1381 O O1  A EDO K 4 .   ? -9.758  -13.785 8.280   0.50 52.46 ? 210 EDO A O1  1 
HETATM 1382 O O1  B EDO K 4 .   ? -10.771 -13.958 6.454   0.50 45.68 ? 210 EDO A O1  1 
HETATM 1383 C C2  A EDO K 4 .   ? -8.945  -15.590 6.880   0.50 56.19 ? 210 EDO A C2  1 
HETATM 1384 C C2  B EDO K 4 .   ? -8.955  -15.386 7.101   0.50 49.50 ? 210 EDO A C2  1 
HETATM 1385 O O2  A EDO K 4 .   ? -8.658  -15.842 5.495   0.50 54.80 ? 210 EDO A O2  1 
HETATM 1386 O O2  B EDO K 4 .   ? -9.058  -15.480 5.673   0.50 48.44 ? 210 EDO A O2  1 
HETATM 1387 C C1  . EDO L 4 .   ? 10.544  -1.447  -11.987 1.00 32.84 ? 211 EDO A C1  1 
HETATM 1388 O O1  . EDO L 4 .   ? 9.768   -1.327  -13.171 1.00 33.74 ? 211 EDO A O1  1 
HETATM 1389 C C2  . EDO L 4 .   ? 11.955  -1.751  -12.455 1.00 33.31 ? 211 EDO A C2  1 
HETATM 1390 O O2  . EDO L 4 .   ? 12.776  -2.362  -11.457 1.00 29.29 ? 211 EDO A O2  1 
HETATM 1391 C C1  . EDO M 4 .   ? -19.189 -0.692  -4.070  1.00 35.47 ? 212 EDO A C1  1 
HETATM 1392 O O1  . EDO M 4 .   ? -18.363 -1.704  -3.602  1.00 36.77 ? 212 EDO A O1  1 
HETATM 1393 C C2  . EDO M 4 .   ? -20.519 -0.523  -3.410  1.00 42.65 ? 212 EDO A C2  1 
HETATM 1394 O O2  . EDO M 4 .   ? -21.090 0.610   -4.114  1.00 46.33 ? 212 EDO A O2  1 
HETATM 1395 C C1  A EDO N 4 .   ? -15.434 -4.424  -3.877  0.10 31.90 ? 213 EDO A C1  1 
HETATM 1396 C C1  B EDO N 4 .   ? -15.598 -4.386  -4.354  0.50 44.11 ? 213 EDO A C1  1 
HETATM 1397 O O1  A EDO N 4 .   ? -16.649 -4.288  -3.132  0.10 32.92 ? 213 EDO A O1  1 
HETATM 1398 O O1  B EDO N 4 .   ? -16.518 -3.718  -3.487  0.50 47.39 ? 213 EDO A O1  1 
HETATM 1399 C C2  A EDO N 4 .   ? -14.830 -3.051  -4.151  0.10 31.73 ? 213 EDO A C2  1 
HETATM 1400 C C2  B EDO N 4 .   ? -14.629 -3.336  -4.860  0.50 44.67 ? 213 EDO A C2  1 
HETATM 1401 O O2  A EDO N 4 .   ? -14.257 -3.035  -5.465  0.10 30.97 ? 213 EDO A O2  1 
HETATM 1402 O O2  B EDO N 4 .   ? -14.355 -2.484  -3.745  0.50 43.87 ? 213 EDO A O2  1 
HETATM 1403 C C1  A EDO O 4 .   ? 4.340   6.827   -18.208 0.50 32.83 ? 214 EDO A C1  1 
HETATM 1404 C C1  B EDO O 4 .   ? 4.756   6.691   -18.342 0.50 46.68 ? 214 EDO A C1  1 
HETATM 1405 O O1  A EDO O 4 .   ? 5.231   5.808   -18.675 0.50 37.11 ? 214 EDO A O1  1 
HETATM 1406 O O1  B EDO O 4 .   ? 5.476   6.049   -19.404 0.50 50.87 ? 214 EDO A O1  1 
HETATM 1407 C C2  A EDO O 4 .   ? 5.027   8.174   -17.914 0.50 32.42 ? 214 EDO A C2  1 
HETATM 1408 C C2  B EDO O 4 .   ? 5.088   8.185   -18.251 0.50 45.46 ? 214 EDO A C2  1 
HETATM 1409 O O2  A EDO O 4 .   ? 4.373   8.899   -16.837 0.50 30.10 ? 214 EDO A O2  1 
HETATM 1410 O O2  B EDO O 4 .   ? 6.486   8.414   -18.013 0.50 43.19 ? 214 EDO A O2  1 
HETATM 1411 C C1  . EDO P 4 .   ? -3.616  8.552   -14.860 1.00 40.79 ? 215 EDO A C1  1 
HETATM 1412 O O1  . EDO P 4 .   ? -2.713  9.539   -15.352 1.00 42.56 ? 215 EDO A O1  1 
HETATM 1413 C C2  . EDO P 4 .   ? -4.859  8.557   -15.693 1.00 42.79 ? 215 EDO A C2  1 
HETATM 1414 O O2  . EDO P 4 .   ? -4.618  9.453   -16.772 1.00 48.66 ? 215 EDO A O2  1 
HETATM 1415 S S   . SO4 Q 3 .   ? 2.978   10.928  2.133   0.80 23.30 ? 216 SO4 A S   1 
HETATM 1416 O O1  . SO4 Q 3 .   ? 3.216   12.402  2.003   0.80 23.37 ? 216 SO4 A O1  1 
HETATM 1417 O O2  . SO4 Q 3 .   ? 2.004   10.552  1.043   0.80 25.85 ? 216 SO4 A O2  1 
HETATM 1418 O O3  . SO4 Q 3 .   ? 4.259   10.239  1.764   0.80 26.12 ? 216 SO4 A O3  1 
HETATM 1419 O O4  . SO4 Q 3 .   ? 2.525   10.611  3.469   0.80 22.47 ? 216 SO4 A O4  1 
HETATM 1420 C C1  . EDO R 4 .   ? -3.017  -9.352  -6.312  1.00 30.52 ? 217 EDO A C1  1 
HETATM 1421 O O1  . EDO R 4 .   ? -3.363  -9.741  -4.966  1.00 25.62 ? 217 EDO A O1  1 
HETATM 1422 C C2  . EDO R 4 .   ? -1.750  -10.097 -6.761  1.00 30.74 ? 217 EDO A C2  1 
HETATM 1423 O O2  . EDO R 4 .   ? -0.585  -9.687  -5.997  1.00 26.32 ? 217 EDO A O2  1 
HETATM 1424 O O   . HOH S 5 .   ? 13.614  -1.728  -6.707  1.00 14.93 ? 301 HOH A O   1 
HETATM 1425 O O   . HOH S 5 .   ? 13.910  1.968   9.094   1.00 16.10 ? 302 HOH A O   1 
HETATM 1426 O O   . HOH S 5 .   ? 18.314  -10.321 5.136   1.00 17.99 ? 303 HOH A O   1 
HETATM 1427 O O   . HOH S 5 .   ? 7.821   -0.612  -2.882  1.00 18.70 ? 304 HOH A O   1 
HETATM 1428 O O   . HOH S 5 .   ? 1.750   -8.097  -6.284  1.00 18.27 ? 305 HOH A O   1 
HETATM 1429 O O   . HOH S 5 .   ? 3.825   -4.210  -11.780 1.00 19.78 ? 306 HOH A O   1 
HETATM 1430 O O   . HOH S 5 .   ? -9.561  -6.136  -0.257  1.00 19.24 ? 307 HOH A O   1 
HETATM 1431 O O   . HOH S 5 .   ? -0.827  -13.383 19.696  1.00 20.13 ? 308 HOH A O   1 
HETATM 1432 O O   . HOH S 5 .   ? 0.452   12.490  -0.018  1.00 22.49 ? 309 HOH A O   1 
HETATM 1433 O O   . HOH S 5 .   ? -19.702 2.265   -5.945  1.00 21.29 ? 310 HOH A O   1 
HETATM 1434 O O   . HOH S 5 .   ? 14.192  -2.936  -15.230 1.00 24.12 ? 311 HOH A O   1 
HETATM 1435 O O   . HOH S 5 .   ? -15.384 7.497   -6.281  1.00 19.64 ? 312 HOH A O   1 
HETATM 1436 O O   . HOH S 5 .   ? 5.008   -2.428  -13.717 1.00 25.39 ? 313 HOH A O   1 
HETATM 1437 O O   . HOH S 5 .   ? -12.858 9.125   8.404   1.00 28.06 ? 314 HOH A O   1 
HETATM 1438 O O   . HOH S 5 .   ? -4.044  13.566  -9.238  1.00 32.19 ? 315 HOH A O   1 
HETATM 1439 O O   . HOH S 5 .   ? -17.344 2.526   1.719   1.00 23.93 ? 316 HOH A O   1 
HETATM 1440 O O   . HOH S 5 .   ? 3.212   -10.495 -5.893  1.00 23.31 ? 317 HOH A O   1 
HETATM 1441 O O   . HOH S 5 .   ? -13.627 9.020   -7.923  1.00 23.72 ? 318 HOH A O   1 
HETATM 1442 O O   . HOH S 5 .   ? -14.851 2.704   -11.034 1.00 21.09 ? 319 HOH A O   1 
HETATM 1443 O O   . HOH S 5 .   ? 10.009  -0.833  14.781  1.00 23.94 ? 320 HOH A O   1 
HETATM 1444 O O   . HOH S 5 .   ? -10.289 -3.284  -16.810 1.00 28.95 ? 321 HOH A O   1 
HETATM 1445 O O   . HOH S 5 .   ? 11.930  7.852   -4.253  1.00 30.07 ? 322 HOH A O   1 
HETATM 1446 O O   . HOH S 5 .   ? 19.841  -8.514  -12.676 1.00 24.19 ? 323 HOH A O   1 
HETATM 1447 O O   . HOH S 5 .   ? -11.997 11.050  -6.515  1.00 24.35 ? 324 HOH A O   1 
HETATM 1448 O O   . HOH S 5 .   ? -8.214  5.568   -14.577 1.00 28.57 ? 325 HOH A O   1 
HETATM 1449 O O   . HOH S 5 .   ? -7.013  8.987   -11.199 1.00 25.86 ? 326 HOH A O   1 
HETATM 1450 O O   . HOH S 5 .   ? -13.642 6.080   -10.245 1.00 23.19 ? 327 HOH A O   1 
HETATM 1451 O O   . HOH S 5 .   ? -9.348  0.064   -16.695 1.00 24.19 ? 328 HOH A O   1 
HETATM 1452 O O   . HOH S 5 .   ? 16.558  -3.441  12.486  1.00 27.01 ? 329 HOH A O   1 
HETATM 1453 O O   . HOH S 5 .   ? 6.462   3.350   -17.809 1.00 24.58 ? 330 HOH A O   1 
HETATM 1454 O O   . HOH S 5 .   ? -13.080 -7.039  -6.512  1.00 26.68 ? 331 HOH A O   1 
HETATM 1455 O O   . HOH S 5 .   ? 4.387   -4.753  2.236   1.00 31.39 ? 332 HOH A O   1 
HETATM 1456 O O   . HOH S 5 .   ? 17.012  -1.200  -8.401  1.00 24.64 ? 333 HOH A O   1 
HETATM 1457 O O   . HOH S 5 .   ? 5.902   -13.059 1.266   1.00 36.86 ? 334 HOH A O   1 
HETATM 1458 O O   . HOH S 5 .   ? 13.834  -1.062  -9.372  1.00 24.62 ? 335 HOH A O   1 
HETATM 1459 O O   . HOH S 5 .   ? -12.437 2.625   6.360   1.00 24.02 ? 336 HOH A O   1 
HETATM 1460 O O   . HOH S 5 .   ? 15.890  4.714   -7.109  1.00 33.47 ? 337 HOH A O   1 
HETATM 1461 O O   . HOH S 5 .   ? 8.505   -10.201 -17.972 1.00 25.80 ? 338 HOH A O   1 
HETATM 1462 O O   . HOH S 5 .   ? 8.063   -7.048  5.826   1.00 28.18 ? 339 HOH A O   1 
HETATM 1463 O O   . HOH S 5 .   ? 2.933   10.738  -1.475  1.00 28.33 ? 340 HOH A O   1 
HETATM 1464 O O   . HOH S 5 .   ? -8.498  11.829  -7.295  1.00 28.06 ? 341 HOH A O   1 
HETATM 1465 O O   . HOH S 5 .   ? -20.680 -2.542  -6.597  1.00 33.06 ? 342 HOH A O   1 
HETATM 1466 O O   . HOH S 5 .   ? 4.992   -12.541 13.697  1.00 35.17 ? 343 HOH A O   1 
HETATM 1467 O O   . HOH S 5 .   ? 5.684   10.974  -6.217  1.00 33.90 ? 344 HOH A O   1 
HETATM 1468 O O   . HOH S 5 .   ? 9.779   -3.769  14.568  1.00 25.48 ? 345 HOH A O   1 
HETATM 1469 O O   . HOH S 5 .   ? 7.081   -11.068 -0.167  1.00 27.57 ? 346 HOH A O   1 
HETATM 1470 O O   . HOH S 5 .   ? 12.255  3.659   12.344  1.00 32.84 ? 347 HOH A O   1 
HETATM 1471 O O   . HOH S 5 .   ? 17.976  -10.465 7.899   1.00 26.27 ? 348 HOH A O   1 
HETATM 1472 O O   . HOH S 5 .   ? 7.600   -9.431  1.999   1.00 32.11 ? 349 HOH A O   1 
HETATM 1473 O O   . HOH S 5 .   ? 16.162  -2.921  -11.941 1.00 30.66 ? 350 HOH A O   1 
HETATM 1474 O O   . HOH S 5 .   ? 3.624   4.282   0.546   1.00 39.83 ? 351 HOH A O   1 
HETATM 1475 O O   . HOH S 5 .   ? -8.804  2.190   10.897  1.00 27.24 ? 352 HOH A O   1 
HETATM 1476 O O   . HOH S 5 .   ? -3.706  8.152   10.357  1.00 28.31 ? 353 HOH A O   1 
HETATM 1477 O O   . HOH S 5 .   ? -0.784  19.724  -5.437  1.00 40.63 ? 354 HOH A O   1 
HETATM 1478 O O   . HOH S 5 .   ? 1.928   5.483   11.742  1.00 29.68 ? 355 HOH A O   1 
HETATM 1479 O O   . HOH S 5 .   ? -11.798 17.184  3.243   1.00 32.72 ? 356 HOH A O   1 
HETATM 1480 O O   . HOH S 5 .   ? 15.551  -13.971 -1.335  1.00 34.77 ? 357 HOH A O   1 
HETATM 1481 O O   . HOH S 5 .   ? 5.488   -9.659  3.916   1.00 40.79 ? 358 HOH A O   1 
HETATM 1482 O O   . HOH S 5 .   ? -14.618 2.749   7.966   1.00 34.02 ? 359 HOH A O   1 
HETATM 1483 O O   . HOH S 5 .   ? 0.782   7.441   10.302  1.00 29.11 ? 360 HOH A O   1 
HETATM 1484 O O   . HOH S 5 .   ? -6.145  -15.136 10.258  1.00 30.34 ? 361 HOH A O   1 
HETATM 1485 O O   . HOH S 5 .   ? 2.263   10.902  -16.347 1.00 28.70 ? 362 HOH A O   1 
HETATM 1486 O O   . HOH S 5 .   ? 4.886   -12.797 6.063   1.00 30.38 ? 363 HOH A O   1 
HETATM 1487 O O   . HOH S 5 .   ? -17.377 5.353   -4.708  1.00 30.05 ? 364 HOH A O   1 
HETATM 1488 O O   . HOH S 5 .   ? -11.905 -9.205  -0.466  1.00 33.78 ? 365 HOH A O   1 
HETATM 1489 O O   . HOH S 5 .   ? -12.641 14.291  3.697   1.00 30.07 ? 366 HOH A O   1 
HETATM 1490 O O   . HOH S 5 .   ? 16.440  -7.586  13.103  1.00 30.69 ? 367 HOH A O   1 
HETATM 1491 O O   . HOH S 5 .   ? -2.445  -4.641  -19.144 1.00 41.14 ? 368 HOH A O   1 
HETATM 1492 O O   . HOH S 5 .   ? 8.637   -9.239  10.016  1.00 32.33 ? 369 HOH A O   1 
HETATM 1493 O O   . HOH S 5 .   ? 9.509   10.110  2.102   1.00 32.71 ? 370 HOH A O   1 
HETATM 1494 O O   . HOH S 5 .   ? -12.084 -9.558  -10.038 1.00 36.00 ? 371 HOH A O   1 
HETATM 1495 O O   . HOH S 5 .   ? 6.106   -13.277 11.380  1.00 38.36 ? 372 HOH A O   1 
HETATM 1496 O O   . HOH S 5 .   ? -9.716  10.002  10.044  1.00 35.96 ? 373 HOH A O   1 
HETATM 1497 O O   . HOH S 5 .   ? -8.768  -12.195 -7.709  1.00 37.09 ? 374 HOH A O   1 
HETATM 1498 O O   . HOH S 5 .   ? -5.619  -0.289  -19.152 1.00 31.10 ? 375 HOH A O   1 
HETATM 1499 O O   . HOH S 5 .   ? -11.268 12.470  -8.040  1.00 40.63 ? 376 HOH A O   1 
HETATM 1500 O O   . HOH S 5 .   ? -11.192 0.409   6.307   1.00 36.34 ? 377 HOH A O   1 
HETATM 1501 O O   . HOH S 5 .   ? -0.958  12.905  7.250   1.00 33.71 ? 378 HOH A O   1 
HETATM 1502 O O   . HOH S 5 .   ? 3.459   -10.514 15.875  1.00 32.84 ? 379 HOH A O   1 
HETATM 1503 O O   . HOH S 5 .   ? -10.898 -8.558  -12.145 1.00 32.76 ? 380 HOH A O   1 
HETATM 1504 O O   A HOH S 5 .   ? 4.818   -4.211  -15.968 0.70 25.97 ? 381 HOH A O   1 
HETATM 1505 O O   B HOH S 5 .   ? 4.180   -4.997  -17.485 0.30 20.75 ? 381 HOH A O   1 
HETATM 1506 O O   . HOH S 5 .   ? 17.695  -3.583  -10.061 1.00 32.39 ? 382 HOH A O   1 
HETATM 1507 O O   . HOH S 5 .   ? -18.257 -0.057  1.598   1.00 45.29 ? 383 HOH A O   1 
HETATM 1508 O O   . HOH S 5 .   ? 15.144  2.162   -11.032 1.00 48.17 ? 384 HOH A O   1 
HETATM 1509 O O   . HOH S 5 .   ? 9.013   -8.905  7.419   1.00 39.62 ? 385 HOH A O   1 
HETATM 1510 O O   . HOH S 5 .   ? -10.778 -11.328 6.942   1.00 43.39 ? 386 HOH A O   1 
HETATM 1511 O O   . HOH S 5 .   ? 4.750   10.632  -10.709 1.00 42.01 ? 387 HOH A O   1 
HETATM 1512 O O   . HOH S 5 .   ? -20.912 2.696   -8.371  1.00 35.36 ? 388 HOH A O   1 
HETATM 1513 O O   . HOH S 5 .   ? 14.677  -4.465  17.757  1.00 51.25 ? 389 HOH A O   1 
HETATM 1514 O O   . HOH S 5 .   ? -3.207  -0.825  24.608  1.00 47.63 ? 390 HOH A O   1 
HETATM 1515 O O   . HOH S 5 .   ? 2.171   17.435  -4.624  1.00 39.60 ? 391 HOH A O   1 
HETATM 1516 O O   . HOH S 5 .   ? 6.858   11.197  2.225   1.00 34.33 ? 392 HOH A O   1 
HETATM 1517 O O   . HOH S 5 .   ? 9.885   -7.980  14.472  1.00 38.46 ? 393 HOH A O   1 
HETATM 1518 O O   . HOH S 5 .   ? -17.436 -1.446  -0.312  1.00 36.47 ? 394 HOH A O   1 
HETATM 1519 O O   . HOH S 5 .   ? 9.061   -5.685  16.444  1.00 38.14 ? 395 HOH A O   1 
HETATM 1520 O O   . HOH S 5 .   ? -2.609  -8.723  -12.662 1.00 45.25 ? 396 HOH A O   1 
HETATM 1521 O O   . HOH S 5 .   ? -12.323 -2.464  3.645   1.00 41.75 ? 397 HOH A O   1 
HETATM 1522 O O   . HOH S 5 .   ? -8.371  4.723   12.131  1.00 44.13 ? 398 HOH A O   1 
HETATM 1523 O O   . HOH S 5 .   ? 1.675   -13.882 0.794   1.00 42.06 ? 399 HOH A O   1 
HETATM 1524 O O   . HOH S 5 .   ? 8.905   3.560   -15.321 1.00 43.07 ? 400 HOH A O   1 
HETATM 1525 O O   . HOH S 5 .   ? 8.342   -11.656 6.766   1.00 48.40 ? 401 HOH A O   1 
HETATM 1526 O O   . HOH S 5 .   ? -3.541  -11.955 -0.797  1.00 38.13 ? 402 HOH A O   1 
HETATM 1527 O O   . HOH S 5 .   ? -0.024  -11.114 -2.888  1.00 37.27 ? 403 HOH A O   1 
HETATM 1528 O O   . HOH S 5 .   ? -3.712  -1.028  21.831  0.50 36.93 ? 404 HOH A O   1 
HETATM 1529 O O   . HOH S 5 .   ? -9.501  -12.020 11.693  1.00 41.36 ? 405 HOH A O   1 
HETATM 1530 O O   . HOH S 5 .   ? 9.304   -6.637  -20.316 1.00 48.24 ? 406 HOH A O   1 
HETATM 1531 O O   . HOH S 5 .   ? 18.074  -12.934 4.254   1.00 40.73 ? 407 HOH A O   1 
HETATM 1532 O O   . HOH S 5 .   ? -3.870  -16.529 13.179  1.00 43.40 ? 408 HOH A O   1 
HETATM 1533 O O   . HOH S 5 .   ? 2.964   4.704   15.947  1.00 43.32 ? 409 HOH A O   1 
HETATM 1534 O O   . HOH S 5 .   ? 16.925  3.460   -8.933  0.50 40.34 ? 410 HOH A O   1 
HETATM 1535 O O   . HOH S 5 .   ? 16.589  -13.101 7.448   1.00 56.95 ? 411 HOH A O   1 
HETATM 1536 O O   . HOH S 5 .   ? 14.197  7.636   -5.531  1.00 39.37 ? 412 HOH A O   1 
HETATM 1537 O O   . HOH S 5 .   ? 8.518   -10.177 15.411  1.00 34.02 ? 413 HOH A O   1 
HETATM 1538 O O   . HOH S 5 .   ? -8.819  -4.837  -18.805 1.00 45.43 ? 414 HOH A O   1 
HETATM 1539 O O   . HOH S 5 .   ? -10.964 -11.915 -9.293  1.00 44.77 ? 415 HOH A O   1 
HETATM 1540 O O   . HOH S 5 .   ? 0.236   -16.485 12.005  1.00 36.96 ? 416 HOH A O   1 
HETATM 1541 O O   . HOH S 5 .   ? 6.419   15.934  2.079   1.00 33.10 ? 417 HOH A O   1 
HETATM 1542 O O   . HOH S 5 .   ? -7.003  20.875  4.253   1.00 50.05 ? 418 HOH A O   1 
HETATM 1543 O O   . HOH S 5 .   ? -8.542  17.079  -3.029  1.00 40.68 ? 419 HOH A O   1 
HETATM 1544 O O   . HOH S 5 .   ? 13.422  -12.862 3.740   1.00 37.26 ? 420 HOH A O   1 
HETATM 1545 O O   . HOH S 5 .   ? 0.378   -15.005 5.561   1.00 43.22 ? 421 HOH A O   1 
HETATM 1546 O O   . HOH S 5 .   ? 7.681   8.086   -9.025  1.00 38.57 ? 422 HOH A O   1 
HETATM 1547 O O   . HOH S 5 .   ? 3.275   -15.054 -0.930  1.00 50.61 ? 423 HOH A O   1 
HETATM 1548 O O   . HOH S 5 .   ? 2.906   5.940   -1.984  1.00 54.37 ? 424 HOH A O   1 
HETATM 1549 O O   . HOH S 5 .   ? -10.070 0.343   12.600  1.00 48.08 ? 425 HOH A O   1 
HETATM 1550 O O   . HOH S 5 .   ? 18.022  -3.421  -22.527 1.00 39.55 ? 426 HOH A O   1 
HETATM 1551 O O   . HOH S 5 .   ? -15.710 5.385   7.199   1.00 41.71 ? 427 HOH A O   1 
HETATM 1552 O O   . HOH S 5 .   ? 8.816   7.083   -11.246 1.00 46.00 ? 428 HOH A O   1 
HETATM 1553 O O   B HOH S 5 .   ? 4.505   3.358   -6.203  0.50 29.91 ? 429 HOH A O   1 
HETATM 1554 O O   . HOH S 5 .   ? -13.433 -2.796  0.618   1.00 49.96 ? 430 HOH A O   1 
HETATM 1555 O O   B HOH S 5 .   ? 15.305  -3.704  -21.525 0.50 31.72 ? 431 HOH A O   1 
HETATM 1556 O O   . HOH S 5 .   ? 0.359   2.003   15.694  1.00 42.38 ? 432 HOH A O   1 
HETATM 1557 O O   . HOH S 5 .   ? 10.829  0.737   -16.245 1.00 43.43 ? 433 HOH A O   1 
HETATM 1558 O O   . HOH S 5 .   ? 9.126   -11.665 -10.692 1.00 40.55 ? 434 HOH A O   1 
HETATM 1559 O O   A HOH S 5 .   ? 8.074   -9.567  -12.047 0.50 35.30 ? 435 HOH A O   1 
HETATM 1560 O O   B HOH S 5 .   ? 6.939   -9.870  -13.724 0.50 33.76 ? 435 HOH A O   1 
HETATM 1561 O O   . HOH S 5 .   ? -5.771  7.217   11.904  1.00 54.97 ? 436 HOH A O   1 
HETATM 1562 O O   . HOH S 5 .   ? 2.388   -11.134 -13.466 1.00 37.62 ? 437 HOH A O   1 
HETATM 1563 O O   . HOH S 5 .   ? -10.780 -10.201 -14.459 1.00 51.19 ? 438 HOH A O   1 
HETATM 1564 O O   . HOH S 5 .   ? -2.506  -11.098 -3.006  1.00 43.77 ? 439 HOH A O   1 
HETATM 1565 O O   . HOH S 5 .   ? -10.519 -6.166  6.855   1.00 40.28 ? 440 HOH A O   1 
HETATM 1566 O O   . HOH S 5 .   ? -1.206  -4.409  19.196  1.00 43.35 ? 441 HOH A O   1 
HETATM 1567 O O   . HOH S 5 .   ? 13.968  -14.854 -6.167  1.00 49.64 ? 442 HOH A O   1 
HETATM 1568 O O   . HOH S 5 .   ? 8.022   -13.832 -5.763  1.00 48.62 ? 443 HOH A O   1 
HETATM 1569 O O   . HOH S 5 .   ? 6.269   -13.963 -3.730  1.00 50.70 ? 444 HOH A O   1 
HETATM 1570 O O   . HOH S 5 .   ? 9.720   -2.469  -16.225 0.50 34.71 ? 445 HOH A O   1 
HETATM 1571 O O   . HOH S 5 .   ? 6.275   0.134   -0.359  1.00 35.02 ? 446 HOH A O   1 
HETATM 1572 O O   . HOH S 5 .   ? -16.245 4.313   -12.376 1.00 50.55 ? 447 HOH A O   1 
HETATM 1573 O O   . HOH S 5 .   ? 14.690  -0.447  -14.805 1.00 40.44 ? 448 HOH A O   1 
HETATM 1574 O O   . HOH S 5 .   ? -21.583 5.884   -5.456  1.00 35.34 ? 449 HOH A O   1 
HETATM 1575 O O   . HOH S 5 .   ? -7.988  13.365  9.718   1.00 49.09 ? 450 HOH A O   1 
HETATM 1576 O O   . HOH S 5 .   ? -10.683 1.398   9.058   1.00 31.27 ? 451 HOH A O   1 
HETATM 1577 O O   . HOH S 5 .   ? -12.244 -1.960  6.174   1.00 49.97 ? 452 HOH A O   1 
HETATM 1578 O O   . HOH S 5 .   ? -11.665 -5.400  1.223   1.00 27.95 ? 453 HOH A O   1 
HETATM 1579 O O   . HOH S 5 .   ? -13.955 -7.480  -1.767  1.00 43.57 ? 454 HOH A O   1 
HETATM 1580 O O   . HOH S 5 .   ? -11.049 8.846   -13.255 1.00 55.54 ? 455 HOH A O   1 
HETATM 1581 O O   . HOH S 5 .   ? 5.984   5.543   -6.410  1.00 54.03 ? 456 HOH A O   1 
HETATM 1582 O O   . HOH S 5 .   ? 12.083  5.470   -7.901  1.00 48.57 ? 457 HOH A O   1 
HETATM 1583 O O   . HOH S 5 .   ? -10.108 -13.399 -0.557  1.00 52.83 ? 458 HOH A O   1 
HETATM 1584 O O   . HOH S 5 .   ? -5.317  -15.663 7.791   1.00 39.85 ? 459 HOH A O   1 
HETATM 1585 O O   . HOH S 5 .   ? -6.797  -17.322 12.059  1.00 50.07 ? 460 HOH A O   1 
HETATM 1586 O O   . HOH S 5 .   ? -1.275  11.586  9.554   1.00 50.85 ? 461 HOH A O   1 
HETATM 1587 O O   A HOH S 5 .   ? 4.709   11.603  10.527  0.80 44.10 ? 462 HOH A O   1 
HETATM 1588 O O   . HOH S 5 .   ? -6.165  -5.571  -17.779 1.00 42.88 ? 463 HOH A O   1 
HETATM 1589 O O   . HOH S 5 .   ? 13.126  -7.769  17.597  1.00 56.83 ? 464 HOH A O   1 
HETATM 1590 O O   . HOH S 5 .   ? 21.790  -7.954  -10.573 1.00 34.79 ? 465 HOH A O   1 
HETATM 1591 O O   . HOH S 5 .   ? -10.463 6.593   11.961  1.00 45.67 ? 466 HOH A O   1 
HETATM 1592 O O   . HOH S 5 .   ? -19.810 4.522   -4.483  1.00 37.32 ? 467 HOH A O   1 
HETATM 1593 O O   . HOH S 5 .   ? 4.041   -4.665  -19.772 1.00 42.14 ? 468 HOH A O   1 
HETATM 1594 O O   . HOH S 5 .   ? 8.240   -13.517 2.891   1.00 48.57 ? 469 HOH A O   1 
HETATM 1595 O O   A HOH S 5 .   ? 3.046   7.253   -4.490  0.50 34.41 ? 470 HOH A O   1 
HETATM 1596 O O   . HOH S 5 .   ? 9.967   9.585   -5.274  1.00 48.69 ? 471 HOH A O   1 
HETATM 1597 O O   . HOH S 5 .   ? 12.912  3.297   14.593  1.00 59.39 ? 472 HOH A O   1 
HETATM 1598 O O   . HOH S 5 .   ? 3.933   2.949   -3.531  1.00 48.41 ? 473 HOH A O   1 
HETATM 1599 O O   . HOH S 5 .   ? 0.924   -12.031 -5.204  1.00 48.38 ? 474 HOH A O   1 
HETATM 1600 O O   . HOH S 5 .   ? -12.010 -9.869  10.925  1.00 57.78 ? 475 HOH A O   1 
HETATM 1601 O O   . HOH S 5 .   ? 6.932   6.751   14.895  1.00 53.86 ? 476 HOH A O   1 
HETATM 1602 O O   . HOH S 5 .   ? 6.294   -9.531  -16.782 1.00 44.15 ? 477 HOH A O   1 
HETATM 1603 O O   . HOH S 5 .   ? -8.049  8.449   -14.102 1.00 36.70 ? 478 HOH A O   1 
HETATM 1604 O O   . HOH S 5 .   ? -14.318 -7.557  -4.258  1.00 45.48 ? 479 HOH A O   1 
HETATM 1605 O O   . HOH S 5 .   ? -2.113  4.329   13.930  1.00 43.97 ? 480 HOH A O   1 
HETATM 1606 O O   . HOH S 5 .   ? 12.811  1.223   -10.210 1.00 35.93 ? 481 HOH A O   1 
HETATM 1607 O O   . HOH S 5 .   ? 0.332   -5.459  -21.420 1.00 48.02 ? 482 HOH A O   1 
HETATM 1608 O O   . HOH S 5 .   ? 13.840  8.884   7.693   1.00 38.58 ? 483 HOH A O   1 
HETATM 1609 O O   . HOH S 5 .   ? -1.761  15.404  5.685   0.50 31.61 ? 484 HOH A O   1 
HETATM 1610 O O   . HOH S 5 .   ? -6.679  14.388  -7.443  1.00 45.39 ? 485 HOH A O   1 
HETATM 1611 O O   . HOH S 5 .   ? 13.713  10.896  6.429   1.00 49.70 ? 486 HOH A O   1 
HETATM 1612 O O   . HOH S 5 .   ? 2.461   1.682   17.276  1.00 47.86 ? 487 HOH A O   1 
HETATM 1613 O O   . HOH S 5 .   ? 16.200  -12.699 3.073   1.00 47.49 ? 488 HOH A O   1 
HETATM 1614 O O   . HOH S 5 .   ? -6.829  11.319  -9.521  1.00 39.85 ? 489 HOH A O   1 
HETATM 1615 O O   . HOH S 5 .   ? 1.837   -17.116 8.935   0.50 35.31 ? 490 HOH A O   1 
HETATM 1616 O O   . HOH S 5 .   ? 5.866   10.397  -2.530  1.00 51.92 ? 491 HOH A O   1 
HETATM 1617 O O   B HOH S 5 .   ? 4.810   12.841  4.466   0.20 24.29 ? 492 HOH A O   1 
HETATM 1618 O O   . HOH S 5 .   ? -7.216  -3.747  19.628  1.00 57.63 ? 493 HOH A O   1 
HETATM 1619 O O   . HOH S 5 .   ? 10.309  -0.525  17.468  1.00 49.73 ? 494 HOH A O   1 
HETATM 1620 O O   . HOH S 5 .   ? 6.576   -13.503 -7.850  1.00 48.83 ? 495 HOH A O   1 
HETATM 1621 O O   . HOH S 5 .   ? 14.787  -1.536  -19.616 0.50 39.60 ? 496 HOH A O   1 
HETATM 1622 O O   . HOH S 5 .   ? 20.465  -5.680  -10.154 1.00 44.66 ? 497 HOH A O   1 
HETATM 1623 O O   A HOH S 5 .   ? -13.986 -4.793  -7.141  0.50 28.64 ? 498 HOH A O   1 
HETATM 1624 O O   . HOH S 5 .   ? -13.707 6.952   9.478   1.00 48.07 ? 499 HOH A O   1 
HETATM 1625 O O   . HOH S 5 .   ? -6.996  -9.179  -14.100 1.00 52.84 ? 500 HOH A O   1 
HETATM 1626 O O   . HOH S 5 .   ? -1.813  -13.907 -5.772  0.50 36.71 ? 501 HOH A O   1 
HETATM 1627 O O   . HOH S 5 .   ? -5.774  16.762  -5.078  0.50 32.23 ? 502 HOH A O   1 
HETATM 1628 O O   . HOH S 5 .   ? -5.235  18.406  -2.426  0.50 41.20 ? 503 HOH A O   1 
HETATM 1629 O O   A HOH S 5 .   ? 13.763  -5.633  -21.038 0.50 22.99 ? 504 HOH A O   1 
HETATM 1630 O O   A HOH S 5 .   ? 13.143  -7.661  -21.810 0.50 35.22 ? 505 HOH A O   1 
HETATM 1631 O O   . HOH S 5 .   ? -13.473 -4.551  -0.849  0.50 31.01 ? 506 HOH A O   1 
HETATM 1632 O O   . HOH S 5 .   ? -1.384  8.672   11.624  0.50 32.16 ? 507 HOH A O   1 
# 
loop_
_pdbx_poly_seq_scheme.asym_id 
_pdbx_poly_seq_scheme.entity_id 
_pdbx_poly_seq_scheme.seq_id 
_pdbx_poly_seq_scheme.mon_id 
_pdbx_poly_seq_scheme.ndb_seq_num 
_pdbx_poly_seq_scheme.pdb_seq_num 
_pdbx_poly_seq_scheme.auth_seq_num 
_pdbx_poly_seq_scheme.pdb_mon_id 
_pdbx_poly_seq_scheme.auth_mon_id 
_pdbx_poly_seq_scheme.pdb_strand_id 
_pdbx_poly_seq_scheme.pdb_ins_code 
_pdbx_poly_seq_scheme.hetero 
A 1 1   GLY 1   -1  ?   ?   ?   A . n 
A 1 2   HIS 2   0   ?   ?   ?   A . n 
A 1 3   MET 3   1   1   MET MET A . n 
A 1 4   GLN 4   2   2   GLN GLN A . n 
A 1 5   LEU 5   3   3   LEU LEU A . n 
A 1 6   SER 6   4   4   SER SER A . n 
A 1 7   HIS 7   5   5   HIS HIS A . n 
A 1 8   ARG 8   6   6   ARG ARG A . n 
A 1 9   PRO 9   7   7   PRO PRO A . n 
A 1 10  ALA 10  8   8   ALA ALA A . n 
A 1 11  GLU 11  9   9   GLU GLU A . n 
A 1 12  THR 12  10  10  THR THR A . n 
A 1 13  GLY 13  11  11  GLY GLY A . n 
A 1 14  ASP 14  12  12  ASP ASP A . n 
A 1 15  LEU 15  13  13  LEU LEU A . n 
A 1 16  GLU 16  14  14  GLU GLU A . n 
A 1 17  THR 17  15  15  THR THR A . n 
A 1 18  VAL 18  16  16  VAL VAL A . n 
A 1 19  ALA 19  17  17  ALA ALA A . n 
A 1 20  GLY 20  18  18  GLY GLY A . n 
A 1 21  PHE 21  19  19  PHE PHE A . n 
A 1 22  PRO 22  20  20  PRO PRO A . n 
A 1 23  GLN 23  21  21  GLN GLN A . n 
A 1 24  ASP 24  22  22  ASP ASP A . n 
A 1 25  ARG 25  23  23  ARG ARG A . n 
A 1 26  ASP 26  24  24  ASP ASP A . n 
A 1 27  GLU 27  25  25  GLU GLU A . n 
A 1 28  LEU 28  26  26  LEU LEU A . n 
A 1 29  PHE 29  27  27  PHE PHE A . n 
A 1 30  TYR 30  28  28  TYR TYR A . n 
A 1 31  CYS 31  29  29  CYS CYS A . n 
A 1 32  TYR 32  30  30  TYR TYR A . n 
A 1 33  PRO 33  31  31  PRO PRO A . n 
A 1 34  LYS 34  32  32  LYS LYS A . n 
A 1 35  ALA 35  33  33  ALA ALA A . n 
A 1 36  ILE 36  34  34  ILE ILE A . n 
A 1 37  TRP 37  35  35  TRP TRP A . n 
A 1 38  PRO 38  36  36  PRO PRO A . n 
A 1 39  PHE 39  37  37  PHE PHE A . n 
A 1 40  SER 40  38  38  SER SER A . n 
A 1 41  VAL 41  39  39  VAL VAL A . n 
A 1 42  ALA 42  40  40  ALA ALA A . n 
A 1 43  GLN 43  41  41  GLN GLN A . n 
A 1 44  LEU 44  42  42  LEU LEU A . n 
A 1 45  ALA 45  43  43  ALA ALA A . n 
A 1 46  ALA 46  44  44  ALA ALA A . n 
A 1 47  ALA 47  45  45  ALA ALA A . n 
A 1 48  ILE 48  46  46  ILE ILE A . n 
A 1 49  ALA 49  47  47  ALA ALA A . n 
A 1 50  GLU 50  48  48  GLU GLU A . n 
A 1 51  ARG 51  49  49  ARG ARG A . n 
A 1 52  ARG 52  50  50  ARG ARG A . n 
A 1 53  GLY 53  51  51  GLY GLY A . n 
A 1 54  SER 54  52  52  SER SER A . n 
A 1 55  THR 55  53  53  THR THR A . n 
A 1 56  VAL 56  54  54  VAL VAL A . n 
A 1 57  ALA 57  55  55  ALA ALA A . n 
A 1 58  VAL 58  56  56  VAL VAL A . n 
A 1 59  HIS 59  57  57  HIS HIS A . n 
A 1 60  ASP 60  58  58  ASP ASP A . n 
A 1 61  GLY 61  59  59  GLY GLY A . n 
A 1 62  GLN 62  60  60  GLN GLN A . n 
A 1 63  VAL 63  61  61  VAL VAL A . n 
A 1 64  LEU 64  62  62  LEU LEU A . n 
A 1 65  GLY 65  63  63  GLY GLY A . n 
A 1 66  PHE 66  64  64  PHE PHE A . n 
A 1 67  ALA 67  65  65  ALA ALA A . n 
A 1 68  ASN 68  66  66  ASN ASN A . n 
A 1 69  PHE 69  67  67  PHE PHE A . n 
A 1 70  TYR 70  68  68  TYR TYR A . n 
A 1 71  GLN 71  69  69  GLN GLN A . n 
A 1 72  TRP 72  70  70  TRP TRP A . n 
A 1 73  GLN 73  71  71  GLN GLN A . n 
A 1 74  HIS 74  72  72  HIS HIS A . n 
A 1 75  GLY 75  73  73  GLY GLY A . n 
A 1 76  ASP 76  74  74  ASP ASP A . n 
A 1 77  PHE 77  75  75  PHE PHE A . n 
A 1 78  CYS 78  76  76  CYS CYS A . n 
A 1 79  ALA 79  77  77  ALA ALA A . n 
A 1 80  LEU 80  78  78  LEU LEU A . n 
A 1 81  GLY 81  79  79  GLY GLY A . n 
A 1 82  ASN 82  80  80  ASN ASN A . n 
A 1 83  MET 83  81  81  MET MET A . n 
A 1 84  MET 84  82  82  MET MET A . n 
A 1 85  VAL 85  83  83  VAL VAL A . n 
A 1 86  ALA 86  84  84  ALA ALA A . n 
A 1 87  PRO 87  85  85  PRO PRO A . n 
A 1 88  ALA 88  86  86  ALA ALA A . n 
A 1 89  ALA 89  87  87  ALA ALA A . n 
A 1 90  ARG 90  88  88  ARG ARG A . n 
A 1 91  GLY 91  89  89  GLY GLY A . n 
A 1 92  LEU 92  90  90  LEU LEU A . n 
A 1 93  GLY 93  91  91  GLY GLY A . n 
A 1 94  VAL 94  92  92  VAL VAL A . n 
A 1 95  ALA 95  93  93  ALA ALA A . n 
A 1 96  ARG 96  94  94  ARG ARG A . n 
A 1 97  TYR 97  95  95  TYR TYR A . n 
A 1 98  LEU 98  96  96  LEU LEU A . n 
A 1 99  ILE 99  97  97  ILE ILE A . n 
A 1 100 GLY 100 98  98  GLY GLY A . n 
A 1 101 VAL 101 99  99  VAL VAL A . n 
A 1 102 MET 102 100 100 MET MET A . n 
A 1 103 GLU 103 101 101 GLU GLU A . n 
A 1 104 ASN 104 102 102 ASN ASN A . n 
A 1 105 LEU 105 103 103 LEU LEU A . n 
A 1 106 ALA 106 104 104 ALA ALA A . n 
A 1 107 ARG 107 105 105 ARG ARG A . n 
A 1 108 GLU 108 106 106 GLU GLU A . n 
A 1 109 GLN 109 107 107 GLN GLN A . n 
A 1 110 TYR 110 108 108 TYR TYR A . n 
A 1 111 LYS 111 109 109 LYS LYS A . n 
A 1 112 ALA 112 110 110 ALA ALA A . n 
A 1 113 ARG 113 111 111 ARG ARG A . n 
A 1 114 LEU 114 112 112 LEU LEU A . n 
A 1 115 MET 115 113 113 MET MET A . n 
A 1 116 LYS 116 114 114 LYS LYS A . n 
A 1 117 ILE 117 115 115 ILE ILE A . n 
A 1 118 SER 118 116 116 SER SER A . n 
A 1 119 CYS 119 117 117 CYS CYS A . n 
A 1 120 PHE 120 118 118 PHE PHE A . n 
A 1 121 ASN 121 119 119 ASN ASN A . n 
A 1 122 ALA 122 120 120 ALA ALA A . n 
A 1 123 ASN 123 121 121 ASN ASN A . n 
A 1 124 ALA 124 122 122 ALA ALA A . n 
A 1 125 ALA 125 123 123 ALA ALA A . n 
A 1 126 GLY 126 124 124 GLY GLY A . n 
A 1 127 LEU 127 125 125 LEU LEU A . n 
A 1 128 LEU 128 126 126 LEU LEU A . n 
A 1 129 LEU 129 127 127 LEU LEU A . n 
A 1 130 TYR 130 128 128 TYR TYR A . n 
A 1 131 THR 131 129 129 THR THR A . n 
A 1 132 GLN 132 130 130 GLN GLN A . n 
A 1 133 LEU 133 131 131 LEU LEU A . n 
A 1 134 GLY 134 132 132 GLY GLY A . n 
A 1 135 TYR 135 133 133 TYR TYR A . n 
A 1 136 GLN 136 134 134 GLN GLN A . n 
A 1 137 PRO 137 135 135 PRO PRO A . n 
A 1 138 ARG 138 136 136 ARG ARG A . n 
A 1 139 ALA 139 137 137 ALA ALA A . n 
A 1 140 ILE 140 138 138 ILE ILE A . n 
A 1 141 ALA 141 139 139 ALA ALA A . n 
A 1 142 GLU 142 140 140 GLU GLU A . n 
A 1 143 ARG 143 141 141 ARG ARG A . n 
A 1 144 HIS 144 142 142 HIS HIS A . n 
A 1 145 ASP 145 143 143 ASP ASP A . n 
A 1 146 PRO 146 144 144 PRO PRO A . n 
A 1 147 ASP 147 145 145 ASP ASP A . n 
A 1 148 GLY 148 146 146 GLY GLY A . n 
A 1 149 ARG 149 147 147 ARG ARG A . n 
A 1 150 ARG 150 148 148 ARG ARG A . n 
A 1 151 VAL 151 149 149 VAL VAL A . n 
A 1 152 ALA 152 150 150 ALA ALA A . n 
A 1 153 LEU 153 151 151 LEU LEU A . n 
A 1 154 ILE 154 152 152 ILE ILE A . n 
A 1 155 GLN 155 153 153 GLN GLN A . n 
A 1 156 MET 156 154 154 MET MET A . n 
A 1 157 ASP 157 155 155 ASP ASP A . n 
A 1 158 LYS 158 156 156 LYS LYS A . n 
A 1 159 PRO 159 157 157 PRO PRO A . n 
A 1 160 LEU 160 158 158 LEU LEU A . n 
A 1 161 GLU 161 159 159 GLU GLU A . n 
A 1 162 PRO 162 160 ?   ?   ?   A . n 
# 
_pdbx_SG_project.id                    1 
_pdbx_SG_project.project_name          PSI:Biology 
_pdbx_SG_project.full_name_of_center   'Midwest Center for Structural Genomics' 
_pdbx_SG_project.initial_of_center     MCSG 
# 
loop_
_pdbx_nonpoly_scheme.asym_id 
_pdbx_nonpoly_scheme.entity_id 
_pdbx_nonpoly_scheme.mon_id 
_pdbx_nonpoly_scheme.ndb_seq_num 
_pdbx_nonpoly_scheme.pdb_seq_num 
_pdbx_nonpoly_scheme.auth_seq_num 
_pdbx_nonpoly_scheme.pdb_mon_id 
_pdbx_nonpoly_scheme.auth_mon_id 
_pdbx_nonpoly_scheme.pdb_strand_id 
_pdbx_nonpoly_scheme.pdb_ins_code 
B 2 4KO 1   201 1   4KO CEF A . 
C 3 SO4 1   202 1   SO4 SO4 A . 
D 3 SO4 1   203 2   SO4 SO4 A . 
E 3 SO4 1   204 4   SO4 SO4 A . 
F 4 EDO 1   205 1   EDO EDO A . 
G 4 EDO 1   206 3   EDO EDO A . 
H 4 EDO 1   207 4   EDO EDO A . 
I 4 EDO 1   208 1   EDO EDO A . 
J 4 EDO 1   209 1   EDO EDO A . 
K 4 EDO 1   210 1   EDO EDO A . 
L 4 EDO 1   211 1   EDO EDO A . 
M 4 EDO 1   212 1   EDO EDO A . 
N 4 EDO 1   213 1   EDO EDO A . 
O 4 EDO 1   214 1   EDO EDO A . 
P 4 EDO 1   215 1   EDO EDO A . 
Q 3 SO4 1   216 1   SO4 SO4 A . 
R 4 EDO 1   217 1   EDO EDO A . 
S 5 HOH 1   301 1   HOH HOH A . 
S 5 HOH 2   302 2   HOH HOH A . 
S 5 HOH 3   303 3   HOH HOH A . 
S 5 HOH 4   304 4   HOH HOH A . 
S 5 HOH 5   305 5   HOH HOH A . 
S 5 HOH 6   306 6   HOH HOH A . 
S 5 HOH 7   307 7   HOH HOH A . 
S 5 HOH 8   308 8   HOH HOH A . 
S 5 HOH 9   309 9   HOH HOH A . 
S 5 HOH 10  310 10  HOH HOH A . 
S 5 HOH 11  311 11  HOH HOH A . 
S 5 HOH 12  312 12  HOH HOH A . 
S 5 HOH 13  313 13  HOH HOH A . 
S 5 HOH 14  314 14  HOH HOH A . 
S 5 HOH 15  315 15  HOH HOH A . 
S 5 HOH 16  316 16  HOH HOH A . 
S 5 HOH 17  317 17  HOH HOH A . 
S 5 HOH 18  318 18  HOH HOH A . 
S 5 HOH 19  319 19  HOH HOH A . 
S 5 HOH 20  320 20  HOH HOH A . 
S 5 HOH 21  321 21  HOH HOH A . 
S 5 HOH 22  322 22  HOH HOH A . 
S 5 HOH 23  323 23  HOH HOH A . 
S 5 HOH 24  324 24  HOH HOH A . 
S 5 HOH 25  325 25  HOH HOH A . 
S 5 HOH 26  326 26  HOH HOH A . 
S 5 HOH 27  327 27  HOH HOH A . 
S 5 HOH 28  328 28  HOH HOH A . 
S 5 HOH 29  329 29  HOH HOH A . 
S 5 HOH 30  330 30  HOH HOH A . 
S 5 HOH 31  331 31  HOH HOH A . 
S 5 HOH 32  332 32  HOH HOH A . 
S 5 HOH 33  333 33  HOH HOH A . 
S 5 HOH 34  334 34  HOH HOH A . 
S 5 HOH 35  335 35  HOH HOH A . 
S 5 HOH 36  336 36  HOH HOH A . 
S 5 HOH 37  337 37  HOH HOH A . 
S 5 HOH 38  338 38  HOH HOH A . 
S 5 HOH 39  339 39  HOH HOH A . 
S 5 HOH 40  340 40  HOH HOH A . 
S 5 HOH 41  341 41  HOH HOH A . 
S 5 HOH 42  342 42  HOH HOH A . 
S 5 HOH 43  343 43  HOH HOH A . 
S 5 HOH 44  344 44  HOH HOH A . 
S 5 HOH 45  345 45  HOH HOH A . 
S 5 HOH 46  346 46  HOH HOH A . 
S 5 HOH 47  347 47  HOH HOH A . 
S 5 HOH 48  348 48  HOH HOH A . 
S 5 HOH 49  349 49  HOH HOH A . 
S 5 HOH 50  350 50  HOH HOH A . 
S 5 HOH 51  351 51  HOH HOH A . 
S 5 HOH 52  352 52  HOH HOH A . 
S 5 HOH 53  353 53  HOH HOH A . 
S 5 HOH 54  354 54  HOH HOH A . 
S 5 HOH 55  355 55  HOH HOH A . 
S 5 HOH 56  356 56  HOH HOH A . 
S 5 HOH 57  357 57  HOH HOH A . 
S 5 HOH 58  358 58  HOH HOH A . 
S 5 HOH 59  359 59  HOH HOH A . 
S 5 HOH 60  360 60  HOH HOH A . 
S 5 HOH 61  361 61  HOH HOH A . 
S 5 HOH 62  362 62  HOH HOH A . 
S 5 HOH 63  363 63  HOH HOH A . 
S 5 HOH 64  364 64  HOH HOH A . 
S 5 HOH 65  365 65  HOH HOH A . 
S 5 HOH 66  366 66  HOH HOH A . 
S 5 HOH 67  367 67  HOH HOH A . 
S 5 HOH 68  368 68  HOH HOH A . 
S 5 HOH 69  369 69  HOH HOH A . 
S 5 HOH 70  370 70  HOH HOH A . 
S 5 HOH 71  371 71  HOH HOH A . 
S 5 HOH 72  372 72  HOH HOH A . 
S 5 HOH 73  373 73  HOH HOH A . 
S 5 HOH 74  374 74  HOH HOH A . 
S 5 HOH 75  375 75  HOH HOH A . 
S 5 HOH 76  376 76  HOH HOH A . 
S 5 HOH 77  377 77  HOH HOH A . 
S 5 HOH 78  378 78  HOH HOH A . 
S 5 HOH 79  379 79  HOH HOH A . 
S 5 HOH 80  380 80  HOH HOH A . 
S 5 HOH 81  381 81  HOH HOH A . 
S 5 HOH 82  382 82  HOH HOH A . 
S 5 HOH 83  383 83  HOH HOH A . 
S 5 HOH 84  384 84  HOH HOH A . 
S 5 HOH 85  385 85  HOH HOH A . 
S 5 HOH 86  386 86  HOH HOH A . 
S 5 HOH 87  387 87  HOH HOH A . 
S 5 HOH 88  388 89  HOH HOH A . 
S 5 HOH 89  389 90  HOH HOH A . 
S 5 HOH 90  390 91  HOH HOH A . 
S 5 HOH 91  391 92  HOH HOH A . 
S 5 HOH 92  392 93  HOH HOH A . 
S 5 HOH 93  393 94  HOH HOH A . 
S 5 HOH 94  394 95  HOH HOH A . 
S 5 HOH 95  395 96  HOH HOH A . 
S 5 HOH 96  396 97  HOH HOH A . 
S 5 HOH 97  397 98  HOH HOH A . 
S 5 HOH 98  398 99  HOH HOH A . 
S 5 HOH 99  399 100 HOH HOH A . 
S 5 HOH 100 400 101 HOH HOH A . 
S 5 HOH 101 401 102 HOH HOH A . 
S 5 HOH 102 402 103 HOH HOH A . 
S 5 HOH 103 403 104 HOH HOH A . 
S 5 HOH 104 404 105 HOH HOH A . 
S 5 HOH 105 405 106 HOH HOH A . 
S 5 HOH 106 406 107 HOH HOH A . 
S 5 HOH 107 407 108 HOH HOH A . 
S 5 HOH 108 408 109 HOH HOH A . 
S 5 HOH 109 409 110 HOH HOH A . 
S 5 HOH 110 410 111 HOH HOH A . 
S 5 HOH 111 411 112 HOH HOH A . 
S 5 HOH 112 412 113 HOH HOH A . 
S 5 HOH 113 413 114 HOH HOH A . 
S 5 HOH 114 414 115 HOH HOH A . 
S 5 HOH 115 415 116 HOH HOH A . 
S 5 HOH 116 416 117 HOH HOH A . 
S 5 HOH 117 417 118 HOH HOH A . 
S 5 HOH 118 418 119 HOH HOH A . 
S 5 HOH 119 419 120 HOH HOH A . 
S 5 HOH 120 420 121 HOH HOH A . 
S 5 HOH 121 421 122 HOH HOH A . 
S 5 HOH 122 422 123 HOH HOH A . 
S 5 HOH 123 423 124 HOH HOH A . 
S 5 HOH 124 424 125 HOH HOH A . 
S 5 HOH 125 425 126 HOH HOH A . 
S 5 HOH 126 426 127 HOH HOH A . 
S 5 HOH 127 427 128 HOH HOH A . 
S 5 HOH 128 428 129 HOH HOH A . 
S 5 HOH 129 429 130 HOH HOH A . 
S 5 HOH 130 430 131 HOH HOH A . 
S 5 HOH 131 431 132 HOH HOH A . 
S 5 HOH 132 432 133 HOH HOH A . 
S 5 HOH 133 433 134 HOH HOH A . 
S 5 HOH 134 434 135 HOH HOH A . 
S 5 HOH 135 435 136 HOH HOH A . 
S 5 HOH 136 436 137 HOH HOH A . 
S 5 HOH 137 437 138 HOH HOH A . 
S 5 HOH 138 438 139 HOH HOH A . 
S 5 HOH 139 439 140 HOH HOH A . 
S 5 HOH 140 440 141 HOH HOH A . 
S 5 HOH 141 441 142 HOH HOH A . 
S 5 HOH 142 442 143 HOH HOH A . 
S 5 HOH 143 443 144 HOH HOH A . 
S 5 HOH 144 444 145 HOH HOH A . 
S 5 HOH 145 445 146 HOH HOH A . 
S 5 HOH 146 446 147 HOH HOH A . 
S 5 HOH 147 447 148 HOH HOH A . 
S 5 HOH 148 448 149 HOH HOH A . 
S 5 HOH 149 449 150 HOH HOH A . 
S 5 HOH 150 450 151 HOH HOH A . 
S 5 HOH 151 451 152 HOH HOH A . 
S 5 HOH 152 452 153 HOH HOH A . 
S 5 HOH 153 453 154 HOH HOH A . 
S 5 HOH 154 454 155 HOH HOH A . 
S 5 HOH 155 455 156 HOH HOH A . 
S 5 HOH 156 456 157 HOH HOH A . 
S 5 HOH 157 457 158 HOH HOH A . 
S 5 HOH 158 458 159 HOH HOH A . 
S 5 HOH 159 459 160 HOH HOH A . 
S 5 HOH 160 460 161 HOH HOH A . 
S 5 HOH 161 461 162 HOH HOH A . 
S 5 HOH 162 462 163 HOH HOH A . 
S 5 HOH 163 463 165 HOH HOH A . 
S 5 HOH 164 464 166 HOH HOH A . 
S 5 HOH 165 465 167 HOH HOH A . 
S 5 HOH 166 466 169 HOH HOH A . 
S 5 HOH 167 467 170 HOH HOH A . 
S 5 HOH 168 468 171 HOH HOH A . 
S 5 HOH 169 469 172 HOH HOH A . 
S 5 HOH 170 470 174 HOH HOH A . 
S 5 HOH 171 471 175 HOH HOH A . 
S 5 HOH 172 472 176 HOH HOH A . 
S 5 HOH 173 473 177 HOH HOH A . 
S 5 HOH 174 474 178 HOH HOH A . 
S 5 HOH 175 475 180 HOH HOH A . 
S 5 HOH 176 476 181 HOH HOH A . 
S 5 HOH 177 477 183 HOH HOH A . 
S 5 HOH 178 478 184 HOH HOH A . 
S 5 HOH 179 479 185 HOH HOH A . 
S 5 HOH 180 480 187 HOH HOH A . 
S 5 HOH 181 481 188 HOH HOH A . 
S 5 HOH 182 482 189 HOH HOH A . 
S 5 HOH 183 483 190 HOH HOH A . 
S 5 HOH 184 484 191 HOH HOH A . 
S 5 HOH 185 485 192 HOH HOH A . 
S 5 HOH 186 486 193 HOH HOH A . 
S 5 HOH 187 487 194 HOH HOH A . 
S 5 HOH 188 488 195 HOH HOH A . 
S 5 HOH 189 489 196 HOH HOH A . 
S 5 HOH 190 490 197 HOH HOH A . 
S 5 HOH 191 491 198 HOH HOH A . 
S 5 HOH 192 492 199 HOH HOH A . 
S 5 HOH 193 493 200 HOH HOH A . 
S 5 HOH 194 494 201 HOH HOH A . 
S 5 HOH 195 495 202 HOH HOH A . 
S 5 HOH 196 496 203 HOH HOH A . 
S 5 HOH 197 497 204 HOH HOH A . 
S 5 HOH 198 498 205 HOH HOH A . 
S 5 HOH 199 499 206 HOH HOH A . 
S 5 HOH 200 500 207 HOH HOH A . 
S 5 HOH 201 501 208 HOH HOH A . 
S 5 HOH 202 502 209 HOH HOH A . 
S 5 HOH 203 503 210 HOH HOH A . 
S 5 HOH 204 504 211 HOH HOH A . 
S 5 HOH 205 505 212 HOH HOH A . 
S 5 HOH 206 506 213 HOH HOH A . 
S 5 HOH 207 507 214 HOH HOH A . 
# 
loop_
_pdbx_struct_assembly.id 
_pdbx_struct_assembly.details 
_pdbx_struct_assembly.method_details 
_pdbx_struct_assembly.oligomeric_details 
_pdbx_struct_assembly.oligomeric_count 
1 author_defined_assembly   ?    monomeric 1 
2 software_defined_assembly PISA dimeric   2 
# 
loop_
_pdbx_struct_assembly_gen.assembly_id 
_pdbx_struct_assembly_gen.oper_expression 
_pdbx_struct_assembly_gen.asym_id_list 
1 1   A,B,C,D,E,F,G,H,I,J,K,L,M,N,O,P,Q,R,S 
2 1,2 A,B,C,D,E,F,G,H,I,J,K,L,M,N,O,P,Q,R,S 
# 
loop_
_pdbx_struct_assembly_prop.biol_id 
_pdbx_struct_assembly_prop.type 
_pdbx_struct_assembly_prop.value 
_pdbx_struct_assembly_prop.details 
2 'ABSA (A^2)' 7050  ? 
2 MORE         -53   ? 
2 'SSA (A^2)'  15620 ? 
# 
loop_
_pdbx_struct_oper_list.id 
_pdbx_struct_oper_list.type 
_pdbx_struct_oper_list.name 
_pdbx_struct_oper_list.symmetry_operation 
_pdbx_struct_oper_list.matrix[1][1] 
_pdbx_struct_oper_list.matrix[1][2] 
_pdbx_struct_oper_list.matrix[1][3] 
_pdbx_struct_oper_list.vector[1] 
_pdbx_struct_oper_list.matrix[2][1] 
_pdbx_struct_oper_list.matrix[2][2] 
_pdbx_struct_oper_list.matrix[2][3] 
_pdbx_struct_oper_list.vector[2] 
_pdbx_struct_oper_list.matrix[3][1] 
_pdbx_struct_oper_list.matrix[3][2] 
_pdbx_struct_oper_list.matrix[3][3] 
_pdbx_struct_oper_list.vector[3] 
1 'identity operation'         1_555 x,y,z   1.0000000000  0.0000000000  0.0000000000 0.0000000000  0.0000000000  1.0000000000  0.0000000000  0.0000000000  0.0000000000 0.0000000000  1.0000000000 0.0000000000  
2 'crystal symmetry operation' 2_555 -x,-y,z -0.9996136310 -0.0110185540 0.0255182315 34.1093870231 -0.0110185540 -0.6857704967 -0.7277344414 -0.4805911437 0.0255182315 -0.7277344414 0.6853841278 -0.7239619400 
# 
_pdbx_struct_special_symmetry.id              1 
_pdbx_struct_special_symmetry.PDB_model_num   1 
_pdbx_struct_special_symmetry.auth_asym_id    A 
_pdbx_struct_special_symmetry.auth_comp_id    HOH 
_pdbx_struct_special_symmetry.auth_seq_id     410 
_pdbx_struct_special_symmetry.PDB_ins_code    ? 
_pdbx_struct_special_symmetry.label_asym_id   S 
_pdbx_struct_special_symmetry.label_comp_id   HOH 
_pdbx_struct_special_symmetry.label_seq_id    . 
# 
loop_
_pdbx_audit_revision_history.ordinal 
_pdbx_audit_revision_history.data_content_type 
_pdbx_audit_revision_history.major_revision 
_pdbx_audit_revision_history.minor_revision 
_pdbx_audit_revision_history.revision_date 
1 'Structure model' 1 0 2013-06-05 
2 'Structure model' 1 1 2013-09-18 
3 'Structure model' 1 2 2013-11-13 
4 'Structure model' 1 3 2022-04-13 
5 'Structure model' 1 4 2023-09-20 
# 
_pdbx_audit_revision_details.ordinal             1 
_pdbx_audit_revision_details.revision_ordinal    1 
_pdbx_audit_revision_details.data_content_type   'Structure model' 
_pdbx_audit_revision_details.provider            repository 
_pdbx_audit_revision_details.type                'Initial release' 
_pdbx_audit_revision_details.description         ? 
_pdbx_audit_revision_details.details             ? 
# 
loop_
_pdbx_audit_revision_group.ordinal 
_pdbx_audit_revision_group.revision_ordinal 
_pdbx_audit_revision_group.data_content_type 
_pdbx_audit_revision_group.group 
1 2 'Structure model' 'Database references'    
2 3 'Structure model' 'Database references'    
3 4 'Structure model' 'Database references'    
4 4 'Structure model' 'Derived calculations'   
5 4 'Structure model' 'Structure summary'      
6 5 'Structure model' 'Data collection'        
7 5 'Structure model' 'Refinement description' 
# 
loop_
_pdbx_audit_revision_category.ordinal 
_pdbx_audit_revision_category.revision_ordinal 
_pdbx_audit_revision_category.data_content_type 
_pdbx_audit_revision_category.category 
1  4 'Structure model' audit_author                  
2  4 'Structure model' chem_comp                     
3  4 'Structure model' citation_author               
4  4 'Structure model' database_2                    
5  4 'Structure model' entity                        
6  4 'Structure model' pdbx_entity_nonpoly           
7  4 'Structure model' struct_ref_seq_dif            
8  4 'Structure model' struct_site                   
9  5 'Structure model' chem_comp_atom                
10 5 'Structure model' chem_comp_bond                
11 5 'Structure model' pdbx_initial_refinement_model 
# 
loop_
_pdbx_audit_revision_item.ordinal 
_pdbx_audit_revision_item.revision_ordinal 
_pdbx_audit_revision_item.data_content_type 
_pdbx_audit_revision_item.item 
1  4 'Structure model' '_audit_author.identifier_ORCID'      
2  4 'Structure model' '_chem_comp.name'                     
3  4 'Structure model' '_citation_author.identifier_ORCID'   
4  4 'Structure model' '_database_2.pdbx_DOI'                
5  4 'Structure model' '_database_2.pdbx_database_accession' 
6  4 'Structure model' '_entity.pdbx_description'            
7  4 'Structure model' '_pdbx_entity_nonpoly.name'           
8  4 'Structure model' '_struct_ref_seq_dif.details'         
9  4 'Structure model' '_struct_site.pdbx_auth_asym_id'      
10 4 'Structure model' '_struct_site.pdbx_auth_comp_id'      
11 4 'Structure model' '_struct_site.pdbx_auth_seq_id'       
# 
loop_
_software.name 
_software.classification 
_software.version 
_software.citation_id 
_software.pdbx_ordinal 
HKL-3000 'data collection' .        ? 1 
HKL-3000 phasing           MOLREP   ? 2 
REFMAC   refinement        5.7.0029 ? 3 
Coot     'model building'  .        ? 4 
HKL-3000 'data reduction'  .        ? 5 
HKL-3000 'data scaling'    .        ? 6 
# 
loop_
_pdbx_validate_torsion.id 
_pdbx_validate_torsion.PDB_model_num 
_pdbx_validate_torsion.auth_comp_id 
_pdbx_validate_torsion.auth_asym_id 
_pdbx_validate_torsion.auth_seq_id 
_pdbx_validate_torsion.PDB_ins_code 
_pdbx_validate_torsion.label_alt_id 
_pdbx_validate_torsion.phi 
_pdbx_validate_torsion.psi 
1 1 TYR A 30 ? ? -161.82 69.59  
2 1 ASP A 74 ? ? -128.89 -83.44 
# 
loop_
_pdbx_unobs_or_zero_occ_atoms.id 
_pdbx_unobs_or_zero_occ_atoms.PDB_model_num 
_pdbx_unobs_or_zero_occ_atoms.polymer_flag 
_pdbx_unobs_or_zero_occ_atoms.occupancy_flag 
_pdbx_unobs_or_zero_occ_atoms.auth_asym_id 
_pdbx_unobs_or_zero_occ_atoms.auth_comp_id 
_pdbx_unobs_or_zero_occ_atoms.auth_seq_id 
_pdbx_unobs_or_zero_occ_atoms.PDB_ins_code 
_pdbx_unobs_or_zero_occ_atoms.auth_atom_id 
_pdbx_unobs_or_zero_occ_atoms.label_alt_id 
_pdbx_unobs_or_zero_occ_atoms.label_asym_id 
_pdbx_unobs_or_zero_occ_atoms.label_comp_id 
_pdbx_unobs_or_zero_occ_atoms.label_seq_id 
_pdbx_unobs_or_zero_occ_atoms.label_atom_id 
1 1 Y 1 A GLN 2   ? CD  ? A GLN 4   CD  
2 1 Y 1 A GLN 2   ? OE1 ? A GLN 4   OE1 
3 1 Y 1 A GLN 2   ? NE2 ? A GLN 4   NE2 
4 1 Y 1 A GLU 159 ? CG  ? A GLU 161 CG  
5 1 Y 1 A GLU 159 ? CD  ? A GLU 161 CD  
6 1 Y 1 A GLU 159 ? OE1 ? A GLU 161 OE1 
7 1 Y 1 A GLU 159 ? OE2 ? A GLU 161 OE2 
# 
loop_
_pdbx_unobs_or_zero_occ_residues.id 
_pdbx_unobs_or_zero_occ_residues.PDB_model_num 
_pdbx_unobs_or_zero_occ_residues.polymer_flag 
_pdbx_unobs_or_zero_occ_residues.occupancy_flag 
_pdbx_unobs_or_zero_occ_residues.auth_asym_id 
_pdbx_unobs_or_zero_occ_residues.auth_comp_id 
_pdbx_unobs_or_zero_occ_residues.auth_seq_id 
_pdbx_unobs_or_zero_occ_residues.PDB_ins_code 
_pdbx_unobs_or_zero_occ_residues.label_asym_id 
_pdbx_unobs_or_zero_occ_residues.label_comp_id 
_pdbx_unobs_or_zero_occ_residues.label_seq_id 
1 1 Y 1 A GLY -1  ? A GLY 1   
2 1 Y 1 A HIS 0   ? A HIS 2   
3 1 Y 1 A PRO 160 ? A PRO 162 
# 
loop_
_chem_comp_atom.comp_id 
_chem_comp_atom.atom_id 
_chem_comp_atom.type_symbol 
_chem_comp_atom.pdbx_aromatic_flag 
_chem_comp_atom.pdbx_stereo_config 
_chem_comp_atom.pdbx_ordinal 
4KO C1   C N N 1   
4KO N1   N Y N 2   
4KO O1   O N N 3   
4KO S1   S N N 4   
4KO C2   C Y N 5   
4KO N2   N Y N 6   
4KO O2   O N N 7   
4KO S2   S N N 8   
4KO C3   C N N 9   
4KO N3   N Y N 10  
4KO O3   O N N 11  
4KO S3   S N N 12  
4KO C4   C N N 13  
4KO N4   N Y N 14  
4KO O4   O N N 15  
4KO C5   C N N 16  
4KO N5   N N N 17  
4KO O5   O N N 18  
4KO C6   C N R 19  
4KO N6   N N N 20  
4KO C7   C N S 21  
4KO N7   N N N 22  
4KO C8   C N N 23  
4KO C9   C N N 24  
4KO C10  C N N 25  
4KO C11  C N N 26  
4KO C12  C N N 27  
4KO C13  C N N 28  
4KO C14  C N N 29  
4KO C15  C N N 30  
4KO H1   H N N 31  
4KO H1A  H N N 32  
4KO H1B  H N N 33  
4KO H3   H N N 34  
4KO H3A  H N N 35  
4KO HO4  H N N 36  
4KO H6   H N N 37  
4KO HN6  H N N 38  
4KO H10  H N N 39  
4KO H10A H N N 40  
4KO H11  H N N 41  
4KO H11A H N N 42  
4KO H13  H N N 43  
4KO H13A H N N 44  
4KO H13B H N N 45  
4KO H14  H N N 46  
4KO H14A H N N 47  
ALA N    N N N 48  
ALA CA   C N S 49  
ALA C    C N N 50  
ALA O    O N N 51  
ALA CB   C N N 52  
ALA OXT  O N N 53  
ALA H    H N N 54  
ALA H2   H N N 55  
ALA HA   H N N 56  
ALA HB1  H N N 57  
ALA HB2  H N N 58  
ALA HB3  H N N 59  
ALA HXT  H N N 60  
ARG N    N N N 61  
ARG CA   C N S 62  
ARG C    C N N 63  
ARG O    O N N 64  
ARG CB   C N N 65  
ARG CG   C N N 66  
ARG CD   C N N 67  
ARG NE   N N N 68  
ARG CZ   C N N 69  
ARG NH1  N N N 70  
ARG NH2  N N N 71  
ARG OXT  O N N 72  
ARG H    H N N 73  
ARG H2   H N N 74  
ARG HA   H N N 75  
ARG HB2  H N N 76  
ARG HB3  H N N 77  
ARG HG2  H N N 78  
ARG HG3  H N N 79  
ARG HD2  H N N 80  
ARG HD3  H N N 81  
ARG HE   H N N 82  
ARG HH11 H N N 83  
ARG HH12 H N N 84  
ARG HH21 H N N 85  
ARG HH22 H N N 86  
ARG HXT  H N N 87  
ASN N    N N N 88  
ASN CA   C N S 89  
ASN C    C N N 90  
ASN O    O N N 91  
ASN CB   C N N 92  
ASN CG   C N N 93  
ASN OD1  O N N 94  
ASN ND2  N N N 95  
ASN OXT  O N N 96  
ASN H    H N N 97  
ASN H2   H N N 98  
ASN HA   H N N 99  
ASN HB2  H N N 100 
ASN HB3  H N N 101 
ASN HD21 H N N 102 
ASN HD22 H N N 103 
ASN HXT  H N N 104 
ASP N    N N N 105 
ASP CA   C N S 106 
ASP C    C N N 107 
ASP O    O N N 108 
ASP CB   C N N 109 
ASP CG   C N N 110 
ASP OD1  O N N 111 
ASP OD2  O N N 112 
ASP OXT  O N N 113 
ASP H    H N N 114 
ASP H2   H N N 115 
ASP HA   H N N 116 
ASP HB2  H N N 117 
ASP HB3  H N N 118 
ASP HD2  H N N 119 
ASP HXT  H N N 120 
CYS N    N N N 121 
CYS CA   C N R 122 
CYS C    C N N 123 
CYS O    O N N 124 
CYS CB   C N N 125 
CYS SG   S N N 126 
CYS OXT  O N N 127 
CYS H    H N N 128 
CYS H2   H N N 129 
CYS HA   H N N 130 
CYS HB2  H N N 131 
CYS HB3  H N N 132 
CYS HG   H N N 133 
CYS HXT  H N N 134 
EDO C1   C N N 135 
EDO O1   O N N 136 
EDO C2   C N N 137 
EDO O2   O N N 138 
EDO H11  H N N 139 
EDO H12  H N N 140 
EDO HO1  H N N 141 
EDO H21  H N N 142 
EDO H22  H N N 143 
EDO HO2  H N N 144 
GLN N    N N N 145 
GLN CA   C N S 146 
GLN C    C N N 147 
GLN O    O N N 148 
GLN CB   C N N 149 
GLN CG   C N N 150 
GLN CD   C N N 151 
GLN OE1  O N N 152 
GLN NE2  N N N 153 
GLN OXT  O N N 154 
GLN H    H N N 155 
GLN H2   H N N 156 
GLN HA   H N N 157 
GLN HB2  H N N 158 
GLN HB3  H N N 159 
GLN HG2  H N N 160 
GLN HG3  H N N 161 
GLN HE21 H N N 162 
GLN HE22 H N N 163 
GLN HXT  H N N 164 
GLU N    N N N 165 
GLU CA   C N S 166 
GLU C    C N N 167 
GLU O    O N N 168 
GLU CB   C N N 169 
GLU CG   C N N 170 
GLU CD   C N N 171 
GLU OE1  O N N 172 
GLU OE2  O N N 173 
GLU OXT  O N N 174 
GLU H    H N N 175 
GLU H2   H N N 176 
GLU HA   H N N 177 
GLU HB2  H N N 178 
GLU HB3  H N N 179 
GLU HG2  H N N 180 
GLU HG3  H N N 181 
GLU HE2  H N N 182 
GLU HXT  H N N 183 
GLY N    N N N 184 
GLY CA   C N N 185 
GLY C    C N N 186 
GLY O    O N N 187 
GLY OXT  O N N 188 
GLY H    H N N 189 
GLY H2   H N N 190 
GLY HA2  H N N 191 
GLY HA3  H N N 192 
GLY HXT  H N N 193 
HIS N    N N N 194 
HIS CA   C N S 195 
HIS C    C N N 196 
HIS O    O N N 197 
HIS CB   C N N 198 
HIS CG   C Y N 199 
HIS ND1  N Y N 200 
HIS CD2  C Y N 201 
HIS CE1  C Y N 202 
HIS NE2  N Y N 203 
HIS OXT  O N N 204 
HIS H    H N N 205 
HIS H2   H N N 206 
HIS HA   H N N 207 
HIS HB2  H N N 208 
HIS HB3  H N N 209 
HIS HD1  H N N 210 
HIS HD2  H N N 211 
HIS HE1  H N N 212 
HIS HE2  H N N 213 
HIS HXT  H N N 214 
HOH O    O N N 215 
HOH H1   H N N 216 
HOH H2   H N N 217 
ILE N    N N N 218 
ILE CA   C N S 219 
ILE C    C N N 220 
ILE O    O N N 221 
ILE CB   C N S 222 
ILE CG1  C N N 223 
ILE CG2  C N N 224 
ILE CD1  C N N 225 
ILE OXT  O N N 226 
ILE H    H N N 227 
ILE H2   H N N 228 
ILE HA   H N N 229 
ILE HB   H N N 230 
ILE HG12 H N N 231 
ILE HG13 H N N 232 
ILE HG21 H N N 233 
ILE HG22 H N N 234 
ILE HG23 H N N 235 
ILE HD11 H N N 236 
ILE HD12 H N N 237 
ILE HD13 H N N 238 
ILE HXT  H N N 239 
LEU N    N N N 240 
LEU CA   C N S 241 
LEU C    C N N 242 
LEU O    O N N 243 
LEU CB   C N N 244 
LEU CG   C N N 245 
LEU CD1  C N N 246 
LEU CD2  C N N 247 
LEU OXT  O N N 248 
LEU H    H N N 249 
LEU H2   H N N 250 
LEU HA   H N N 251 
LEU HB2  H N N 252 
LEU HB3  H N N 253 
LEU HG   H N N 254 
LEU HD11 H N N 255 
LEU HD12 H N N 256 
LEU HD13 H N N 257 
LEU HD21 H N N 258 
LEU HD22 H N N 259 
LEU HD23 H N N 260 
LEU HXT  H N N 261 
LYS N    N N N 262 
LYS CA   C N S 263 
LYS C    C N N 264 
LYS O    O N N 265 
LYS CB   C N N 266 
LYS CG   C N N 267 
LYS CD   C N N 268 
LYS CE   C N N 269 
LYS NZ   N N N 270 
LYS OXT  O N N 271 
LYS H    H N N 272 
LYS H2   H N N 273 
LYS HA   H N N 274 
LYS HB2  H N N 275 
LYS HB3  H N N 276 
LYS HG2  H N N 277 
LYS HG3  H N N 278 
LYS HD2  H N N 279 
LYS HD3  H N N 280 
LYS HE2  H N N 281 
LYS HE3  H N N 282 
LYS HZ1  H N N 283 
LYS HZ2  H N N 284 
LYS HZ3  H N N 285 
LYS HXT  H N N 286 
MET N    N N N 287 
MET CA   C N S 288 
MET C    C N N 289 
MET O    O N N 290 
MET CB   C N N 291 
MET CG   C N N 292 
MET SD   S N N 293 
MET CE   C N N 294 
MET OXT  O N N 295 
MET H    H N N 296 
MET H2   H N N 297 
MET HA   H N N 298 
MET HB2  H N N 299 
MET HB3  H N N 300 
MET HG2  H N N 301 
MET HG3  H N N 302 
MET HE1  H N N 303 
MET HE2  H N N 304 
MET HE3  H N N 305 
MET HXT  H N N 306 
PHE N    N N N 307 
PHE CA   C N S 308 
PHE C    C N N 309 
PHE O    O N N 310 
PHE CB   C N N 311 
PHE CG   C Y N 312 
PHE CD1  C Y N 313 
PHE CD2  C Y N 314 
PHE CE1  C Y N 315 
PHE CE2  C Y N 316 
PHE CZ   C Y N 317 
PHE OXT  O N N 318 
PHE H    H N N 319 
PHE H2   H N N 320 
PHE HA   H N N 321 
PHE HB2  H N N 322 
PHE HB3  H N N 323 
PHE HD1  H N N 324 
PHE HD2  H N N 325 
PHE HE1  H N N 326 
PHE HE2  H N N 327 
PHE HZ   H N N 328 
PHE HXT  H N N 329 
PRO N    N N N 330 
PRO CA   C N S 331 
PRO C    C N N 332 
PRO O    O N N 333 
PRO CB   C N N 334 
PRO CG   C N N 335 
PRO CD   C N N 336 
PRO OXT  O N N 337 
PRO H    H N N 338 
PRO HA   H N N 339 
PRO HB2  H N N 340 
PRO HB3  H N N 341 
PRO HG2  H N N 342 
PRO HG3  H N N 343 
PRO HD2  H N N 344 
PRO HD3  H N N 345 
PRO HXT  H N N 346 
SER N    N N N 347 
SER CA   C N S 348 
SER C    C N N 349 
SER O    O N N 350 
SER CB   C N N 351 
SER OG   O N N 352 
SER OXT  O N N 353 
SER H    H N N 354 
SER H2   H N N 355 
SER HA   H N N 356 
SER HB2  H N N 357 
SER HB3  H N N 358 
SER HG   H N N 359 
SER HXT  H N N 360 
SO4 S    S N N 361 
SO4 O1   O N N 362 
SO4 O2   O N N 363 
SO4 O3   O N N 364 
SO4 O4   O N N 365 
THR N    N N N 366 
THR CA   C N S 367 
THR C    C N N 368 
THR O    O N N 369 
THR CB   C N R 370 
THR OG1  O N N 371 
THR CG2  C N N 372 
THR OXT  O N N 373 
THR H    H N N 374 
THR H2   H N N 375 
THR HA   H N N 376 
THR HB   H N N 377 
THR HG1  H N N 378 
THR HG21 H N N 379 
THR HG22 H N N 380 
THR HG23 H N N 381 
THR HXT  H N N 382 
TRP N    N N N 383 
TRP CA   C N S 384 
TRP C    C N N 385 
TRP O    O N N 386 
TRP CB   C N N 387 
TRP CG   C Y N 388 
TRP CD1  C Y N 389 
TRP CD2  C Y N 390 
TRP NE1  N Y N 391 
TRP CE2  C Y N 392 
TRP CE3  C Y N 393 
TRP CZ2  C Y N 394 
TRP CZ3  C Y N 395 
TRP CH2  C Y N 396 
TRP OXT  O N N 397 
TRP H    H N N 398 
TRP H2   H N N 399 
TRP HA   H N N 400 
TRP HB2  H N N 401 
TRP HB3  H N N 402 
TRP HD1  H N N 403 
TRP HE1  H N N 404 
TRP HE3  H N N 405 
TRP HZ2  H N N 406 
TRP HZ3  H N N 407 
TRP HH2  H N N 408 
TRP HXT  H N N 409 
TYR N    N N N 410 
TYR CA   C N S 411 
TYR C    C N N 412 
TYR O    O N N 413 
TYR CB   C N N 414 
TYR CG   C Y N 415 
TYR CD1  C Y N 416 
TYR CD2  C Y N 417 
TYR CE1  C Y N 418 
TYR CE2  C Y N 419 
TYR CZ   C Y N 420 
TYR OH   O N N 421 
TYR OXT  O N N 422 
TYR H    H N N 423 
TYR H2   H N N 424 
TYR HA   H N N 425 
TYR HB2  H N N 426 
TYR HB3  H N N 427 
TYR HD1  H N N 428 
TYR HD2  H N N 429 
TYR HE1  H N N 430 
TYR HE2  H N N 431 
TYR HH   H N N 432 
TYR HXT  H N N 433 
VAL N    N N N 434 
VAL CA   C N S 435 
VAL C    C N N 436 
VAL O    O N N 437 
VAL CB   C N N 438 
VAL CG1  C N N 439 
VAL CG2  C N N 440 
VAL OXT  O N N 441 
VAL H    H N N 442 
VAL H2   H N N 443 
VAL HA   H N N 444 
VAL HB   H N N 445 
VAL HG11 H N N 446 
VAL HG12 H N N 447 
VAL HG13 H N N 448 
VAL HG21 H N N 449 
VAL HG22 H N N 450 
VAL HG23 H N N 451 
VAL HXT  H N N 452 
# 
loop_
_chem_comp_bond.comp_id 
_chem_comp_bond.atom_id_1 
_chem_comp_bond.atom_id_2 
_chem_comp_bond.value_order 
_chem_comp_bond.pdbx_aromatic_flag 
_chem_comp_bond.pdbx_stereo_config 
_chem_comp_bond.pdbx_ordinal 
4KO N1  C1   sing N N 1   
4KO C1  H1   sing N N 2   
4KO C1  H1A  sing N N 3   
4KO C1  H1B  sing N N 4   
4KO C2  N1   sing Y N 5   
4KO N4  N1   sing Y N 6   
4KO O1  C8   doub N N 7   
4KO C3  S1   sing N N 8   
4KO C2  S1   sing N N 9   
4KO N2  C2   doub Y N 10  
4KO N2  N3   sing Y N 11  
4KO C9  O2   doub N N 12  
4KO C11 S2   sing N N 13  
4KO S2  C10  sing N N 14  
4KO C3  C4   sing N N 15  
4KO C3  H3   sing N N 16  
4KO C3  H3A  sing N N 17  
4KO N3  N4   doub Y N 18  
4KO C7  O3   sing N N 19  
4KO O3  C13  sing N N 20  
4KO C14 S3   sing N N 21  
4KO S3  C6   sing N N 22  
4KO C4  C5   doub N N 23  
4KO C4  C14  sing N N 24  
4KO C15 O4   sing N N 25  
4KO O4  HO4  sing N N 26  
4KO C15 C5   sing N N 27  
4KO C5  N5   sing N N 28  
4KO N5  C8   sing N N 29  
4KO N5  C6   sing N N 30  
4KO O5  C15  doub N N 31  
4KO C6  C7   sing N N 32  
4KO C6  H6   sing N N 33  
4KO N6  C9   sing N N 34  
4KO N6  C7   sing N N 35  
4KO N6  HN6  sing N N 36  
4KO C8  C7   sing N N 37  
4KO N7  C12  trip N N 38  
4KO C10 C9   sing N N 39  
4KO C10 H10  sing N N 40  
4KO C10 H10A sing N N 41  
4KO C12 C11  sing N N 42  
4KO C11 H11  sing N N 43  
4KO C11 H11A sing N N 44  
4KO C13 H13  sing N N 45  
4KO C13 H13A sing N N 46  
4KO C13 H13B sing N N 47  
4KO C14 H14  sing N N 48  
4KO C14 H14A sing N N 49  
ALA N   CA   sing N N 50  
ALA N   H    sing N N 51  
ALA N   H2   sing N N 52  
ALA CA  C    sing N N 53  
ALA CA  CB   sing N N 54  
ALA CA  HA   sing N N 55  
ALA C   O    doub N N 56  
ALA C   OXT  sing N N 57  
ALA CB  HB1  sing N N 58  
ALA CB  HB2  sing N N 59  
ALA CB  HB3  sing N N 60  
ALA OXT HXT  sing N N 61  
ARG N   CA   sing N N 62  
ARG N   H    sing N N 63  
ARG N   H2   sing N N 64  
ARG CA  C    sing N N 65  
ARG CA  CB   sing N N 66  
ARG CA  HA   sing N N 67  
ARG C   O    doub N N 68  
ARG C   OXT  sing N N 69  
ARG CB  CG   sing N N 70  
ARG CB  HB2  sing N N 71  
ARG CB  HB3  sing N N 72  
ARG CG  CD   sing N N 73  
ARG CG  HG2  sing N N 74  
ARG CG  HG3  sing N N 75  
ARG CD  NE   sing N N 76  
ARG CD  HD2  sing N N 77  
ARG CD  HD3  sing N N 78  
ARG NE  CZ   sing N N 79  
ARG NE  HE   sing N N 80  
ARG CZ  NH1  sing N N 81  
ARG CZ  NH2  doub N N 82  
ARG NH1 HH11 sing N N 83  
ARG NH1 HH12 sing N N 84  
ARG NH2 HH21 sing N N 85  
ARG NH2 HH22 sing N N 86  
ARG OXT HXT  sing N N 87  
ASN N   CA   sing N N 88  
ASN N   H    sing N N 89  
ASN N   H2   sing N N 90  
ASN CA  C    sing N N 91  
ASN CA  CB   sing N N 92  
ASN CA  HA   sing N N 93  
ASN C   O    doub N N 94  
ASN C   OXT  sing N N 95  
ASN CB  CG   sing N N 96  
ASN CB  HB2  sing N N 97  
ASN CB  HB3  sing N N 98  
ASN CG  OD1  doub N N 99  
ASN CG  ND2  sing N N 100 
ASN ND2 HD21 sing N N 101 
ASN ND2 HD22 sing N N 102 
ASN OXT HXT  sing N N 103 
ASP N   CA   sing N N 104 
ASP N   H    sing N N 105 
ASP N   H2   sing N N 106 
ASP CA  C    sing N N 107 
ASP CA  CB   sing N N 108 
ASP CA  HA   sing N N 109 
ASP C   O    doub N N 110 
ASP C   OXT  sing N N 111 
ASP CB  CG   sing N N 112 
ASP CB  HB2  sing N N 113 
ASP CB  HB3  sing N N 114 
ASP CG  OD1  doub N N 115 
ASP CG  OD2  sing N N 116 
ASP OD2 HD2  sing N N 117 
ASP OXT HXT  sing N N 118 
CYS N   CA   sing N N 119 
CYS N   H    sing N N 120 
CYS N   H2   sing N N 121 
CYS CA  C    sing N N 122 
CYS CA  CB   sing N N 123 
CYS CA  HA   sing N N 124 
CYS C   O    doub N N 125 
CYS C   OXT  sing N N 126 
CYS CB  SG   sing N N 127 
CYS CB  HB2  sing N N 128 
CYS CB  HB3  sing N N 129 
CYS SG  HG   sing N N 130 
CYS OXT HXT  sing N N 131 
EDO C1  O1   sing N N 132 
EDO C1  C2   sing N N 133 
EDO C1  H11  sing N N 134 
EDO C1  H12  sing N N 135 
EDO O1  HO1  sing N N 136 
EDO C2  O2   sing N N 137 
EDO C2  H21  sing N N 138 
EDO C2  H22  sing N N 139 
EDO O2  HO2  sing N N 140 
GLN N   CA   sing N N 141 
GLN N   H    sing N N 142 
GLN N   H2   sing N N 143 
GLN CA  C    sing N N 144 
GLN CA  CB   sing N N 145 
GLN CA  HA   sing N N 146 
GLN C   O    doub N N 147 
GLN C   OXT  sing N N 148 
GLN CB  CG   sing N N 149 
GLN CB  HB2  sing N N 150 
GLN CB  HB3  sing N N 151 
GLN CG  CD   sing N N 152 
GLN CG  HG2  sing N N 153 
GLN CG  HG3  sing N N 154 
GLN CD  OE1  doub N N 155 
GLN CD  NE2  sing N N 156 
GLN NE2 HE21 sing N N 157 
GLN NE2 HE22 sing N N 158 
GLN OXT HXT  sing N N 159 
GLU N   CA   sing N N 160 
GLU N   H    sing N N 161 
GLU N   H2   sing N N 162 
GLU CA  C    sing N N 163 
GLU CA  CB   sing N N 164 
GLU CA  HA   sing N N 165 
GLU C   O    doub N N 166 
GLU C   OXT  sing N N 167 
GLU CB  CG   sing N N 168 
GLU CB  HB2  sing N N 169 
GLU CB  HB3  sing N N 170 
GLU CG  CD   sing N N 171 
GLU CG  HG2  sing N N 172 
GLU CG  HG3  sing N N 173 
GLU CD  OE1  doub N N 174 
GLU CD  OE2  sing N N 175 
GLU OE2 HE2  sing N N 176 
GLU OXT HXT  sing N N 177 
GLY N   CA   sing N N 178 
GLY N   H    sing N N 179 
GLY N   H2   sing N N 180 
GLY CA  C    sing N N 181 
GLY CA  HA2  sing N N 182 
GLY CA  HA3  sing N N 183 
GLY C   O    doub N N 184 
GLY C   OXT  sing N N 185 
GLY OXT HXT  sing N N 186 
HIS N   CA   sing N N 187 
HIS N   H    sing N N 188 
HIS N   H2   sing N N 189 
HIS CA  C    sing N N 190 
HIS CA  CB   sing N N 191 
HIS CA  HA   sing N N 192 
HIS C   O    doub N N 193 
HIS C   OXT  sing N N 194 
HIS CB  CG   sing N N 195 
HIS CB  HB2  sing N N 196 
HIS CB  HB3  sing N N 197 
HIS CG  ND1  sing Y N 198 
HIS CG  CD2  doub Y N 199 
HIS ND1 CE1  doub Y N 200 
HIS ND1 HD1  sing N N 201 
HIS CD2 NE2  sing Y N 202 
HIS CD2 HD2  sing N N 203 
HIS CE1 NE2  sing Y N 204 
HIS CE1 HE1  sing N N 205 
HIS NE2 HE2  sing N N 206 
HIS OXT HXT  sing N N 207 
HOH O   H1   sing N N 208 
HOH O   H2   sing N N 209 
ILE N   CA   sing N N 210 
ILE N   H    sing N N 211 
ILE N   H2   sing N N 212 
ILE CA  C    sing N N 213 
ILE CA  CB   sing N N 214 
ILE CA  HA   sing N N 215 
ILE C   O    doub N N 216 
ILE C   OXT  sing N N 217 
ILE CB  CG1  sing N N 218 
ILE CB  CG2  sing N N 219 
ILE CB  HB   sing N N 220 
ILE CG1 CD1  sing N N 221 
ILE CG1 HG12 sing N N 222 
ILE CG1 HG13 sing N N 223 
ILE CG2 HG21 sing N N 224 
ILE CG2 HG22 sing N N 225 
ILE CG2 HG23 sing N N 226 
ILE CD1 HD11 sing N N 227 
ILE CD1 HD12 sing N N 228 
ILE CD1 HD13 sing N N 229 
ILE OXT HXT  sing N N 230 
LEU N   CA   sing N N 231 
LEU N   H    sing N N 232 
LEU N   H2   sing N N 233 
LEU CA  C    sing N N 234 
LEU CA  CB   sing N N 235 
LEU CA  HA   sing N N 236 
LEU C   O    doub N N 237 
LEU C   OXT  sing N N 238 
LEU CB  CG   sing N N 239 
LEU CB  HB2  sing N N 240 
LEU CB  HB3  sing N N 241 
LEU CG  CD1  sing N N 242 
LEU CG  CD2  sing N N 243 
LEU CG  HG   sing N N 244 
LEU CD1 HD11 sing N N 245 
LEU CD1 HD12 sing N N 246 
LEU CD1 HD13 sing N N 247 
LEU CD2 HD21 sing N N 248 
LEU CD2 HD22 sing N N 249 
LEU CD2 HD23 sing N N 250 
LEU OXT HXT  sing N N 251 
LYS N   CA   sing N N 252 
LYS N   H    sing N N 253 
LYS N   H2   sing N N 254 
LYS CA  C    sing N N 255 
LYS CA  CB   sing N N 256 
LYS CA  HA   sing N N 257 
LYS C   O    doub N N 258 
LYS C   OXT  sing N N 259 
LYS CB  CG   sing N N 260 
LYS CB  HB2  sing N N 261 
LYS CB  HB3  sing N N 262 
LYS CG  CD   sing N N 263 
LYS CG  HG2  sing N N 264 
LYS CG  HG3  sing N N 265 
LYS CD  CE   sing N N 266 
LYS CD  HD2  sing N N 267 
LYS CD  HD3  sing N N 268 
LYS CE  NZ   sing N N 269 
LYS CE  HE2  sing N N 270 
LYS CE  HE3  sing N N 271 
LYS NZ  HZ1  sing N N 272 
LYS NZ  HZ2  sing N N 273 
LYS NZ  HZ3  sing N N 274 
LYS OXT HXT  sing N N 275 
MET N   CA   sing N N 276 
MET N   H    sing N N 277 
MET N   H2   sing N N 278 
MET CA  C    sing N N 279 
MET CA  CB   sing N N 280 
MET CA  HA   sing N N 281 
MET C   O    doub N N 282 
MET C   OXT  sing N N 283 
MET CB  CG   sing N N 284 
MET CB  HB2  sing N N 285 
MET CB  HB3  sing N N 286 
MET CG  SD   sing N N 287 
MET CG  HG2  sing N N 288 
MET CG  HG3  sing N N 289 
MET SD  CE   sing N N 290 
MET CE  HE1  sing N N 291 
MET CE  HE2  sing N N 292 
MET CE  HE3  sing N N 293 
MET OXT HXT  sing N N 294 
PHE N   CA   sing N N 295 
PHE N   H    sing N N 296 
PHE N   H2   sing N N 297 
PHE CA  C    sing N N 298 
PHE CA  CB   sing N N 299 
PHE CA  HA   sing N N 300 
PHE C   O    doub N N 301 
PHE C   OXT  sing N N 302 
PHE CB  CG   sing N N 303 
PHE CB  HB2  sing N N 304 
PHE CB  HB3  sing N N 305 
PHE CG  CD1  doub Y N 306 
PHE CG  CD2  sing Y N 307 
PHE CD1 CE1  sing Y N 308 
PHE CD1 HD1  sing N N 309 
PHE CD2 CE2  doub Y N 310 
PHE CD2 HD2  sing N N 311 
PHE CE1 CZ   doub Y N 312 
PHE CE1 HE1  sing N N 313 
PHE CE2 CZ   sing Y N 314 
PHE CE2 HE2  sing N N 315 
PHE CZ  HZ   sing N N 316 
PHE OXT HXT  sing N N 317 
PRO N   CA   sing N N 318 
PRO N   CD   sing N N 319 
PRO N   H    sing N N 320 
PRO CA  C    sing N N 321 
PRO CA  CB   sing N N 322 
PRO CA  HA   sing N N 323 
PRO C   O    doub N N 324 
PRO C   OXT  sing N N 325 
PRO CB  CG   sing N N 326 
PRO CB  HB2  sing N N 327 
PRO CB  HB3  sing N N 328 
PRO CG  CD   sing N N 329 
PRO CG  HG2  sing N N 330 
PRO CG  HG3  sing N N 331 
PRO CD  HD2  sing N N 332 
PRO CD  HD3  sing N N 333 
PRO OXT HXT  sing N N 334 
SER N   CA   sing N N 335 
SER N   H    sing N N 336 
SER N   H2   sing N N 337 
SER CA  C    sing N N 338 
SER CA  CB   sing N N 339 
SER CA  HA   sing N N 340 
SER C   O    doub N N 341 
SER C   OXT  sing N N 342 
SER CB  OG   sing N N 343 
SER CB  HB2  sing N N 344 
SER CB  HB3  sing N N 345 
SER OG  HG   sing N N 346 
SER OXT HXT  sing N N 347 
SO4 S   O1   doub N N 348 
SO4 S   O2   doub N N 349 
SO4 S   O3   sing N N 350 
SO4 S   O4   sing N N 351 
THR N   CA   sing N N 352 
THR N   H    sing N N 353 
THR N   H2   sing N N 354 
THR CA  C    sing N N 355 
THR CA  CB   sing N N 356 
THR CA  HA   sing N N 357 
THR C   O    doub N N 358 
THR C   OXT  sing N N 359 
THR CB  OG1  sing N N 360 
THR CB  CG2  sing N N 361 
THR CB  HB   sing N N 362 
THR OG1 HG1  sing N N 363 
THR CG2 HG21 sing N N 364 
THR CG2 HG22 sing N N 365 
THR CG2 HG23 sing N N 366 
THR OXT HXT  sing N N 367 
TRP N   CA   sing N N 368 
TRP N   H    sing N N 369 
TRP N   H2   sing N N 370 
TRP CA  C    sing N N 371 
TRP CA  CB   sing N N 372 
TRP CA  HA   sing N N 373 
TRP C   O    doub N N 374 
TRP C   OXT  sing N N 375 
TRP CB  CG   sing N N 376 
TRP CB  HB2  sing N N 377 
TRP CB  HB3  sing N N 378 
TRP CG  CD1  doub Y N 379 
TRP CG  CD2  sing Y N 380 
TRP CD1 NE1  sing Y N 381 
TRP CD1 HD1  sing N N 382 
TRP CD2 CE2  doub Y N 383 
TRP CD2 CE3  sing Y N 384 
TRP NE1 CE2  sing Y N 385 
TRP NE1 HE1  sing N N 386 
TRP CE2 CZ2  sing Y N 387 
TRP CE3 CZ3  doub Y N 388 
TRP CE3 HE3  sing N N 389 
TRP CZ2 CH2  doub Y N 390 
TRP CZ2 HZ2  sing N N 391 
TRP CZ3 CH2  sing Y N 392 
TRP CZ3 HZ3  sing N N 393 
TRP CH2 HH2  sing N N 394 
TRP OXT HXT  sing N N 395 
TYR N   CA   sing N N 396 
TYR N   H    sing N N 397 
TYR N   H2   sing N N 398 
TYR CA  C    sing N N 399 
TYR CA  CB   sing N N 400 
TYR CA  HA   sing N N 401 
TYR C   O    doub N N 402 
TYR C   OXT  sing N N 403 
TYR CB  CG   sing N N 404 
TYR CB  HB2  sing N N 405 
TYR CB  HB3  sing N N 406 
TYR CG  CD1  doub Y N 407 
TYR CG  CD2  sing Y N 408 
TYR CD1 CE1  sing Y N 409 
TYR CD1 HD1  sing N N 410 
TYR CD2 CE2  doub Y N 411 
TYR CD2 HD2  sing N N 412 
TYR CE1 CZ   doub Y N 413 
TYR CE1 HE1  sing N N 414 
TYR CE2 CZ   sing Y N 415 
TYR CE2 HE2  sing N N 416 
TYR CZ  OH   sing N N 417 
TYR OH  HH   sing N N 418 
TYR OXT HXT  sing N N 419 
VAL N   CA   sing N N 420 
VAL N   H    sing N N 421 
VAL N   H2   sing N N 422 
VAL CA  C    sing N N 423 
VAL CA  CB   sing N N 424 
VAL CA  HA   sing N N 425 
VAL C   O    doub N N 426 
VAL C   OXT  sing N N 427 
VAL CB  CG1  sing N N 428 
VAL CB  CG2  sing N N 429 
VAL CB  HB   sing N N 430 
VAL CG1 HG11 sing N N 431 
VAL CG1 HG12 sing N N 432 
VAL CG1 HG13 sing N N 433 
VAL CG2 HG21 sing N N 434 
VAL CG2 HG22 sing N N 435 
VAL CG2 HG23 sing N N 436 
VAL OXT HXT  sing N N 437 
# 
loop_
_pdbx_entity_nonpoly.entity_id 
_pdbx_entity_nonpoly.name 
_pdbx_entity_nonpoly.comp_id 
2 
;(6R,7S)-7-({[(cyanomethyl)sulfanyl]acetyl}amino)-7-methoxy-3-{[(1-methyl-1H-tetrazol-5-yl)sulfanyl]methyl}-8-oxo-5-thia -1-azabicyclo[4.2.0]oct-2-ene-2-carboxylic acid
;
4KO 
3 'SULFATE ION' SO4 
4 1,2-ETHANEDIOL EDO 
5 water HOH 
# 
_pdbx_initial_refinement_model.id               1 
_pdbx_initial_refinement_model.entity_id_list   ? 
_pdbx_initial_refinement_model.type             'experimental model' 
_pdbx_initial_refinement_model.source_name      PDB 
_pdbx_initial_refinement_model.accession_code   2I6C 
_pdbx_initial_refinement_model.details          ? 
# 
